data_6EVP
# 
_entry.id   6EVP 
# 
_audit_conform.dict_name       mmcif_pdbx.dic 
_audit_conform.dict_version    5.391 
_audit_conform.dict_location   http://mmcif.pdb.org/dictionaries/ascii/mmcif_pdbx.dic 
# 
loop_
_database_2.database_id 
_database_2.database_code 
_database_2.pdbx_database_accession 
_database_2.pdbx_DOI 
PDB   6EVP         pdb_00006evp 10.2210/pdb6evp/pdb 
WWPDB D_1200007328 ?            ?                   
# 
loop_
_pdbx_audit_revision_history.ordinal 
_pdbx_audit_revision_history.data_content_type 
_pdbx_audit_revision_history.major_revision 
_pdbx_audit_revision_history.minor_revision 
_pdbx_audit_revision_history.revision_date 
1 'Structure model' 1 0 2018-09-12 
2 'Structure model' 1 1 2018-10-31 
3 'Structure model' 1 2 2024-05-08 
# 
_pdbx_audit_revision_details.ordinal             1 
_pdbx_audit_revision_details.revision_ordinal    1 
_pdbx_audit_revision_details.data_content_type   'Structure model' 
_pdbx_audit_revision_details.provider            repository 
_pdbx_audit_revision_details.type                'Initial release' 
_pdbx_audit_revision_details.description         ? 
_pdbx_audit_revision_details.details             ? 
# 
loop_
_pdbx_audit_revision_group.ordinal 
_pdbx_audit_revision_group.revision_ordinal 
_pdbx_audit_revision_group.data_content_type 
_pdbx_audit_revision_group.group 
1 2 'Structure model' 'Data collection'     
2 2 'Structure model' 'Database references' 
3 3 'Structure model' 'Data collection'     
4 3 'Structure model' 'Database references' 
# 
loop_
_pdbx_audit_revision_category.ordinal 
_pdbx_audit_revision_category.revision_ordinal 
_pdbx_audit_revision_category.data_content_type 
_pdbx_audit_revision_category.category 
1 2 'Structure model' citation       
2 3 'Structure model' chem_comp_atom 
3 3 'Structure model' chem_comp_bond 
4 3 'Structure model' database_2     
# 
loop_
_pdbx_audit_revision_item.ordinal 
_pdbx_audit_revision_item.revision_ordinal 
_pdbx_audit_revision_item.data_content_type 
_pdbx_audit_revision_item.item 
1 2 'Structure model' '_citation.journal_volume'            
2 2 'Structure model' '_citation.page_first'                
3 2 'Structure model' '_citation.page_last'                 
4 2 'Structure model' '_citation.title'                     
5 3 'Structure model' '_database_2.pdbx_DOI'                
6 3 'Structure model' '_database_2.pdbx_database_accession' 
# 
_pdbx_database_status.status_code                     REL 
_pdbx_database_status.status_code_sf                  REL 
_pdbx_database_status.status_code_mr                  ? 
_pdbx_database_status.entry_id                        6EVP 
_pdbx_database_status.recvd_initial_deposition_date   2017-11-02 
_pdbx_database_status.SG_entry                        N 
_pdbx_database_status.deposit_site                    PDBE 
_pdbx_database_status.process_site                    PDBE 
_pdbx_database_status.status_code_cs                  ? 
_pdbx_database_status.methods_development_category    ? 
_pdbx_database_status.pdb_format_compatible           Y 
_pdbx_database_status.status_code_nmr_data            ? 
# 
loop_
_pdbx_database_related.db_name 
_pdbx_database_related.details 
_pdbx_database_related.db_id 
_pdbx_database_related.content_type 
PDB '6EVL is the apo form of the same domain.'                                    6EVL unspecified 
PDB '6EVM is the same domain complexed with Pro-9.'                               6EVM unspecified 
PDB '6EVN is the same domain complexed with Pro-Pro-Gly-Pro-Ala-Gly-Pro-Pro-Gly.' 6EVN unspecified 
PDB '6EVO is the same domain complexed with Pro-Pro-Gly-Pro-Arg-Gly-Pro-Pro-Gly.' 6EVO unspecified 
# 
loop_
_audit_author.name 
_audit_author.pdbx_ordinal 
_audit_author.identifier_ORCID 
'Murthy, A.V.'   1 ? 
'Sulu, R.'       2 ? 
'Koski, M.K.'    3 ? 
'Wierenga, R.K.' 4 ? 
# 
_citation.abstract                  ? 
_citation.abstract_id_CAS           ? 
_citation.book_id_ISBN              ? 
_citation.book_publisher            ? 
_citation.book_publisher_city       ? 
_citation.book_title                ? 
_citation.coordinate_linkage        ? 
_citation.country                   US 
_citation.database_id_Medline       ? 
_citation.details                   ? 
_citation.id                        primary 
_citation.journal_abbrev            'Protein Sci.' 
_citation.journal_id_ASTM           PRCIEI 
_citation.journal_id_CSD            0795 
_citation.journal_id_ISSN           1469-896X 
_citation.journal_full              ? 
_citation.journal_issue             ? 
_citation.journal_volume            27 
_citation.language                  ? 
_citation.page_first                1692 
_citation.page_last                 1703 
_citation.title                     
;Structural enzymology binding studies of the peptide-substrate-binding domain of human collagen prolyl 4-hydroxylase (type-II): High affinity peptides have a PxGP sequence motif.
;
_citation.year                      2018 
_citation.database_id_CSD           ? 
_citation.pdbx_database_id_DOI      10.1002/pro.3450 
_citation.pdbx_database_id_PubMed   30168208 
_citation.unpublished_flag          ? 
# 
loop_
_citation_author.citation_id 
_citation_author.name 
_citation_author.ordinal 
_citation_author.identifier_ORCID 
primary 'Murthy, A.V.'     1 ? 
primary 'Sulu, R.'         2 ? 
primary 'Koski, M.K.'      3 ? 
primary 'Tu, H.'           4 ? 
primary 'Anantharajan, J.' 5 ? 
primary 'Sah-Teli, S.K.'   6 ? 
primary 'Myllyharju, J.'   7 ? 
primary 'Wierenga, R.K.'   8 ? 
# 
loop_
_entity.id 
_entity.type 
_entity.src_method 
_entity.pdbx_description 
_entity.formula_weight 
_entity.pdbx_number_of_molecules 
_entity.pdbx_ec 
_entity.pdbx_mutation 
_entity.pdbx_fragment 
_entity.details 
1 polymer     man 'Prolyl 4-hydroxylase subunit alpha-2' 11920.266 1  1.14.11.2 ? ? ?                                
2 polymer     syn PRO-PRO-GLY-PRO-GLU-GLY-PRO-PRO-GLY    803.858   1  ?         ? ? 'Synthetic peptide, commercial.' 
3 non-polymer syn 'SULFATE ION'                          96.063    1  ?         ? ? ?                                
4 non-polymer syn 'DIMETHYL SULFOXIDE'                   78.133    3  ?         ? ? ?                                
5 water       nat water                                  18.015    49 ?         ? ? ?                                
# 
_entity_name_com.entity_id   1 
_entity_name_com.name        '4-PH alpha-2,Procollagen-proline,2-oxoglutarate-4-dioxygenase subunit alpha-2' 
# 
loop_
_entity_poly.entity_id 
_entity_poly.type 
_entity_poly.nstd_linkage 
_entity_poly.nstd_monomer 
_entity_poly.pdbx_seq_one_letter_code 
_entity_poly.pdbx_seq_one_letter_code_can 
_entity_poly.pdbx_strand_id 
_entity_poly.pdbx_target_identifier 
1 'polypeptide(L)' no no 
;MHHHHHHMLSVDDCFGMGRSAYNEGDYYHTVLWMEQVLKQLDAGEEATTTKSQVLDYLSYAVFQLGDLHRALELTRRLLS
LDPSHERAGGNLRYFEQLLEEE
;
;MHHHHHHMLSVDDCFGMGRSAYNEGDYYHTVLWMEQVLKQLDAGEEATTTKSQVLDYLSYAVFQLGDLHRALELTRRLLS
LDPSHERAGGNLRYFEQLLEEE
;
A ? 
2 'polypeptide(L)' no no PPGPEGPPG                                                                                                 
PPGPEGPPG                                                                                                 C ? 
# 
loop_
_pdbx_entity_nonpoly.entity_id 
_pdbx_entity_nonpoly.name 
_pdbx_entity_nonpoly.comp_id 
3 'SULFATE ION'        SO4 
4 'DIMETHYL SULFOXIDE' DMS 
5 water                HOH 
# 
loop_
_entity_poly_seq.entity_id 
_entity_poly_seq.num 
_entity_poly_seq.mon_id 
_entity_poly_seq.hetero 
1 1   MET n 
1 2   HIS n 
1 3   HIS n 
1 4   HIS n 
1 5   HIS n 
1 6   HIS n 
1 7   HIS n 
1 8   MET n 
1 9   LEU n 
1 10  SER n 
1 11  VAL n 
1 12  ASP n 
1 13  ASP n 
1 14  CYS n 
1 15  PHE n 
1 16  GLY n 
1 17  MET n 
1 18  GLY n 
1 19  ARG n 
1 20  SER n 
1 21  ALA n 
1 22  TYR n 
1 23  ASN n 
1 24  GLU n 
1 25  GLY n 
1 26  ASP n 
1 27  TYR n 
1 28  TYR n 
1 29  HIS n 
1 30  THR n 
1 31  VAL n 
1 32  LEU n 
1 33  TRP n 
1 34  MET n 
1 35  GLU n 
1 36  GLN n 
1 37  VAL n 
1 38  LEU n 
1 39  LYS n 
1 40  GLN n 
1 41  LEU n 
1 42  ASP n 
1 43  ALA n 
1 44  GLY n 
1 45  GLU n 
1 46  GLU n 
1 47  ALA n 
1 48  THR n 
1 49  THR n 
1 50  THR n 
1 51  LYS n 
1 52  SER n 
1 53  GLN n 
1 54  VAL n 
1 55  LEU n 
1 56  ASP n 
1 57  TYR n 
1 58  LEU n 
1 59  SER n 
1 60  TYR n 
1 61  ALA n 
1 62  VAL n 
1 63  PHE n 
1 64  GLN n 
1 65  LEU n 
1 66  GLY n 
1 67  ASP n 
1 68  LEU n 
1 69  HIS n 
1 70  ARG n 
1 71  ALA n 
1 72  LEU n 
1 73  GLU n 
1 74  LEU n 
1 75  THR n 
1 76  ARG n 
1 77  ARG n 
1 78  LEU n 
1 79  LEU n 
1 80  SER n 
1 81  LEU n 
1 82  ASP n 
1 83  PRO n 
1 84  SER n 
1 85  HIS n 
1 86  GLU n 
1 87  ARG n 
1 88  ALA n 
1 89  GLY n 
1 90  GLY n 
1 91  ASN n 
1 92  LEU n 
1 93  ARG n 
1 94  TYR n 
1 95  PHE n 
1 96  GLU n 
1 97  GLN n 
1 98  LEU n 
1 99  LEU n 
1 100 GLU n 
1 101 GLU n 
1 102 GLU n 
2 1   PRO n 
2 2   PRO n 
2 3   GLY n 
2 4   PRO n 
2 5   GLU n 
2 6   GLY n 
2 7   PRO n 
2 8   PRO n 
2 9   GLY n 
# 
_entity_src_gen.entity_id                          1 
_entity_src_gen.pdbx_src_id                        1 
_entity_src_gen.pdbx_alt_source_flag               sample 
_entity_src_gen.pdbx_seq_type                      'Biological sequence' 
_entity_src_gen.pdbx_beg_seq_num                   1 
_entity_src_gen.pdbx_end_seq_num                   102 
_entity_src_gen.gene_src_common_name               Human 
_entity_src_gen.gene_src_genus                     ? 
_entity_src_gen.pdbx_gene_src_gene                 'P4HA2, UNQ290/PRO330' 
_entity_src_gen.gene_src_species                   ? 
_entity_src_gen.gene_src_strain                    ? 
_entity_src_gen.gene_src_tissue                    ? 
_entity_src_gen.gene_src_tissue_fraction           ? 
_entity_src_gen.gene_src_details                   ? 
_entity_src_gen.pdbx_gene_src_fragment             ? 
_entity_src_gen.pdbx_gene_src_scientific_name      'Homo sapiens' 
_entity_src_gen.pdbx_gene_src_ncbi_taxonomy_id     9606 
_entity_src_gen.pdbx_gene_src_variant              ? 
_entity_src_gen.pdbx_gene_src_cell_line            ? 
_entity_src_gen.pdbx_gene_src_atcc                 ? 
_entity_src_gen.pdbx_gene_src_organ                ? 
_entity_src_gen.pdbx_gene_src_organelle            ? 
_entity_src_gen.pdbx_gene_src_cell                 ? 
_entity_src_gen.pdbx_gene_src_cellular_location    ? 
_entity_src_gen.host_org_common_name               ? 
_entity_src_gen.pdbx_host_org_scientific_name      'Escherichia coli' 
_entity_src_gen.pdbx_host_org_ncbi_taxonomy_id     562 
_entity_src_gen.host_org_genus                     ? 
_entity_src_gen.pdbx_host_org_gene                 ? 
_entity_src_gen.pdbx_host_org_organ                ? 
_entity_src_gen.host_org_species                   ? 
_entity_src_gen.pdbx_host_org_tissue               ? 
_entity_src_gen.pdbx_host_org_tissue_fraction      ? 
_entity_src_gen.pdbx_host_org_strain               'Rosetta (DE3)pLysS' 
_entity_src_gen.pdbx_host_org_variant              ? 
_entity_src_gen.pdbx_host_org_cell_line            ? 
_entity_src_gen.pdbx_host_org_atcc                 ? 
_entity_src_gen.pdbx_host_org_culture_collection   ? 
_entity_src_gen.pdbx_host_org_cell                 ? 
_entity_src_gen.pdbx_host_org_organelle            ? 
_entity_src_gen.pdbx_host_org_cellular_location    ? 
_entity_src_gen.pdbx_host_org_vector_type          'plasmid, pET22b(+)' 
_entity_src_gen.pdbx_host_org_vector               ? 
_entity_src_gen.host_org_details                   ? 
_entity_src_gen.expression_system_id               ? 
_entity_src_gen.plasmid_name                       ? 
_entity_src_gen.plasmid_details                    ? 
_entity_src_gen.pdbx_description                   ? 
# 
_pdbx_entity_src_syn.entity_id              2 
_pdbx_entity_src_syn.pdbx_src_id            1 
_pdbx_entity_src_syn.pdbx_alt_source_flag   sample 
_pdbx_entity_src_syn.pdbx_beg_seq_num       1 
_pdbx_entity_src_syn.pdbx_end_seq_num       9 
_pdbx_entity_src_syn.organism_scientific    'synthetic construct' 
_pdbx_entity_src_syn.organism_common_name   ? 
_pdbx_entity_src_syn.ncbi_taxonomy_id       32630 
_pdbx_entity_src_syn.details                ? 
# 
loop_
_chem_comp.id 
_chem_comp.type 
_chem_comp.mon_nstd_flag 
_chem_comp.name 
_chem_comp.pdbx_synonyms 
_chem_comp.formula 
_chem_comp.formula_weight 
ALA 'L-peptide linking' y ALANINE              ? 'C3 H7 N O2'     89.093  
ARG 'L-peptide linking' y ARGININE             ? 'C6 H15 N4 O2 1' 175.209 
ASN 'L-peptide linking' y ASPARAGINE           ? 'C4 H8 N2 O3'    132.118 
ASP 'L-peptide linking' y 'ASPARTIC ACID'      ? 'C4 H7 N O4'     133.103 
CYS 'L-peptide linking' y CYSTEINE             ? 'C3 H7 N O2 S'   121.158 
DMS non-polymer         . 'DIMETHYL SULFOXIDE' ? 'C2 H6 O S'      78.133  
GLN 'L-peptide linking' y GLUTAMINE            ? 'C5 H10 N2 O3'   146.144 
GLU 'L-peptide linking' y 'GLUTAMIC ACID'      ? 'C5 H9 N O4'     147.129 
GLY 'peptide linking'   y GLYCINE              ? 'C2 H5 N O2'     75.067  
HIS 'L-peptide linking' y HISTIDINE            ? 'C6 H10 N3 O2 1' 156.162 
HOH non-polymer         . WATER                ? 'H2 O'           18.015  
LEU 'L-peptide linking' y LEUCINE              ? 'C6 H13 N O2'    131.173 
LYS 'L-peptide linking' y LYSINE               ? 'C6 H15 N2 O2 1' 147.195 
MET 'L-peptide linking' y METHIONINE           ? 'C5 H11 N O2 S'  149.211 
PHE 'L-peptide linking' y PHENYLALANINE        ? 'C9 H11 N O2'    165.189 
PRO 'L-peptide linking' y PROLINE              ? 'C5 H9 N O2'     115.130 
SER 'L-peptide linking' y SERINE               ? 'C3 H7 N O3'     105.093 
SO4 non-polymer         . 'SULFATE ION'        ? 'O4 S -2'        96.063  
THR 'L-peptide linking' y THREONINE            ? 'C4 H9 N O3'     119.119 
TRP 'L-peptide linking' y TRYPTOPHAN           ? 'C11 H12 N2 O2'  204.225 
TYR 'L-peptide linking' y TYROSINE             ? 'C9 H11 N O3'    181.189 
VAL 'L-peptide linking' y VALINE               ? 'C5 H11 N O2'    117.146 
# 
loop_
_pdbx_poly_seq_scheme.asym_id 
_pdbx_poly_seq_scheme.entity_id 
_pdbx_poly_seq_scheme.seq_id 
_pdbx_poly_seq_scheme.mon_id 
_pdbx_poly_seq_scheme.ndb_seq_num 
_pdbx_poly_seq_scheme.pdb_seq_num 
_pdbx_poly_seq_scheme.auth_seq_num 
_pdbx_poly_seq_scheme.pdb_mon_id 
_pdbx_poly_seq_scheme.auth_mon_id 
_pdbx_poly_seq_scheme.pdb_strand_id 
_pdbx_poly_seq_scheme.pdb_ins_code 
_pdbx_poly_seq_scheme.hetero 
A 1 1   MET 1   137 ?   ?   ?   A . n 
A 1 2   HIS 2   138 ?   ?   ?   A . n 
A 1 3   HIS 3   139 ?   ?   ?   A . n 
A 1 4   HIS 4   140 ?   ?   ?   A . n 
A 1 5   HIS 5   141 ?   ?   ?   A . n 
A 1 6   HIS 6   142 ?   ?   ?   A . n 
A 1 7   HIS 7   143 ?   ?   ?   A . n 
A 1 8   MET 8   144 144 MET MET A . n 
A 1 9   LEU 9   145 145 LEU LEU A . n 
A 1 10  SER 10  146 146 SER SER A . n 
A 1 11  VAL 11  147 147 VAL VAL A . n 
A 1 12  ASP 12  148 148 ASP ASP A . n 
A 1 13  ASP 13  149 149 ASP ASP A . n 
A 1 14  CYS 14  150 150 CYS CYS A . n 
A 1 15  PHE 15  151 151 PHE PHE A . n 
A 1 16  GLY 16  152 152 GLY GLY A . n 
A 1 17  MET 17  153 153 MET MET A . n 
A 1 18  GLY 18  154 154 GLY GLY A . n 
A 1 19  ARG 19  155 155 ARG ARG A . n 
A 1 20  SER 20  156 156 SER SER A . n 
A 1 21  ALA 21  157 157 ALA ALA A . n 
A 1 22  TYR 22  158 158 TYR TYR A . n 
A 1 23  ASN 23  159 159 ASN ASN A . n 
A 1 24  GLU 24  160 160 GLU GLU A . n 
A 1 25  GLY 25  161 161 GLY GLY A . n 
A 1 26  ASP 26  162 162 ASP ASP A . n 
A 1 27  TYR 27  163 163 TYR TYR A . n 
A 1 28  TYR 28  164 164 TYR TYR A . n 
A 1 29  HIS 29  165 165 HIS HIS A . n 
A 1 30  THR 30  166 166 THR THR A . n 
A 1 31  VAL 31  167 167 VAL VAL A . n 
A 1 32  LEU 32  168 168 LEU LEU A . n 
A 1 33  TRP 33  169 169 TRP TRP A . n 
A 1 34  MET 34  170 170 MET MET A . n 
A 1 35  GLU 35  171 171 GLU GLU A . n 
A 1 36  GLN 36  172 172 GLN GLN A . n 
A 1 37  VAL 37  173 173 VAL VAL A . n 
A 1 38  LEU 38  174 174 LEU LEU A . n 
A 1 39  LYS 39  175 175 LYS LYS A . n 
A 1 40  GLN 40  176 176 GLN GLN A . n 
A 1 41  LEU 41  177 177 LEU LEU A . n 
A 1 42  ASP 42  178 178 ASP ASP A . n 
A 1 43  ALA 43  179 179 ALA ALA A . n 
A 1 44  GLY 44  180 180 GLY GLY A . n 
A 1 45  GLU 45  181 181 GLU GLU A . n 
A 1 46  GLU 46  182 182 GLU GLU A . n 
A 1 47  ALA 47  183 183 ALA ALA A . n 
A 1 48  THR 48  184 184 THR THR A . n 
A 1 49  THR 49  185 185 THR THR A . n 
A 1 50  THR 50  186 186 THR THR A . n 
A 1 51  LYS 51  187 187 LYS LYS A . n 
A 1 52  SER 52  188 188 SER SER A . n 
A 1 53  GLN 53  189 189 GLN GLN A . n 
A 1 54  VAL 54  190 190 VAL VAL A . n 
A 1 55  LEU 55  191 191 LEU LEU A . n 
A 1 56  ASP 56  192 192 ASP ASP A . n 
A 1 57  TYR 57  193 193 TYR TYR A . n 
A 1 58  LEU 58  194 194 LEU LEU A . n 
A 1 59  SER 59  195 195 SER SER A . n 
A 1 60  TYR 60  196 196 TYR TYR A . n 
A 1 61  ALA 61  197 197 ALA ALA A . n 
A 1 62  VAL 62  198 198 VAL VAL A . n 
A 1 63  PHE 63  199 199 PHE PHE A . n 
A 1 64  GLN 64  200 200 GLN GLN A . n 
A 1 65  LEU 65  201 201 LEU LEU A . n 
A 1 66  GLY 66  202 202 GLY GLY A . n 
A 1 67  ASP 67  203 203 ASP ASP A . n 
A 1 68  LEU 68  204 204 LEU LEU A . n 
A 1 69  HIS 69  205 205 HIS HIS A . n 
A 1 70  ARG 70  206 206 ARG ARG A . n 
A 1 71  ALA 71  207 207 ALA ALA A . n 
A 1 72  LEU 72  208 208 LEU LEU A . n 
A 1 73  GLU 73  209 209 GLU GLU A . n 
A 1 74  LEU 74  210 210 LEU LEU A . n 
A 1 75  THR 75  211 211 THR THR A . n 
A 1 76  ARG 76  212 212 ARG ARG A . n 
A 1 77  ARG 77  213 213 ARG ARG A . n 
A 1 78  LEU 78  214 214 LEU LEU A . n 
A 1 79  LEU 79  215 215 LEU LEU A . n 
A 1 80  SER 80  216 216 SER SER A . n 
A 1 81  LEU 81  217 217 LEU LEU A . n 
A 1 82  ASP 82  218 218 ASP ASP A . n 
A 1 83  PRO 83  219 219 PRO PRO A . n 
A 1 84  SER 84  220 220 SER SER A . n 
A 1 85  HIS 85  221 221 HIS HIS A . n 
A 1 86  GLU 86  222 222 GLU GLU A . n 
A 1 87  ARG 87  223 223 ARG ARG A . n 
A 1 88  ALA 88  224 224 ALA ALA A . n 
A 1 89  GLY 89  225 225 GLY GLY A . n 
A 1 90  GLY 90  226 226 GLY GLY A . n 
A 1 91  ASN 91  227 227 ASN ASN A . n 
A 1 92  LEU 92  228 228 LEU LEU A . n 
A 1 93  ARG 93  229 229 ARG ARG A . n 
A 1 94  TYR 94  230 230 TYR TYR A . n 
A 1 95  PHE 95  231 231 PHE PHE A . n 
A 1 96  GLU 96  232 232 GLU GLU A . n 
A 1 97  GLN 97  233 233 GLN GLN A . n 
A 1 98  LEU 98  234 234 LEU LEU A . n 
A 1 99  LEU 99  235 235 LEU LEU A . n 
A 1 100 GLU 100 236 236 GLU GLU A . n 
A 1 101 GLU 101 237 237 GLU GLU A . n 
A 1 102 GLU 102 238 ?   ?   ?   A . n 
B 2 1   PRO 1   1   ?   ?   ?   C . n 
B 2 2   PRO 2   2   2   PRO PRO C . n 
B 2 3   GLY 3   3   3   GLY GLY C . n 
B 2 4   PRO 4   4   4   PRO PRO C . n 
B 2 5   GLU 5   5   5   GLU GLU C . n 
B 2 6   GLY 6   6   6   GLY GLY C . n 
B 2 7   PRO 7   7   7   PRO PRO C . n 
B 2 8   PRO 8   8   8   PRO PRO C . n 
B 2 9   GLY 9   9   9   GLY GLY C . n 
# 
loop_
_pdbx_nonpoly_scheme.asym_id 
_pdbx_nonpoly_scheme.entity_id 
_pdbx_nonpoly_scheme.mon_id 
_pdbx_nonpoly_scheme.ndb_seq_num 
_pdbx_nonpoly_scheme.pdb_seq_num 
_pdbx_nonpoly_scheme.auth_seq_num 
_pdbx_nonpoly_scheme.pdb_mon_id 
_pdbx_nonpoly_scheme.auth_mon_id 
_pdbx_nonpoly_scheme.pdb_strand_id 
_pdbx_nonpoly_scheme.pdb_ins_code 
C 3 SO4 1  301 1  SO4 SO4 A . 
D 4 DMS 1  302 1  DMS DMS A . 
E 4 DMS 1  303 2  DMS DMS A . 
F 4 DMS 1  304 3  DMS DMS A . 
G 5 HOH 1  401 19 HOH HOH A . 
G 5 HOH 2  402 1  HOH HOH A . 
G 5 HOH 3  403 27 HOH HOH A . 
G 5 HOH 4  404 4  HOH HOH A . 
G 5 HOH 5  405 43 HOH HOH A . 
G 5 HOH 6  406 22 HOH HOH A . 
G 5 HOH 7  407 37 HOH HOH A . 
G 5 HOH 8  408 24 HOH HOH A . 
G 5 HOH 9  409 5  HOH HOH A . 
G 5 HOH 10 410 35 HOH HOH A . 
G 5 HOH 11 411 8  HOH HOH A . 
G 5 HOH 12 412 11 HOH HOH A . 
G 5 HOH 13 413 7  HOH HOH A . 
G 5 HOH 14 414 48 HOH HOH A . 
G 5 HOH 15 415 45 HOH HOH A . 
G 5 HOH 16 416 26 HOH HOH A . 
G 5 HOH 17 417 9  HOH HOH A . 
G 5 HOH 18 418 20 HOH HOH A . 
G 5 HOH 19 419 2  HOH HOH A . 
G 5 HOH 20 420 17 HOH HOH A . 
G 5 HOH 21 421 21 HOH HOH A . 
G 5 HOH 22 422 16 HOH HOH A . 
G 5 HOH 23 423 28 HOH HOH A . 
G 5 HOH 24 424 12 HOH HOH A . 
G 5 HOH 25 425 25 HOH HOH A . 
G 5 HOH 26 426 23 HOH HOH A . 
G 5 HOH 27 427 14 HOH HOH A . 
G 5 HOH 28 428 29 HOH HOH A . 
G 5 HOH 29 429 3  HOH HOH A . 
G 5 HOH 30 430 39 HOH HOH A . 
G 5 HOH 31 431 13 HOH HOH A . 
G 5 HOH 32 432 30 HOH HOH A . 
G 5 HOH 33 433 6  HOH HOH A . 
G 5 HOH 34 434 38 HOH HOH A . 
G 5 HOH 35 435 18 HOH HOH A . 
G 5 HOH 36 436 44 HOH HOH A . 
G 5 HOH 37 437 47 HOH HOH A . 
G 5 HOH 38 438 41 HOH HOH A . 
G 5 HOH 39 439 10 HOH HOH A . 
G 5 HOH 40 440 46 HOH HOH A . 
G 5 HOH 41 441 36 HOH HOH A . 
G 5 HOH 42 442 32 HOH HOH A . 
G 5 HOH 43 443 49 HOH HOH A . 
G 5 HOH 44 444 34 HOH HOH A . 
G 5 HOH 45 445 33 HOH HOH A . 
G 5 HOH 46 446 15 HOH HOH A . 
H 5 HOH 1  101 42 HOH HOH C . 
H 5 HOH 2  102 31 HOH HOH C . 
H 5 HOH 3  103 40 HOH HOH C . 
# 
loop_
_software.citation_id 
_software.classification 
_software.compiler_name 
_software.compiler_version 
_software.contact_author 
_software.contact_author_email 
_software.date 
_software.description 
_software.dependencies 
_software.hardware 
_software.language 
_software.location 
_software.mods 
_software.name 
_software.os 
_software.os_version 
_software.type 
_software.version 
_software.pdbx_ordinal 
? refinement       ? ? ? ? ? ? ? ? ? ? ? PHENIX  ? ? ? '(1.11.1_2575: ???)' 1 
? 'data reduction' ? ? ? ? ? ? ? ? ? ? ? XDS     ? ? ? .                    2 
? 'data scaling'   ? ? ? ? ? ? ? ? ? ? ? Aimless ? ? ? .                    3 
? phasing          ? ? ? ? ? ? ? ? ? ? ? PHENIX  ? ? ? .                    4 
# 
_cell.angle_alpha                  90.00 
_cell.angle_alpha_esd              ? 
_cell.angle_beta                   90.00 
_cell.angle_beta_esd               ? 
_cell.angle_gamma                  120.00 
_cell.angle_gamma_esd              ? 
_cell.entry_id                     6EVP 
_cell.details                      ? 
_cell.formula_units_Z              ? 
_cell.length_a                     55.020 
_cell.length_a_esd                 ? 
_cell.length_b                     55.020 
_cell.length_b_esd                 ? 
_cell.length_c                     73.269 
_cell.length_c_esd                 ? 
_cell.volume                       ? 
_cell.volume_esd                   ? 
_cell.Z_PDB                        6 
_cell.reciprocal_angle_alpha       ? 
_cell.reciprocal_angle_beta        ? 
_cell.reciprocal_angle_gamma       ? 
_cell.reciprocal_angle_alpha_esd   ? 
_cell.reciprocal_angle_beta_esd    ? 
_cell.reciprocal_angle_gamma_esd   ? 
_cell.reciprocal_length_a          ? 
_cell.reciprocal_length_b          ? 
_cell.reciprocal_length_c          ? 
_cell.reciprocal_length_a_esd      ? 
_cell.reciprocal_length_b_esd      ? 
_cell.reciprocal_length_c_esd      ? 
_cell.pdbx_unique_axis             ? 
# 
_symmetry.entry_id                         6EVP 
_symmetry.cell_setting                     ? 
_symmetry.Int_Tables_number                154 
_symmetry.space_group_name_Hall            ? 
_symmetry.space_group_name_H-M             'P 32 2 1' 
_symmetry.pdbx_full_space_group_name_H-M   ? 
# 
_exptl.absorpt_coefficient_mu     ? 
_exptl.absorpt_correction_T_max   ? 
_exptl.absorpt_correction_T_min   ? 
_exptl.absorpt_correction_type    ? 
_exptl.absorpt_process_details    ? 
_exptl.entry_id                   6EVP 
_exptl.crystals_number            1 
_exptl.details                    ? 
_exptl.method                     'X-RAY DIFFRACTION' 
_exptl.method_details             ? 
# 
_exptl_crystal.colour                      ? 
_exptl_crystal.density_diffrn              ? 
_exptl_crystal.density_Matthews            2.69 
_exptl_crystal.density_method              ? 
_exptl_crystal.density_percent_sol         54.31 
_exptl_crystal.description                 ? 
_exptl_crystal.F_000                       ? 
_exptl_crystal.id                          1 
_exptl_crystal.preparation                 ? 
_exptl_crystal.size_max                    ? 
_exptl_crystal.size_mid                    ? 
_exptl_crystal.size_min                    ? 
_exptl_crystal.size_rad                    ? 
_exptl_crystal.colour_lustre               ? 
_exptl_crystal.colour_modifier             ? 
_exptl_crystal.colour_primary              ? 
_exptl_crystal.density_meas                ? 
_exptl_crystal.density_meas_esd            ? 
_exptl_crystal.density_meas_gt             ? 
_exptl_crystal.density_meas_lt             ? 
_exptl_crystal.density_meas_temp           ? 
_exptl_crystal.density_meas_temp_esd       ? 
_exptl_crystal.density_meas_temp_gt        ? 
_exptl_crystal.density_meas_temp_lt        ? 
_exptl_crystal.pdbx_crystal_image_url      ? 
_exptl_crystal.pdbx_crystal_image_format   ? 
_exptl_crystal.pdbx_mosaicity              ? 
_exptl_crystal.pdbx_mosaicity_esd          ? 
# 
_exptl_crystal_grow.apparatus       ? 
_exptl_crystal_grow.atmosphere      ? 
_exptl_crystal_grow.crystal_id      1 
_exptl_crystal_grow.details         ? 
_exptl_crystal_grow.method          'VAPOR DIFFUSION, SITTING DROP' 
_exptl_crystal_grow.method_ref      ? 
_exptl_crystal_grow.pH              6.5 
_exptl_crystal_grow.pressure        ? 
_exptl_crystal_grow.pressure_esd    ? 
_exptl_crystal_grow.seeding         ? 
_exptl_crystal_grow.seeding_ref     ? 
_exptl_crystal_grow.temp            277 
_exptl_crystal_grow.temp_details    ? 
_exptl_crystal_grow.temp_esd        ? 
_exptl_crystal_grow.time            ? 
_exptl_crystal_grow.pdbx_details    '2.45 M ammonium sulphate, 10% DMSO, 100 mM MOPS, 5 mM PPGPEGPPG, 5% PEG 400, 100 mM MOPS.' 
_exptl_crystal_grow.pdbx_pH_range   ? 
# 
_diffrn.ambient_environment    ? 
_diffrn.ambient_temp           100 
_diffrn.ambient_temp_details   ? 
_diffrn.ambient_temp_esd       ? 
_diffrn.crystal_id             1 
_diffrn.crystal_support        ? 
_diffrn.crystal_treatment      ? 
_diffrn.details                ? 
_diffrn.id                     1 
_diffrn.ambient_pressure       ? 
_diffrn.ambient_pressure_esd   ? 
_diffrn.ambient_pressure_gt    ? 
_diffrn.ambient_pressure_lt    ? 
_diffrn.ambient_temp_gt        ? 
_diffrn.ambient_temp_lt        ? 
# 
_diffrn_detector.details                      ? 
_diffrn_detector.detector                     PIXEL 
_diffrn_detector.diffrn_id                    1 
_diffrn_detector.type                         'DECTRIS EIGER X 4M' 
_diffrn_detector.area_resol_mean              ? 
_diffrn_detector.dtime                        ? 
_diffrn_detector.pdbx_frames_total            ? 
_diffrn_detector.pdbx_collection_time_total   ? 
_diffrn_detector.pdbx_collection_date         2017-05-01 
# 
_diffrn_radiation.collimation                      ? 
_diffrn_radiation.diffrn_id                        1 
_diffrn_radiation.filter_edge                      ? 
_diffrn_radiation.inhomogeneity                    ? 
_diffrn_radiation.monochromator                    'C(110)' 
_diffrn_radiation.polarisn_norm                    ? 
_diffrn_radiation.polarisn_ratio                   ? 
_diffrn_radiation.probe                            ? 
_diffrn_radiation.type                             ? 
_diffrn_radiation.xray_symbol                      ? 
_diffrn_radiation.wavelength_id                    1 
_diffrn_radiation.pdbx_monochromatic_or_laue_m_l   M 
_diffrn_radiation.pdbx_wavelength_list             ? 
_diffrn_radiation.pdbx_wavelength                  ? 
_diffrn_radiation.pdbx_diffrn_protocol             'SINGLE WAVELENGTH' 
_diffrn_radiation.pdbx_analyzer                    ? 
_diffrn_radiation.pdbx_scattering_type             x-ray 
# 
_diffrn_radiation_wavelength.id           1 
_diffrn_radiation_wavelength.wavelength   0.9677 
_diffrn_radiation_wavelength.wt           1.0 
# 
_diffrn_source.current                     ? 
_diffrn_source.details                     ? 
_diffrn_source.diffrn_id                   1 
_diffrn_source.power                       ? 
_diffrn_source.size                        ? 
_diffrn_source.source                      SYNCHROTRON 
_diffrn_source.target                      ? 
_diffrn_source.type                        'ESRF BEAMLINE BM30A' 
_diffrn_source.voltage                     ? 
_diffrn_source.take-off_angle              ? 
_diffrn_source.pdbx_wavelength_list        0.9677 
_diffrn_source.pdbx_wavelength             ? 
_diffrn_source.pdbx_synchrotron_beamline   BM30A 
_diffrn_source.pdbx_synchrotron_site       ESRF 
# 
_reflns.B_iso_Wilson_estimate            ? 
_reflns.entry_id                         6EVP 
_reflns.data_reduction_details           ? 
_reflns.data_reduction_method            ? 
_reflns.d_resolution_high                1.68 
_reflns.d_resolution_low                 40.0 
_reflns.details                          ? 
_reflns.limit_h_max                      ? 
_reflns.limit_h_min                      ? 
_reflns.limit_k_max                      ? 
_reflns.limit_k_min                      ? 
_reflns.limit_l_max                      ? 
_reflns.limit_l_min                      ? 
_reflns.number_all                       ? 
_reflns.number_obs                       15052 
_reflns.observed_criterion               ? 
_reflns.observed_criterion_F_max         ? 
_reflns.observed_criterion_F_min         ? 
_reflns.observed_criterion_I_max         ? 
_reflns.observed_criterion_I_min         ? 
_reflns.observed_criterion_sigma_F       ? 
_reflns.observed_criterion_sigma_I       ? 
_reflns.percent_possible_obs             99.6 
_reflns.R_free_details                   ? 
_reflns.Rmerge_F_all                     ? 
_reflns.Rmerge_F_obs                     ? 
_reflns.Friedel_coverage                 ? 
_reflns.number_gt                        ? 
_reflns.threshold_expression             ? 
_reflns.pdbx_redundancy                  8.2 
_reflns.pdbx_Rmerge_I_obs                0.039 
_reflns.pdbx_Rmerge_I_all                ? 
_reflns.pdbx_Rsym_value                  ? 
_reflns.pdbx_netI_over_av_sigmaI         ? 
_reflns.pdbx_netI_over_sigmaI            21.3 
_reflns.pdbx_res_netI_over_av_sigmaI_2   ? 
_reflns.pdbx_res_netI_over_sigmaI_2      ? 
_reflns.pdbx_chi_squared                 ? 
_reflns.pdbx_scaling_rejects             ? 
_reflns.pdbx_d_res_high_opt              ? 
_reflns.pdbx_d_res_low_opt               ? 
_reflns.pdbx_d_res_opt_method            ? 
_reflns.phase_calculation_details        ? 
_reflns.pdbx_Rrim_I_all                  ? 
_reflns.pdbx_Rpim_I_all                  0.014 
_reflns.pdbx_d_opt                       ? 
_reflns.pdbx_number_measured_all         ? 
_reflns.pdbx_diffrn_id                   1 
_reflns.pdbx_ordinal                     1 
_reflns.pdbx_CC_half                     ? 
_reflns.pdbx_R_split                     ? 
# 
_reflns_shell.d_res_high                  1.68 
_reflns_shell.d_res_low                   1.71 
_reflns_shell.meanI_over_sigI_all         ? 
_reflns_shell.meanI_over_sigI_obs         2.1 
_reflns_shell.number_measured_all         ? 
_reflns_shell.number_measured_obs         ? 
_reflns_shell.number_possible             ? 
_reflns_shell.number_unique_all           ? 
_reflns_shell.number_unique_obs           765 
_reflns_shell.percent_possible_all        99.9 
_reflns_shell.percent_possible_obs        ? 
_reflns_shell.Rmerge_F_all                ? 
_reflns_shell.Rmerge_F_obs                ? 
_reflns_shell.Rmerge_I_all                ? 
_reflns_shell.Rmerge_I_obs                0.994 
_reflns_shell.meanI_over_sigI_gt          ? 
_reflns_shell.meanI_over_uI_all           ? 
_reflns_shell.meanI_over_uI_gt            ? 
_reflns_shell.number_measured_gt          ? 
_reflns_shell.number_unique_gt            ? 
_reflns_shell.percent_possible_gt         ? 
_reflns_shell.Rmerge_F_gt                 ? 
_reflns_shell.Rmerge_I_gt                 ? 
_reflns_shell.pdbx_redundancy             8.8 
_reflns_shell.pdbx_Rsym_value             ? 
_reflns_shell.pdbx_chi_squared            ? 
_reflns_shell.pdbx_netI_over_sigmaI_all   ? 
_reflns_shell.pdbx_netI_over_sigmaI_obs   ? 
_reflns_shell.pdbx_Rrim_I_all             ? 
_reflns_shell.pdbx_Rpim_I_all             0.354 
_reflns_shell.pdbx_rejects                ? 
_reflns_shell.pdbx_ordinal                1 
_reflns_shell.pdbx_diffrn_id              1 
_reflns_shell.pdbx_CC_half                ? 
_reflns_shell.pdbx_R_split                ? 
# 
_refine.aniso_B[1][1]                            ? 
_refine.aniso_B[1][2]                            ? 
_refine.aniso_B[1][3]                            ? 
_refine.aniso_B[2][2]                            ? 
_refine.aniso_B[2][3]                            ? 
_refine.aniso_B[3][3]                            ? 
_refine.B_iso_max                                ? 
_refine.B_iso_mean                               ? 
_refine.B_iso_min                                ? 
_refine.correlation_coeff_Fo_to_Fc               ? 
_refine.correlation_coeff_Fo_to_Fc_free          ? 
_refine.details                                  ? 
_refine.diff_density_max                         ? 
_refine.diff_density_max_esd                     ? 
_refine.diff_density_min                         ? 
_refine.diff_density_min_esd                     ? 
_refine.diff_density_rms                         ? 
_refine.diff_density_rms_esd                     ? 
_refine.entry_id                                 6EVP 
_refine.pdbx_refine_id                           'X-RAY DIFFRACTION' 
_refine.ls_abs_structure_details                 ? 
_refine.ls_abs_structure_Flack                   ? 
_refine.ls_abs_structure_Flack_esd               ? 
_refine.ls_abs_structure_Rogers                  ? 
_refine.ls_abs_structure_Rogers_esd              ? 
_refine.ls_d_res_high                            1.680 
_refine.ls_d_res_low                             39.945 
_refine.ls_extinction_coef                       ? 
_refine.ls_extinction_coef_esd                   ? 
_refine.ls_extinction_expression                 ? 
_refine.ls_extinction_method                     ? 
_refine.ls_goodness_of_fit_all                   ? 
_refine.ls_goodness_of_fit_all_esd               ? 
_refine.ls_goodness_of_fit_obs                   ? 
_refine.ls_goodness_of_fit_obs_esd               ? 
_refine.ls_hydrogen_treatment                    ? 
_refine.ls_matrix_type                           ? 
_refine.ls_number_constraints                    ? 
_refine.ls_number_parameters                     ? 
_refine.ls_number_reflns_all                     ? 
_refine.ls_number_reflns_obs                     14962 
_refine.ls_number_reflns_R_free                  1493 
_refine.ls_number_reflns_R_work                  ? 
_refine.ls_number_restraints                     ? 
_refine.ls_percent_reflns_obs                    99.00 
_refine.ls_percent_reflns_R_free                 9.98 
_refine.ls_R_factor_all                          ? 
_refine.ls_R_factor_obs                          0.1860 
_refine.ls_R_factor_R_free                       0.2151 
_refine.ls_R_factor_R_free_error                 ? 
_refine.ls_R_factor_R_free_error_details         ? 
_refine.ls_R_factor_R_work                       0.1827 
_refine.ls_R_Fsqd_factor_obs                     ? 
_refine.ls_R_I_factor_obs                        ? 
_refine.ls_redundancy_reflns_all                 ? 
_refine.ls_redundancy_reflns_obs                 ? 
_refine.ls_restrained_S_all                      ? 
_refine.ls_restrained_S_obs                      ? 
_refine.ls_shift_over_esd_max                    ? 
_refine.ls_shift_over_esd_mean                   ? 
_refine.ls_structure_factor_coef                 ? 
_refine.ls_weighting_details                     ? 
_refine.ls_weighting_scheme                      ? 
_refine.ls_wR_factor_all                         ? 
_refine.ls_wR_factor_obs                         ? 
_refine.ls_wR_factor_R_free                      ? 
_refine.ls_wR_factor_R_work                      ? 
_refine.occupancy_max                            ? 
_refine.occupancy_min                            ? 
_refine.solvent_model_details                    ? 
_refine.solvent_model_param_bsol                 ? 
_refine.solvent_model_param_ksol                 ? 
_refine.ls_R_factor_gt                           ? 
_refine.ls_goodness_of_fit_gt                    ? 
_refine.ls_goodness_of_fit_ref                   ? 
_refine.ls_shift_over_su_max                     ? 
_refine.ls_shift_over_su_max_lt                  ? 
_refine.ls_shift_over_su_mean                    ? 
_refine.ls_shift_over_su_mean_lt                 ? 
_refine.pdbx_ls_sigma_I                          ? 
_refine.pdbx_ls_sigma_F                          1.34 
_refine.pdbx_ls_sigma_Fsqd                       ? 
_refine.pdbx_data_cutoff_high_absF               ? 
_refine.pdbx_data_cutoff_high_rms_absF           ? 
_refine.pdbx_data_cutoff_low_absF                ? 
_refine.pdbx_isotropic_thermal_model             ? 
_refine.pdbx_ls_cross_valid_method               'FREE R-VALUE' 
_refine.pdbx_method_to_determine_struct          ? 
_refine.pdbx_starting_model                      ? 
_refine.pdbx_stereochemistry_target_values       ? 
_refine.pdbx_R_Free_selection_details            ? 
_refine.pdbx_stereochem_target_val_spec_case     ? 
_refine.pdbx_overall_ESU_R                       ? 
_refine.pdbx_overall_ESU_R_Free                  ? 
_refine.pdbx_solvent_vdw_probe_radii             1.11 
_refine.pdbx_solvent_ion_probe_radii             ? 
_refine.pdbx_solvent_shrinkage_radii             0.90 
_refine.pdbx_real_space_R                        ? 
_refine.pdbx_density_correlation                 ? 
_refine.pdbx_pd_number_of_powder_patterns        ? 
_refine.pdbx_pd_number_of_points                 ? 
_refine.pdbx_pd_meas_number_of_points            ? 
_refine.pdbx_pd_proc_ls_prof_R_factor            ? 
_refine.pdbx_pd_proc_ls_prof_wR_factor           ? 
_refine.pdbx_pd_Marquardt_correlation_coeff      ? 
_refine.pdbx_pd_Fsqrd_R_factor                   ? 
_refine.pdbx_pd_ls_matrix_band_width             ? 
_refine.pdbx_overall_phase_error                 25.86 
_refine.pdbx_overall_SU_R_free_Cruickshank_DPI   ? 
_refine.pdbx_overall_SU_R_free_Blow_DPI          ? 
_refine.pdbx_overall_SU_R_Blow_DPI               ? 
_refine.pdbx_TLS_residual_ADP_flag               ? 
_refine.pdbx_diffrn_id                           1 
_refine.overall_SU_B                             ? 
_refine.overall_SU_ML                            0.17 
_refine.overall_SU_R_Cruickshank_DPI             ? 
_refine.overall_SU_R_free                        ? 
_refine.overall_FOM_free_R_set                   ? 
_refine.overall_FOM_work_R_set                   ? 
_refine.pdbx_average_fsc_overall                 ? 
_refine.pdbx_average_fsc_work                    ? 
_refine.pdbx_average_fsc_free                    ? 
# 
_refine_hist.pdbx_refine_id                   'X-RAY DIFFRACTION' 
_refine_hist.cycle_id                         LAST 
_refine_hist.pdbx_number_atoms_protein        810 
_refine_hist.pdbx_number_atoms_nucleic_acid   0 
_refine_hist.pdbx_number_atoms_ligand         17 
_refine_hist.number_atoms_solvent             49 
_refine_hist.number_atoms_total               876 
_refine_hist.d_res_high                       1.680 
_refine_hist.d_res_low                        39.945 
# 
loop_
_refine_ls_restr.pdbx_refine_id 
_refine_ls_restr.criterion 
_refine_ls_restr.dev_ideal 
_refine_ls_restr.dev_ideal_target 
_refine_ls_restr.number 
_refine_ls_restr.rejects 
_refine_ls_restr.type 
_refine_ls_restr.weight 
_refine_ls_restr.pdbx_restraint_function 
'X-RAY DIFFRACTION' ? 0.009  ? 861  ? f_bond_d           ? ? 
'X-RAY DIFFRACTION' ? 0.974  ? 1166 ? f_angle_d          ? ? 
'X-RAY DIFFRACTION' ? 14.426 ? 512  ? f_dihedral_angle_d ? ? 
'X-RAY DIFFRACTION' ? 0.053  ? 122  ? f_chiral_restr     ? ? 
'X-RAY DIFFRACTION' ? 0.007  ? 153  ? f_plane_restr      ? ? 
# 
loop_
_refine_ls_shell.pdbx_refine_id 
_refine_ls_shell.d_res_high 
_refine_ls_shell.d_res_low 
_refine_ls_shell.number_reflns_all 
_refine_ls_shell.number_reflns_obs 
_refine_ls_shell.number_reflns_R_free 
_refine_ls_shell.number_reflns_R_work 
_refine_ls_shell.percent_reflns_obs 
_refine_ls_shell.percent_reflns_R_free 
_refine_ls_shell.R_factor_all 
_refine_ls_shell.R_factor_obs 
_refine_ls_shell.R_factor_R_free 
_refine_ls_shell.R_factor_R_free_error 
_refine_ls_shell.R_factor_R_work 
_refine_ls_shell.redundancy_reflns_all 
_refine_ls_shell.redundancy_reflns_obs 
_refine_ls_shell.wR_factor_all 
_refine_ls_shell.wR_factor_obs 
_refine_ls_shell.wR_factor_R_free 
_refine_ls_shell.wR_factor_R_work 
_refine_ls_shell.pdbx_total_number_of_bins_used 
_refine_ls_shell.pdbx_phase_error 
_refine_ls_shell.pdbx_fsc_work 
_refine_ls_shell.pdbx_fsc_free 
'X-RAY DIFFRACTION' 1.6801 1.7343  . . 131 1218 99.00  . . . 0.3187 . 0.2819 . . . . . . . . . . 
'X-RAY DIFFRACTION' 1.7343 1.7963  . . 132 1208 100.00 . . . 0.3025 . 0.2592 . . . . . . . . . . 
'X-RAY DIFFRACTION' 1.7963 1.8683  . . 125 1212 100.00 . . . 0.3163 . 0.2392 . . . . . . . . . . 
'X-RAY DIFFRACTION' 1.8683 1.9533  . . 135 1199 99.00  . . . 0.2875 . 0.2557 . . . . . . . . . . 
'X-RAY DIFFRACTION' 1.9533 2.0563  . . 141 1206 100.00 . . . 0.2323 . 0.1993 . . . . . . . . . . 
'X-RAY DIFFRACTION' 2.0563 2.1851  . . 136 1229 100.00 . . . 0.2075 . 0.1881 . . . . . . . . . . 
'X-RAY DIFFRACTION' 2.1851 2.3538  . . 137 1206 98.00  . . . 0.1998 . 0.1876 . . . . . . . . . . 
'X-RAY DIFFRACTION' 2.3538 2.5906  . . 135 1218 99.00  . . . 0.2050 . 0.1823 . . . . . . . . . . 
'X-RAY DIFFRACTION' 2.5906 2.9654  . . 142 1243 100.00 . . . 0.2509 . 0.1872 . . . . . . . . . . 
'X-RAY DIFFRACTION' 2.9654 3.7356  . . 138 1259 100.00 . . . 0.1744 . 0.1719 . . . . . . . . . . 
'X-RAY DIFFRACTION' 3.7356 39.9561 . . 141 1271 95.00  . . . 0.2166 . 0.1698 . . . . . . . . . . 
# 
_struct.entry_id                     6EVP 
_struct.title                        
;Crystal structure the peptide-substrate-binding domain of human type II collagen prolyl 4-hydroxylase complexed with Pro-Pro-Gly-Pro-Glu-Gly-Pro-Pro-Gly.
;
_struct.pdbx_model_details           ? 
_struct.pdbx_formula_weight          ? 
_struct.pdbx_formula_weight_method   ? 
_struct.pdbx_model_type_details      ? 
_struct.pdbx_CASP_flag               N 
# 
_struct_keywords.entry_id        6EVP 
_struct_keywords.text            'tetratricopeptide repeat, collagen synthesis, prolyl 4-hydroxylase, HYDROLASE' 
_struct_keywords.pdbx_keywords   HYDROLASE 
# 
loop_
_struct_asym.id 
_struct_asym.pdbx_blank_PDB_chainid_flag 
_struct_asym.pdbx_modified 
_struct_asym.entity_id 
_struct_asym.details 
A N N 1 ? 
B N N 2 ? 
C N N 3 ? 
D N N 4 ? 
E N N 4 ? 
F N N 4 ? 
G N N 5 ? 
H N N 5 ? 
# 
loop_
_struct_ref.id 
_struct_ref.db_name 
_struct_ref.db_code 
_struct_ref.pdbx_db_accession 
_struct_ref.pdbx_db_isoform 
_struct_ref.entity_id 
_struct_ref.pdbx_seq_one_letter_code 
_struct_ref.pdbx_align_begin 
1 UNP P4HA2_HUMAN O15460 ? 1 
;MLSVDDCFGMGRSAYNEGDYYHTVLWMEQVLKQLDAGEEATTTKSQVLDYLSYAVFQLGDLHRALELTRRLLSLDPSHER
AGGNLRYFEQLLEEE
;
163 
2 PDB 6EVP        6EVP   ? 2 ?                                                                                                  1 
# 
loop_
_struct_ref_seq.align_id 
_struct_ref_seq.ref_id 
_struct_ref_seq.pdbx_PDB_id_code 
_struct_ref_seq.pdbx_strand_id 
_struct_ref_seq.seq_align_beg 
_struct_ref_seq.pdbx_seq_align_beg_ins_code 
_struct_ref_seq.seq_align_end 
_struct_ref_seq.pdbx_seq_align_end_ins_code 
_struct_ref_seq.pdbx_db_accession 
_struct_ref_seq.db_align_beg 
_struct_ref_seq.pdbx_db_align_beg_ins_code 
_struct_ref_seq.db_align_end 
_struct_ref_seq.pdbx_db_align_end_ins_code 
_struct_ref_seq.pdbx_auth_seq_align_beg 
_struct_ref_seq.pdbx_auth_seq_align_end 
1 1 6EVP A 8 ? 102 ? O15460 163 ? 257 ? 144 238 
2 2 6EVP C 1 ? 9   ? 6EVP   1   ? 9   ? 1   9   
# 
loop_
_struct_ref_seq_dif.align_id 
_struct_ref_seq_dif.pdbx_pdb_id_code 
_struct_ref_seq_dif.mon_id 
_struct_ref_seq_dif.pdbx_pdb_strand_id 
_struct_ref_seq_dif.seq_num 
_struct_ref_seq_dif.pdbx_pdb_ins_code 
_struct_ref_seq_dif.pdbx_seq_db_name 
_struct_ref_seq_dif.pdbx_seq_db_accession_code 
_struct_ref_seq_dif.db_mon_id 
_struct_ref_seq_dif.pdbx_seq_db_seq_num 
_struct_ref_seq_dif.details 
_struct_ref_seq_dif.pdbx_auth_seq_num 
_struct_ref_seq_dif.pdbx_ordinal 
1 6EVP MET A 1 ? UNP O15460 ? ? 'initiating methionine' 137 1 
1 6EVP HIS A 2 ? UNP O15460 ? ? 'expression tag'        138 2 
1 6EVP HIS A 3 ? UNP O15460 ? ? 'expression tag'        139 3 
1 6EVP HIS A 4 ? UNP O15460 ? ? 'expression tag'        140 4 
1 6EVP HIS A 5 ? UNP O15460 ? ? 'expression tag'        141 5 
1 6EVP HIS A 6 ? UNP O15460 ? ? 'expression tag'        142 6 
1 6EVP HIS A 7 ? UNP O15460 ? ? 'expression tag'        143 7 
# 
_pdbx_struct_assembly.id                   1 
_pdbx_struct_assembly.details              author_and_software_defined_assembly 
_pdbx_struct_assembly.method_details       PISA 
_pdbx_struct_assembly.oligomeric_details   dimeric 
_pdbx_struct_assembly.oligomeric_count     2 
# 
loop_
_pdbx_struct_assembly_prop.biol_id 
_pdbx_struct_assembly_prop.type 
_pdbx_struct_assembly_prop.value 
_pdbx_struct_assembly_prop.details 
1 'ABSA (A^2)' 1620 ? 
1 MORE         -5   ? 
1 'SSA (A^2)'  5830 ? 
# 
_pdbx_struct_assembly_gen.assembly_id       1 
_pdbx_struct_assembly_gen.oper_expression   1 
_pdbx_struct_assembly_gen.asym_id_list      A,B,C,D,E,F,G,H 
# 
_pdbx_struct_assembly_auth_evidence.id                     1 
_pdbx_struct_assembly_auth_evidence.assembly_id            1 
_pdbx_struct_assembly_auth_evidence.experimental_support   'light scattering' 
_pdbx_struct_assembly_auth_evidence.details                ? 
# 
_pdbx_struct_oper_list.id                   1 
_pdbx_struct_oper_list.type                 'identity operation' 
_pdbx_struct_oper_list.name                 1_555 
_pdbx_struct_oper_list.symmetry_operation   x,y,z 
_pdbx_struct_oper_list.matrix[1][1]         1.0000000000 
_pdbx_struct_oper_list.matrix[1][2]         0.0000000000 
_pdbx_struct_oper_list.matrix[1][3]         0.0000000000 
_pdbx_struct_oper_list.vector[1]            0.0000000000 
_pdbx_struct_oper_list.matrix[2][1]         0.0000000000 
_pdbx_struct_oper_list.matrix[2][2]         1.0000000000 
_pdbx_struct_oper_list.matrix[2][3]         0.0000000000 
_pdbx_struct_oper_list.vector[2]            0.0000000000 
_pdbx_struct_oper_list.matrix[3][1]         0.0000000000 
_pdbx_struct_oper_list.matrix[3][2]         0.0000000000 
_pdbx_struct_oper_list.matrix[3][3]         1.0000000000 
_pdbx_struct_oper_list.vector[3]            0.0000000000 
# 
loop_
_struct_conf.conf_type_id 
_struct_conf.id 
_struct_conf.pdbx_PDB_helix_id 
_struct_conf.beg_label_comp_id 
_struct_conf.beg_label_asym_id 
_struct_conf.beg_label_seq_id 
_struct_conf.pdbx_beg_PDB_ins_code 
_struct_conf.end_label_comp_id 
_struct_conf.end_label_asym_id 
_struct_conf.end_label_seq_id 
_struct_conf.pdbx_end_PDB_ins_code 
_struct_conf.beg_auth_comp_id 
_struct_conf.beg_auth_asym_id 
_struct_conf.beg_auth_seq_id 
_struct_conf.end_auth_comp_id 
_struct_conf.end_auth_asym_id 
_struct_conf.end_auth_seq_id 
_struct_conf.pdbx_PDB_helix_class 
_struct_conf.details 
_struct_conf.pdbx_PDB_helix_length 
HELX_P HELX_P1 AA1 SER A 10 ? GLU A 24  ? SER A 146 GLU A 160 1 ? 15 
HELX_P HELX_P2 AA2 ASP A 26 ? ALA A 43  ? ASP A 162 ALA A 179 1 ? 18 
HELX_P HELX_P3 AA3 THR A 50 ? LEU A 65  ? THR A 186 LEU A 201 1 ? 16 
HELX_P HELX_P4 AA4 ASP A 67 ? ASP A 82  ? ASP A 203 ASP A 218 1 ? 16 
HELX_P HELX_P5 AA5 HIS A 85 ? GLU A 100 ? HIS A 221 GLU A 236 1 ? 16 
# 
_struct_conf_type.id          HELX_P 
_struct_conf_type.criteria    ? 
_struct_conf_type.reference   ? 
# 
_struct_mon_prot_cis.pdbx_id                1 
_struct_mon_prot_cis.label_comp_id          PRO 
_struct_mon_prot_cis.label_seq_id           2 
_struct_mon_prot_cis.label_asym_id          B 
_struct_mon_prot_cis.label_alt_id           . 
_struct_mon_prot_cis.pdbx_PDB_ins_code      ? 
_struct_mon_prot_cis.auth_comp_id           PRO 
_struct_mon_prot_cis.auth_seq_id            2 
_struct_mon_prot_cis.auth_asym_id           C 
_struct_mon_prot_cis.pdbx_label_comp_id_2   GLY 
_struct_mon_prot_cis.pdbx_label_seq_id_2    3 
_struct_mon_prot_cis.pdbx_label_asym_id_2   B 
_struct_mon_prot_cis.pdbx_PDB_ins_code_2    ? 
_struct_mon_prot_cis.pdbx_auth_comp_id_2    GLY 
_struct_mon_prot_cis.pdbx_auth_seq_id_2     3 
_struct_mon_prot_cis.pdbx_auth_asym_id_2    C 
_struct_mon_prot_cis.pdbx_PDB_model_num     1 
_struct_mon_prot_cis.pdbx_omega_angle       3.45 
# 
loop_
_struct_site.id 
_struct_site.pdbx_evidence_code 
_struct_site.pdbx_auth_asym_id 
_struct_site.pdbx_auth_comp_id 
_struct_site.pdbx_auth_seq_id 
_struct_site.pdbx_auth_ins_code 
_struct_site.pdbx_num_residues 
_struct_site.details 
AC1 Software A SO4 301 ? 3 'binding site for residue SO4 A 301' 
AC2 Software A DMS 302 ? 2 'binding site for residue DMS A 302' 
AC3 Software A DMS 303 ? 2 'binding site for residue DMS A 303' 
AC4 Software A DMS 304 ? 7 'binding site for residue DMS A 304' 
# 
loop_
_struct_site_gen.id 
_struct_site_gen.site_id 
_struct_site_gen.pdbx_num_res 
_struct_site_gen.label_comp_id 
_struct_site_gen.label_asym_id 
_struct_site_gen.label_seq_id 
_struct_site_gen.pdbx_auth_ins_code 
_struct_site_gen.auth_comp_id 
_struct_site_gen.auth_asym_id 
_struct_site_gen.auth_seq_id 
_struct_site_gen.label_atom_id 
_struct_site_gen.label_alt_id 
_struct_site_gen.symmetry 
_struct_site_gen.details 
1  AC1 3 ARG A 70  ? ARG A 206 . ? 1_555 ? 
2  AC1 3 GLU A 73  ? GLU A 209 . ? 1_555 ? 
3  AC1 3 ARG A 77  ? ARG A 213 . ? 1_555 ? 
4  AC2 2 TYR A 22  ? TYR A 158 . ? 1_555 ? 
5  AC2 2 TYR A 27  ? TYR A 163 . ? 1_555 ? 
6  AC3 2 TRP A 33  ? TRP A 169 . ? 1_555 ? 
7  AC3 2 GLN A 36  ? GLN A 172 . ? 1_555 ? 
8  AC4 7 GLN A 53  ? GLN A 189 . ? 1_555 ? 
9  AC4 7 ASP A 56  ? ASP A 192 . ? 1_555 ? 
10 AC4 7 TYR A 57  ? TYR A 193 . ? 1_555 ? 
11 AC4 7 LEU A 98  ? LEU A 234 . ? 3_455 ? 
12 AC4 7 LEU A 99  ? LEU A 235 . ? 3_455 ? 
13 AC4 7 GLU A 100 ? GLU A 236 . ? 3_455 ? 
14 AC4 7 HOH G .   ? HOH A 429 . ? 1_555 ? 
# 
loop_
_pdbx_validate_close_contact.id 
_pdbx_validate_close_contact.PDB_model_num 
_pdbx_validate_close_contact.auth_atom_id_1 
_pdbx_validate_close_contact.auth_asym_id_1 
_pdbx_validate_close_contact.auth_comp_id_1 
_pdbx_validate_close_contact.auth_seq_id_1 
_pdbx_validate_close_contact.PDB_ins_code_1 
_pdbx_validate_close_contact.label_alt_id_1 
_pdbx_validate_close_contact.auth_atom_id_2 
_pdbx_validate_close_contact.auth_asym_id_2 
_pdbx_validate_close_contact.auth_comp_id_2 
_pdbx_validate_close_contact.auth_seq_id_2 
_pdbx_validate_close_contact.PDB_ins_code_2 
_pdbx_validate_close_contact.label_alt_id_2 
_pdbx_validate_close_contact.dist 
1 1 OE2 A GLU 171 ? ? HH12 A ARG 206 ? B 1.59 
2 1 O   A HOH 438 ? ? O    C HOH 103 ? ? 1.98 
# 
_pdbx_validate_symm_contact.id                1 
_pdbx_validate_symm_contact.PDB_model_num     1 
_pdbx_validate_symm_contact.auth_atom_id_1    O 
_pdbx_validate_symm_contact.auth_asym_id_1    A 
_pdbx_validate_symm_contact.auth_comp_id_1    HOH 
_pdbx_validate_symm_contact.auth_seq_id_1     437 
_pdbx_validate_symm_contact.PDB_ins_code_1    ? 
_pdbx_validate_symm_contact.label_alt_id_1    ? 
_pdbx_validate_symm_contact.site_symmetry_1   1_555 
_pdbx_validate_symm_contact.auth_atom_id_2    O 
_pdbx_validate_symm_contact.auth_asym_id_2    A 
_pdbx_validate_symm_contact.auth_comp_id_2    HOH 
_pdbx_validate_symm_contact.auth_seq_id_2     440 
_pdbx_validate_symm_contact.PDB_ins_code_2    ? 
_pdbx_validate_symm_contact.label_alt_id_2    ? 
_pdbx_validate_symm_contact.site_symmetry_2   5_554 
_pdbx_validate_symm_contact.dist              2.14 
# 
loop_
_pdbx_validate_torsion.id 
_pdbx_validate_torsion.PDB_model_num 
_pdbx_validate_torsion.auth_comp_id 
_pdbx_validate_torsion.auth_asym_id 
_pdbx_validate_torsion.auth_seq_id 
_pdbx_validate_torsion.PDB_ins_code 
_pdbx_validate_torsion.label_alt_id 
_pdbx_validate_torsion.phi 
_pdbx_validate_torsion.psi 
1 1 ALA A 183 ? ? -171.98 149.37 
2 1 ASP A 218 ? ? -154.06 69.72  
3 1 GLU A 236 ? ? 58.34   5.63   
# 
_pdbx_struct_special_symmetry.id              1 
_pdbx_struct_special_symmetry.PDB_model_num   1 
_pdbx_struct_special_symmetry.auth_asym_id    A 
_pdbx_struct_special_symmetry.auth_comp_id    HOH 
_pdbx_struct_special_symmetry.auth_seq_id     444 
_pdbx_struct_special_symmetry.PDB_ins_code    ? 
_pdbx_struct_special_symmetry.label_asym_id   G 
_pdbx_struct_special_symmetry.label_comp_id   HOH 
_pdbx_struct_special_symmetry.label_seq_id    . 
# 
loop_
_pdbx_unobs_or_zero_occ_residues.id 
_pdbx_unobs_or_zero_occ_residues.PDB_model_num 
_pdbx_unobs_or_zero_occ_residues.polymer_flag 
_pdbx_unobs_or_zero_occ_residues.occupancy_flag 
_pdbx_unobs_or_zero_occ_residues.auth_asym_id 
_pdbx_unobs_or_zero_occ_residues.auth_comp_id 
_pdbx_unobs_or_zero_occ_residues.auth_seq_id 
_pdbx_unobs_or_zero_occ_residues.PDB_ins_code 
_pdbx_unobs_or_zero_occ_residues.label_asym_id 
_pdbx_unobs_or_zero_occ_residues.label_comp_id 
_pdbx_unobs_or_zero_occ_residues.label_seq_id 
1 1 Y 1 A MET 137 ? A MET 1   
2 1 Y 1 A HIS 138 ? A HIS 2   
3 1 Y 1 A HIS 139 ? A HIS 3   
4 1 Y 1 A HIS 140 ? A HIS 4   
5 1 Y 1 A HIS 141 ? A HIS 5   
6 1 Y 1 A HIS 142 ? A HIS 6   
7 1 Y 1 A HIS 143 ? A HIS 7   
8 1 Y 1 A GLU 238 ? A GLU 102 
9 1 Y 1 C PRO 1   ? B PRO 1   
# 
loop_
_chem_comp_atom.comp_id 
_chem_comp_atom.atom_id 
_chem_comp_atom.type_symbol 
_chem_comp_atom.pdbx_aromatic_flag 
_chem_comp_atom.pdbx_stereo_config 
_chem_comp_atom.pdbx_ordinal 
ALA N    N N N 1   
ALA CA   C N S 2   
ALA C    C N N 3   
ALA O    O N N 4   
ALA CB   C N N 5   
ALA OXT  O N N 6   
ALA H    H N N 7   
ALA H2   H N N 8   
ALA HA   H N N 9   
ALA HB1  H N N 10  
ALA HB2  H N N 11  
ALA HB3  H N N 12  
ALA HXT  H N N 13  
ARG N    N N N 14  
ARG CA   C N S 15  
ARG C    C N N 16  
ARG O    O N N 17  
ARG CB   C N N 18  
ARG CG   C N N 19  
ARG CD   C N N 20  
ARG NE   N N N 21  
ARG CZ   C N N 22  
ARG NH1  N N N 23  
ARG NH2  N N N 24  
ARG OXT  O N N 25  
ARG H    H N N 26  
ARG H2   H N N 27  
ARG HA   H N N 28  
ARG HB2  H N N 29  
ARG HB3  H N N 30  
ARG HG2  H N N 31  
ARG HG3  H N N 32  
ARG HD2  H N N 33  
ARG HD3  H N N 34  
ARG HE   H N N 35  
ARG HH11 H N N 36  
ARG HH12 H N N 37  
ARG HH21 H N N 38  
ARG HH22 H N N 39  
ARG HXT  H N N 40  
ASN N    N N N 41  
ASN CA   C N S 42  
ASN C    C N N 43  
ASN O    O N N 44  
ASN CB   C N N 45  
ASN CG   C N N 46  
ASN OD1  O N N 47  
ASN ND2  N N N 48  
ASN OXT  O N N 49  
ASN H    H N N 50  
ASN H2   H N N 51  
ASN HA   H N N 52  
ASN HB2  H N N 53  
ASN HB3  H N N 54  
ASN HD21 H N N 55  
ASN HD22 H N N 56  
ASN HXT  H N N 57  
ASP N    N N N 58  
ASP CA   C N S 59  
ASP C    C N N 60  
ASP O    O N N 61  
ASP CB   C N N 62  
ASP CG   C N N 63  
ASP OD1  O N N 64  
ASP OD2  O N N 65  
ASP OXT  O N N 66  
ASP H    H N N 67  
ASP H2   H N N 68  
ASP HA   H N N 69  
ASP HB2  H N N 70  
ASP HB3  H N N 71  
ASP HD2  H N N 72  
ASP HXT  H N N 73  
CYS N    N N N 74  
CYS CA   C N R 75  
CYS C    C N N 76  
CYS O    O N N 77  
CYS CB   C N N 78  
CYS SG   S N N 79  
CYS OXT  O N N 80  
CYS H    H N N 81  
CYS H2   H N N 82  
CYS HA   H N N 83  
CYS HB2  H N N 84  
CYS HB3  H N N 85  
CYS HG   H N N 86  
CYS HXT  H N N 87  
DMS S    S N N 88  
DMS O    O N N 89  
DMS C1   C N N 90  
DMS C2   C N N 91  
DMS H11  H N N 92  
DMS H12  H N N 93  
DMS H13  H N N 94  
DMS H21  H N N 95  
DMS H22  H N N 96  
DMS H23  H N N 97  
GLN N    N N N 98  
GLN CA   C N S 99  
GLN C    C N N 100 
GLN O    O N N 101 
GLN CB   C N N 102 
GLN CG   C N N 103 
GLN CD   C N N 104 
GLN OE1  O N N 105 
GLN NE2  N N N 106 
GLN OXT  O N N 107 
GLN H    H N N 108 
GLN H2   H N N 109 
GLN HA   H N N 110 
GLN HB2  H N N 111 
GLN HB3  H N N 112 
GLN HG2  H N N 113 
GLN HG3  H N N 114 
GLN HE21 H N N 115 
GLN HE22 H N N 116 
GLN HXT  H N N 117 
GLU N    N N N 118 
GLU CA   C N S 119 
GLU C    C N N 120 
GLU O    O N N 121 
GLU CB   C N N 122 
GLU CG   C N N 123 
GLU CD   C N N 124 
GLU OE1  O N N 125 
GLU OE2  O N N 126 
GLU OXT  O N N 127 
GLU H    H N N 128 
GLU H2   H N N 129 
GLU HA   H N N 130 
GLU HB2  H N N 131 
GLU HB3  H N N 132 
GLU HG2  H N N 133 
GLU HG3  H N N 134 
GLU HE2  H N N 135 
GLU HXT  H N N 136 
GLY N    N N N 137 
GLY CA   C N N 138 
GLY C    C N N 139 
GLY O    O N N 140 
GLY OXT  O N N 141 
GLY H    H N N 142 
GLY H2   H N N 143 
GLY HA2  H N N 144 
GLY HA3  H N N 145 
GLY HXT  H N N 146 
HIS N    N N N 147 
HIS CA   C N S 148 
HIS C    C N N 149 
HIS O    O N N 150 
HIS CB   C N N 151 
HIS CG   C Y N 152 
HIS ND1  N Y N 153 
HIS CD2  C Y N 154 
HIS CE1  C Y N 155 
HIS NE2  N Y N 156 
HIS OXT  O N N 157 
HIS H    H N N 158 
HIS H2   H N N 159 
HIS HA   H N N 160 
HIS HB2  H N N 161 
HIS HB3  H N N 162 
HIS HD1  H N N 163 
HIS HD2  H N N 164 
HIS HE1  H N N 165 
HIS HE2  H N N 166 
HIS HXT  H N N 167 
HOH O    O N N 168 
HOH H1   H N N 169 
HOH H2   H N N 170 
LEU N    N N N 171 
LEU CA   C N S 172 
LEU C    C N N 173 
LEU O    O N N 174 
LEU CB   C N N 175 
LEU CG   C N N 176 
LEU CD1  C N N 177 
LEU CD2  C N N 178 
LEU OXT  O N N 179 
LEU H    H N N 180 
LEU H2   H N N 181 
LEU HA   H N N 182 
LEU HB2  H N N 183 
LEU HB3  H N N 184 
LEU HG   H N N 185 
LEU HD11 H N N 186 
LEU HD12 H N N 187 
LEU HD13 H N N 188 
LEU HD21 H N N 189 
LEU HD22 H N N 190 
LEU HD23 H N N 191 
LEU HXT  H N N 192 
LYS N    N N N 193 
LYS CA   C N S 194 
LYS C    C N N 195 
LYS O    O N N 196 
LYS CB   C N N 197 
LYS CG   C N N 198 
LYS CD   C N N 199 
LYS CE   C N N 200 
LYS NZ   N N N 201 
LYS OXT  O N N 202 
LYS H    H N N 203 
LYS H2   H N N 204 
LYS HA   H N N 205 
LYS HB2  H N N 206 
LYS HB3  H N N 207 
LYS HG2  H N N 208 
LYS HG3  H N N 209 
LYS HD2  H N N 210 
LYS HD3  H N N 211 
LYS HE2  H N N 212 
LYS HE3  H N N 213 
LYS HZ1  H N N 214 
LYS HZ2  H N N 215 
LYS HZ3  H N N 216 
LYS HXT  H N N 217 
MET N    N N N 218 
MET CA   C N S 219 
MET C    C N N 220 
MET O    O N N 221 
MET CB   C N N 222 
MET CG   C N N 223 
MET SD   S N N 224 
MET CE   C N N 225 
MET OXT  O N N 226 
MET H    H N N 227 
MET H2   H N N 228 
MET HA   H N N 229 
MET HB2  H N N 230 
MET HB3  H N N 231 
MET HG2  H N N 232 
MET HG3  H N N 233 
MET HE1  H N N 234 
MET HE2  H N N 235 
MET HE3  H N N 236 
MET HXT  H N N 237 
PHE N    N N N 238 
PHE CA   C N S 239 
PHE C    C N N 240 
PHE O    O N N 241 
PHE CB   C N N 242 
PHE CG   C Y N 243 
PHE CD1  C Y N 244 
PHE CD2  C Y N 245 
PHE CE1  C Y N 246 
PHE CE2  C Y N 247 
PHE CZ   C Y N 248 
PHE OXT  O N N 249 
PHE H    H N N 250 
PHE H2   H N N 251 
PHE HA   H N N 252 
PHE HB2  H N N 253 
PHE HB3  H N N 254 
PHE HD1  H N N 255 
PHE HD2  H N N 256 
PHE HE1  H N N 257 
PHE HE2  H N N 258 
PHE HZ   H N N 259 
PHE HXT  H N N 260 
PRO N    N N N 261 
PRO CA   C N S 262 
PRO C    C N N 263 
PRO O    O N N 264 
PRO CB   C N N 265 
PRO CG   C N N 266 
PRO CD   C N N 267 
PRO OXT  O N N 268 
PRO H    H N N 269 
PRO HA   H N N 270 
PRO HB2  H N N 271 
PRO HB3  H N N 272 
PRO HG2  H N N 273 
PRO HG3  H N N 274 
PRO HD2  H N N 275 
PRO HD3  H N N 276 
PRO HXT  H N N 277 
SER N    N N N 278 
SER CA   C N S 279 
SER C    C N N 280 
SER O    O N N 281 
SER CB   C N N 282 
SER OG   O N N 283 
SER OXT  O N N 284 
SER H    H N N 285 
SER H2   H N N 286 
SER HA   H N N 287 
SER HB2  H N N 288 
SER HB3  H N N 289 
SER HG   H N N 290 
SER HXT  H N N 291 
SO4 S    S N N 292 
SO4 O1   O N N 293 
SO4 O2   O N N 294 
SO4 O3   O N N 295 
SO4 O4   O N N 296 
THR N    N N N 297 
THR CA   C N S 298 
THR C    C N N 299 
THR O    O N N 300 
THR CB   C N R 301 
THR OG1  O N N 302 
THR CG2  C N N 303 
THR OXT  O N N 304 
THR H    H N N 305 
THR H2   H N N 306 
THR HA   H N N 307 
THR HB   H N N 308 
THR HG1  H N N 309 
THR HG21 H N N 310 
THR HG22 H N N 311 
THR HG23 H N N 312 
THR HXT  H N N 313 
TRP N    N N N 314 
TRP CA   C N S 315 
TRP C    C N N 316 
TRP O    O N N 317 
TRP CB   C N N 318 
TRP CG   C Y N 319 
TRP CD1  C Y N 320 
TRP CD2  C Y N 321 
TRP NE1  N Y N 322 
TRP CE2  C Y N 323 
TRP CE3  C Y N 324 
TRP CZ2  C Y N 325 
TRP CZ3  C Y N 326 
TRP CH2  C Y N 327 
TRP OXT  O N N 328 
TRP H    H N N 329 
TRP H2   H N N 330 
TRP HA   H N N 331 
TRP HB2  H N N 332 
TRP HB3  H N N 333 
TRP HD1  H N N 334 
TRP HE1  H N N 335 
TRP HE3  H N N 336 
TRP HZ2  H N N 337 
TRP HZ3  H N N 338 
TRP HH2  H N N 339 
TRP HXT  H N N 340 
TYR N    N N N 341 
TYR CA   C N S 342 
TYR C    C N N 343 
TYR O    O N N 344 
TYR CB   C N N 345 
TYR CG   C Y N 346 
TYR CD1  C Y N 347 
TYR CD2  C Y N 348 
TYR CE1  C Y N 349 
TYR CE2  C Y N 350 
TYR CZ   C Y N 351 
TYR OH   O N N 352 
TYR OXT  O N N 353 
TYR H    H N N 354 
TYR H2   H N N 355 
TYR HA   H N N 356 
TYR HB2  H N N 357 
TYR HB3  H N N 358 
TYR HD1  H N N 359 
TYR HD2  H N N 360 
TYR HE1  H N N 361 
TYR HE2  H N N 362 
TYR HH   H N N 363 
TYR HXT  H N N 364 
VAL N    N N N 365 
VAL CA   C N S 366 
VAL C    C N N 367 
VAL O    O N N 368 
VAL CB   C N N 369 
VAL CG1  C N N 370 
VAL CG2  C N N 371 
VAL OXT  O N N 372 
VAL H    H N N 373 
VAL H2   H N N 374 
VAL HA   H N N 375 
VAL HB   H N N 376 
VAL HG11 H N N 377 
VAL HG12 H N N 378 
VAL HG13 H N N 379 
VAL HG21 H N N 380 
VAL HG22 H N N 381 
VAL HG23 H N N 382 
VAL HXT  H N N 383 
# 
loop_
_chem_comp_bond.comp_id 
_chem_comp_bond.atom_id_1 
_chem_comp_bond.atom_id_2 
_chem_comp_bond.value_order 
_chem_comp_bond.pdbx_aromatic_flag 
_chem_comp_bond.pdbx_stereo_config 
_chem_comp_bond.pdbx_ordinal 
ALA N   CA   sing N N 1   
ALA N   H    sing N N 2   
ALA N   H2   sing N N 3   
ALA CA  C    sing N N 4   
ALA CA  CB   sing N N 5   
ALA CA  HA   sing N N 6   
ALA C   O    doub N N 7   
ALA C   OXT  sing N N 8   
ALA CB  HB1  sing N N 9   
ALA CB  HB2  sing N N 10  
ALA CB  HB3  sing N N 11  
ALA OXT HXT  sing N N 12  
ARG N   CA   sing N N 13  
ARG N   H    sing N N 14  
ARG N   H2   sing N N 15  
ARG CA  C    sing N N 16  
ARG CA  CB   sing N N 17  
ARG CA  HA   sing N N 18  
ARG C   O    doub N N 19  
ARG C   OXT  sing N N 20  
ARG CB  CG   sing N N 21  
ARG CB  HB2  sing N N 22  
ARG CB  HB3  sing N N 23  
ARG CG  CD   sing N N 24  
ARG CG  HG2  sing N N 25  
ARG CG  HG3  sing N N 26  
ARG CD  NE   sing N N 27  
ARG CD  HD2  sing N N 28  
ARG CD  HD3  sing N N 29  
ARG NE  CZ   sing N N 30  
ARG NE  HE   sing N N 31  
ARG CZ  NH1  sing N N 32  
ARG CZ  NH2  doub N N 33  
ARG NH1 HH11 sing N N 34  
ARG NH1 HH12 sing N N 35  
ARG NH2 HH21 sing N N 36  
ARG NH2 HH22 sing N N 37  
ARG OXT HXT  sing N N 38  
ASN N   CA   sing N N 39  
ASN N   H    sing N N 40  
ASN N   H2   sing N N 41  
ASN CA  C    sing N N 42  
ASN CA  CB   sing N N 43  
ASN CA  HA   sing N N 44  
ASN C   O    doub N N 45  
ASN C   OXT  sing N N 46  
ASN CB  CG   sing N N 47  
ASN CB  HB2  sing N N 48  
ASN CB  HB3  sing N N 49  
ASN CG  OD1  doub N N 50  
ASN CG  ND2  sing N N 51  
ASN ND2 HD21 sing N N 52  
ASN ND2 HD22 sing N N 53  
ASN OXT HXT  sing N N 54  
ASP N   CA   sing N N 55  
ASP N   H    sing N N 56  
ASP N   H2   sing N N 57  
ASP CA  C    sing N N 58  
ASP CA  CB   sing N N 59  
ASP CA  HA   sing N N 60  
ASP C   O    doub N N 61  
ASP C   OXT  sing N N 62  
ASP CB  CG   sing N N 63  
ASP CB  HB2  sing N N 64  
ASP CB  HB3  sing N N 65  
ASP CG  OD1  doub N N 66  
ASP CG  OD2  sing N N 67  
ASP OD2 HD2  sing N N 68  
ASP OXT HXT  sing N N 69  
CYS N   CA   sing N N 70  
CYS N   H    sing N N 71  
CYS N   H2   sing N N 72  
CYS CA  C    sing N N 73  
CYS CA  CB   sing N N 74  
CYS CA  HA   sing N N 75  
CYS C   O    doub N N 76  
CYS C   OXT  sing N N 77  
CYS CB  SG   sing N N 78  
CYS CB  HB2  sing N N 79  
CYS CB  HB3  sing N N 80  
CYS SG  HG   sing N N 81  
CYS OXT HXT  sing N N 82  
DMS S   O    doub N N 83  
DMS S   C1   sing N N 84  
DMS S   C2   sing N N 85  
DMS C1  H11  sing N N 86  
DMS C1  H12  sing N N 87  
DMS C1  H13  sing N N 88  
DMS C2  H21  sing N N 89  
DMS C2  H22  sing N N 90  
DMS C2  H23  sing N N 91  
GLN N   CA   sing N N 92  
GLN N   H    sing N N 93  
GLN N   H2   sing N N 94  
GLN CA  C    sing N N 95  
GLN CA  CB   sing N N 96  
GLN CA  HA   sing N N 97  
GLN C   O    doub N N 98  
GLN C   OXT  sing N N 99  
GLN CB  CG   sing N N 100 
GLN CB  HB2  sing N N 101 
GLN CB  HB3  sing N N 102 
GLN CG  CD   sing N N 103 
GLN CG  HG2  sing N N 104 
GLN CG  HG3  sing N N 105 
GLN CD  OE1  doub N N 106 
GLN CD  NE2  sing N N 107 
GLN NE2 HE21 sing N N 108 
GLN NE2 HE22 sing N N 109 
GLN OXT HXT  sing N N 110 
GLU N   CA   sing N N 111 
GLU N   H    sing N N 112 
GLU N   H2   sing N N 113 
GLU CA  C    sing N N 114 
GLU CA  CB   sing N N 115 
GLU CA  HA   sing N N 116 
GLU C   O    doub N N 117 
GLU C   OXT  sing N N 118 
GLU CB  CG   sing N N 119 
GLU CB  HB2  sing N N 120 
GLU CB  HB3  sing N N 121 
GLU CG  CD   sing N N 122 
GLU CG  HG2  sing N N 123 
GLU CG  HG3  sing N N 124 
GLU CD  OE1  doub N N 125 
GLU CD  OE2  sing N N 126 
GLU OE2 HE2  sing N N 127 
GLU OXT HXT  sing N N 128 
GLY N   CA   sing N N 129 
GLY N   H    sing N N 130 
GLY N   H2   sing N N 131 
GLY CA  C    sing N N 132 
GLY CA  HA2  sing N N 133 
GLY CA  HA3  sing N N 134 
GLY C   O    doub N N 135 
GLY C   OXT  sing N N 136 
GLY OXT HXT  sing N N 137 
HIS N   CA   sing N N 138 
HIS N   H    sing N N 139 
HIS N   H2   sing N N 140 
HIS CA  C    sing N N 141 
HIS CA  CB   sing N N 142 
HIS CA  HA   sing N N 143 
HIS C   O    doub N N 144 
HIS C   OXT  sing N N 145 
HIS CB  CG   sing N N 146 
HIS CB  HB2  sing N N 147 
HIS CB  HB3  sing N N 148 
HIS CG  ND1  sing Y N 149 
HIS CG  CD2  doub Y N 150 
HIS ND1 CE1  doub Y N 151 
HIS ND1 HD1  sing N N 152 
HIS CD2 NE2  sing Y N 153 
HIS CD2 HD2  sing N N 154 
HIS CE1 NE2  sing Y N 155 
HIS CE1 HE1  sing N N 156 
HIS NE2 HE2  sing N N 157 
HIS OXT HXT  sing N N 158 
HOH O   H1   sing N N 159 
HOH O   H2   sing N N 160 
LEU N   CA   sing N N 161 
LEU N   H    sing N N 162 
LEU N   H2   sing N N 163 
LEU CA  C    sing N N 164 
LEU CA  CB   sing N N 165 
LEU CA  HA   sing N N 166 
LEU C   O    doub N N 167 
LEU C   OXT  sing N N 168 
LEU CB  CG   sing N N 169 
LEU CB  HB2  sing N N 170 
LEU CB  HB3  sing N N 171 
LEU CG  CD1  sing N N 172 
LEU CG  CD2  sing N N 173 
LEU CG  HG   sing N N 174 
LEU CD1 HD11 sing N N 175 
LEU CD1 HD12 sing N N 176 
LEU CD1 HD13 sing N N 177 
LEU CD2 HD21 sing N N 178 
LEU CD2 HD22 sing N N 179 
LEU CD2 HD23 sing N N 180 
LEU OXT HXT  sing N N 181 
LYS N   CA   sing N N 182 
LYS N   H    sing N N 183 
LYS N   H2   sing N N 184 
LYS CA  C    sing N N 185 
LYS CA  CB   sing N N 186 
LYS CA  HA   sing N N 187 
LYS C   O    doub N N 188 
LYS C   OXT  sing N N 189 
LYS CB  CG   sing N N 190 
LYS CB  HB2  sing N N 191 
LYS CB  HB3  sing N N 192 
LYS CG  CD   sing N N 193 
LYS CG  HG2  sing N N 194 
LYS CG  HG3  sing N N 195 
LYS CD  CE   sing N N 196 
LYS CD  HD2  sing N N 197 
LYS CD  HD3  sing N N 198 
LYS CE  NZ   sing N N 199 
LYS CE  HE2  sing N N 200 
LYS CE  HE3  sing N N 201 
LYS NZ  HZ1  sing N N 202 
LYS NZ  HZ2  sing N N 203 
LYS NZ  HZ3  sing N N 204 
LYS OXT HXT  sing N N 205 
MET N   CA   sing N N 206 
MET N   H    sing N N 207 
MET N   H2   sing N N 208 
MET CA  C    sing N N 209 
MET CA  CB   sing N N 210 
MET CA  HA   sing N N 211 
MET C   O    doub N N 212 
MET C   OXT  sing N N 213 
MET CB  CG   sing N N 214 
MET CB  HB2  sing N N 215 
MET CB  HB3  sing N N 216 
MET CG  SD   sing N N 217 
MET CG  HG2  sing N N 218 
MET CG  HG3  sing N N 219 
MET SD  CE   sing N N 220 
MET CE  HE1  sing N N 221 
MET CE  HE2  sing N N 222 
MET CE  HE3  sing N N 223 
MET OXT HXT  sing N N 224 
PHE N   CA   sing N N 225 
PHE N   H    sing N N 226 
PHE N   H2   sing N N 227 
PHE CA  C    sing N N 228 
PHE CA  CB   sing N N 229 
PHE CA  HA   sing N N 230 
PHE C   O    doub N N 231 
PHE C   OXT  sing N N 232 
PHE CB  CG   sing N N 233 
PHE CB  HB2  sing N N 234 
PHE CB  HB3  sing N N 235 
PHE CG  CD1  doub Y N 236 
PHE CG  CD2  sing Y N 237 
PHE CD1 CE1  sing Y N 238 
PHE CD1 HD1  sing N N 239 
PHE CD2 CE2  doub Y N 240 
PHE CD2 HD2  sing N N 241 
PHE CE1 CZ   doub Y N 242 
PHE CE1 HE1  sing N N 243 
PHE CE2 CZ   sing Y N 244 
PHE CE2 HE2  sing N N 245 
PHE CZ  HZ   sing N N 246 
PHE OXT HXT  sing N N 247 
PRO N   CA   sing N N 248 
PRO N   CD   sing N N 249 
PRO N   H    sing N N 250 
PRO CA  C    sing N N 251 
PRO CA  CB   sing N N 252 
PRO CA  HA   sing N N 253 
PRO C   O    doub N N 254 
PRO C   OXT  sing N N 255 
PRO CB  CG   sing N N 256 
PRO CB  HB2  sing N N 257 
PRO CB  HB3  sing N N 258 
PRO CG  CD   sing N N 259 
PRO CG  HG2  sing N N 260 
PRO CG  HG3  sing N N 261 
PRO CD  HD2  sing N N 262 
PRO CD  HD3  sing N N 263 
PRO OXT HXT  sing N N 264 
SER N   CA   sing N N 265 
SER N   H    sing N N 266 
SER N   H2   sing N N 267 
SER CA  C    sing N N 268 
SER CA  CB   sing N N 269 
SER CA  HA   sing N N 270 
SER C   O    doub N N 271 
SER C   OXT  sing N N 272 
SER CB  OG   sing N N 273 
SER CB  HB2  sing N N 274 
SER CB  HB3  sing N N 275 
SER OG  HG   sing N N 276 
SER OXT HXT  sing N N 277 
SO4 S   O1   doub N N 278 
SO4 S   O2   doub N N 279 
SO4 S   O3   sing N N 280 
SO4 S   O4   sing N N 281 
THR N   CA   sing N N 282 
THR N   H    sing N N 283 
THR N   H2   sing N N 284 
THR CA  C    sing N N 285 
THR CA  CB   sing N N 286 
THR CA  HA   sing N N 287 
THR C   O    doub N N 288 
THR C   OXT  sing N N 289 
THR CB  OG1  sing N N 290 
THR CB  CG2  sing N N 291 
THR CB  HB   sing N N 292 
THR OG1 HG1  sing N N 293 
THR CG2 HG21 sing N N 294 
THR CG2 HG22 sing N N 295 
THR CG2 HG23 sing N N 296 
THR OXT HXT  sing N N 297 
TRP N   CA   sing N N 298 
TRP N   H    sing N N 299 
TRP N   H2   sing N N 300 
TRP CA  C    sing N N 301 
TRP CA  CB   sing N N 302 
TRP CA  HA   sing N N 303 
TRP C   O    doub N N 304 
TRP C   OXT  sing N N 305 
TRP CB  CG   sing N N 306 
TRP CB  HB2  sing N N 307 
TRP CB  HB3  sing N N 308 
TRP CG  CD1  doub Y N 309 
TRP CG  CD2  sing Y N 310 
TRP CD1 NE1  sing Y N 311 
TRP CD1 HD1  sing N N 312 
TRP CD2 CE2  doub Y N 313 
TRP CD2 CE3  sing Y N 314 
TRP NE1 CE2  sing Y N 315 
TRP NE1 HE1  sing N N 316 
TRP CE2 CZ2  sing Y N 317 
TRP CE3 CZ3  doub Y N 318 
TRP CE3 HE3  sing N N 319 
TRP CZ2 CH2  doub Y N 320 
TRP CZ2 HZ2  sing N N 321 
TRP CZ3 CH2  sing Y N 322 
TRP CZ3 HZ3  sing N N 323 
TRP CH2 HH2  sing N N 324 
TRP OXT HXT  sing N N 325 
TYR N   CA   sing N N 326 
TYR N   H    sing N N 327 
TYR N   H2   sing N N 328 
TYR CA  C    sing N N 329 
TYR CA  CB   sing N N 330 
TYR CA  HA   sing N N 331 
TYR C   O    doub N N 332 
TYR C   OXT  sing N N 333 
TYR CB  CG   sing N N 334 
TYR CB  HB2  sing N N 335 
TYR CB  HB3  sing N N 336 
TYR CG  CD1  doub Y N 337 
TYR CG  CD2  sing Y N 338 
TYR CD1 CE1  sing Y N 339 
TYR CD1 HD1  sing N N 340 
TYR CD2 CE2  doub Y N 341 
TYR CD2 HD2  sing N N 342 
TYR CE1 CZ   doub Y N 343 
TYR CE1 HE1  sing N N 344 
TYR CE2 CZ   sing Y N 345 
TYR CE2 HE2  sing N N 346 
TYR CZ  OH   sing N N 347 
TYR OH  HH   sing N N 348 
TYR OXT HXT  sing N N 349 
VAL N   CA   sing N N 350 
VAL N   H    sing N N 351 
VAL N   H2   sing N N 352 
VAL CA  C    sing N N 353 
VAL CA  CB   sing N N 354 
VAL CA  HA   sing N N 355 
VAL C   O    doub N N 356 
VAL C   OXT  sing N N 357 
VAL CB  CG1  sing N N 358 
VAL CB  CG2  sing N N 359 
VAL CB  HB   sing N N 360 
VAL CG1 HG11 sing N N 361 
VAL CG1 HG12 sing N N 362 
VAL CG1 HG13 sing N N 363 
VAL CG2 HG21 sing N N 364 
VAL CG2 HG22 sing N N 365 
VAL CG2 HG23 sing N N 366 
VAL OXT HXT  sing N N 367 
# 
_pdbx_audit_support.funding_organization   'Sigrid Juselius Foundation' 
_pdbx_audit_support.country                Finland 
_pdbx_audit_support.grant_number           ? 
_pdbx_audit_support.ordinal                1 
# 
_atom_sites.entry_id                    6EVP 
_atom_sites.fract_transf_matrix[1][1]   0.01667345 
_atom_sites.fract_transf_matrix[1][2]   -0.00993167 
_atom_sites.fract_transf_matrix[1][3]   0.00798696 
_atom_sites.fract_transf_matrix[2][1]   -0.00254522 
_atom_sites.fract_transf_matrix[2][2]   -0.01415331 
_atom_sites.fract_transf_matrix[2][3]   0.01528594 
_atom_sites.fract_transf_matrix[3][1]   -0.00138731 
_atom_sites.fract_transf_matrix[3][2]   -0.00984667 
_atom_sites.fract_transf_matrix[3][3]   -0.00934807 
_atom_sites.fract_transf_vector[1]      -0.434715 
_atom_sites.fract_transf_vector[2]      0.162757 
_atom_sites.fract_transf_vector[3]      -0.187088 
# 
loop_
_atom_type.symbol 
C 
H 
N 
O 
S 
# 
loop_
_atom_site.group_PDB 
_atom_site.id 
_atom_site.type_symbol 
_atom_site.label_atom_id 
_atom_site.label_alt_id 
_atom_site.label_comp_id 
_atom_site.label_asym_id 
_atom_site.label_entity_id 
_atom_site.label_seq_id 
_atom_site.pdbx_PDB_ins_code 
_atom_site.Cartn_x 
_atom_site.Cartn_y 
_atom_site.Cartn_z 
_atom_site.occupancy 
_atom_site.B_iso_or_equiv 
_atom_site.pdbx_formal_charge 
_atom_site.auth_seq_id 
_atom_site.auth_comp_id 
_atom_site.auth_asym_id 
_atom_site.auth_atom_id 
_atom_site.pdbx_PDB_model_num 
ATOM   1    N N    . MET A 1 8   ? -10.527 14.933  -13.998 1.00 91.63  ? 144 MET A N    1 
ATOM   2    C CA   . MET A 1 8   ? -9.728  14.003  -13.203 1.00 87.36  ? 144 MET A CA   1 
ATOM   3    C C    . MET A 1 8   ? -9.530  12.671  -13.916 1.00 82.26  ? 144 MET A C    1 
ATOM   4    O O    . MET A 1 8   ? -10.201 12.380  -14.908 1.00 87.72  ? 144 MET A O    1 
ATOM   5    C CB   . MET A 1 8   ? -10.380 13.761  -11.842 1.00 88.48  ? 144 MET A CB   1 
ATOM   6    C CG   . MET A 1 8   ? -10.212 14.905  -10.857 1.00 96.86  ? 144 MET A CG   1 
ATOM   7    S SD   . MET A 1 8   ? -9.601  14.356  -9.246  1.00 118.80 ? 144 MET A SD   1 
ATOM   8    C CE   . MET A 1 8   ? -7.871  14.040  -9.607  1.00 88.45  ? 144 MET A CE   1 
ATOM   9    H H    . MET A 1 8   ? -11.168 14.560  -14.432 1.00 109.96 ? 144 MET A H    1 
ATOM   10   H HA   . MET A 1 8   ? -8.857  14.402  -13.044 1.00 104.84 ? 144 MET A HA   1 
ATOM   11   H HB2  . MET A 1 8   ? -11.331 13.620  -11.973 1.00 106.18 ? 144 MET A HB2  1 
ATOM   12   H HB3  . MET A 1 8   ? -9.984  12.968  -11.444 1.00 106.18 ? 144 MET A HB3  1 
ATOM   13   H HG2  . MET A 1 8   ? -9.576  15.542  -11.219 1.00 116.23 ? 144 MET A HG2  1 
ATOM   14   H HG3  . MET A 1 8   ? -11.072 15.334  -10.722 1.00 116.23 ? 144 MET A HG3  1 
ATOM   15   H HE1  . MET A 1 8   ? -7.431  13.733  -8.799  1.00 106.14 ? 144 MET A HE1  1 
ATOM   16   H HE2  . MET A 1 8   ? -7.812  13.358  -10.296 1.00 106.14 ? 144 MET A HE2  1 
ATOM   17   H HE3  . MET A 1 8   ? -7.459  14.861  -9.918  1.00 106.14 ? 144 MET A HE3  1 
ATOM   18   N N    . LEU A 1 9   ? -8.607  11.867  -13.393 1.00 75.33  ? 145 LEU A N    1 
ATOM   19   C CA   . LEU A 1 9   ? -8.235  10.590  -13.980 1.00 62.80  ? 145 LEU A CA   1 
ATOM   20   C C    . LEU A 1 9   ? -9.085  9.459   -13.412 1.00 54.28  ? 145 LEU A C    1 
ATOM   21   O O    . LEU A 1 9   ? -9.680  9.572   -12.339 1.00 65.99  ? 145 LEU A O    1 
ATOM   22   C CB   . LEU A 1 9   ? -6.758  10.289  -13.713 1.00 59.81  ? 145 LEU A CB   1 
ATOM   23   C CG   . LEU A 1 9   ? -5.702  11.163  -14.392 1.00 59.14  ? 145 LEU A CG   1 
ATOM   24   C CD1  . LEU A 1 9   ? -4.425  11.185  -13.575 1.00 59.28  ? 145 LEU A CD1  1 
ATOM   25   C CD2  . LEU A 1 9   ? -5.406  10.641  -15.789 1.00 71.02  ? 145 LEU A CD2  1 
ATOM   26   H H    . LEU A 1 9   ? -8.171  12.050  -12.675 1.00 90.39  ? 145 LEU A H    1 
ATOM   27   H HA   . LEU A 1 9   ? -8.372  10.624  -14.939 1.00 75.37  ? 145 LEU A HA   1 
ATOM   28   H HB2  . LEU A 1 9   ? -6.608  10.362  -12.757 1.00 71.77  ? 145 LEU A HB2  1 
ATOM   29   H HB3  . LEU A 1 9   ? -6.586  9.376   -13.991 1.00 71.77  ? 145 LEU A HB3  1 
ATOM   30   H HG   . LEU A 1 9   ? -6.034  12.071  -14.468 1.00 70.97  ? 145 LEU A HG   1 
ATOM   31   H HD11 . LEU A 1 9   ? -3.772  11.744  -14.026 1.00 71.13  ? 145 LEU A HD11 1 
ATOM   32   H HD12 . LEU A 1 9   ? -4.619  11.545  -12.696 1.00 71.13  ? 145 LEU A HD12 1 
ATOM   33   H HD13 . LEU A 1 9   ? -4.086  10.280  -13.495 1.00 71.13  ? 145 LEU A HD13 1 
ATOM   34   H HD21 . LEU A 1 9   ? -4.735  11.207  -16.202 1.00 85.23  ? 145 LEU A HD21 1 
ATOM   35   H HD22 . LEU A 1 9   ? -5.075  9.731   -15.721 1.00 85.23  ? 145 LEU A HD22 1 
ATOM   36   H HD23 . LEU A 1 9   ? -6.222  10.659  -16.312 1.00 85.23  ? 145 LEU A HD23 1 
ATOM   37   N N    . SER A 1 10  ? -9.088  8.343   -14.126 1.00 56.49  ? 146 SER A N    1 
ATOM   38   C CA   . SER A 1 10  ? -9.801  7.158   -13.683 1.00 56.32  ? 146 SER A CA   1 
ATOM   39   C C    . SER A 1 10  ? -9.005  6.405   -12.620 1.00 61.65  ? 146 SER A C    1 
ATOM   40   O O    . SER A 1 10  ? -7.791  6.576   -12.464 1.00 53.91  ? 146 SER A O    1 
ATOM   41   C CB   . SER A 1 10  ? -10.089 6.223   -14.854 1.00 58.33  ? 146 SER A CB   1 
ATOM   42   O OG   . SER A 1 10  ? -9.044  5.278   -15.044 1.00 61.08  ? 146 SER A OG   1 
ATOM   43   H H    . SER A 1 10  ? -8.679  8.247   -14.877 1.00 67.79  ? 146 SER A H    1 
ATOM   44   H HA   . SER A 1 10  ? -10.649 7.423   -13.294 1.00 67.58  ? 146 SER A HA   1 
ATOM   45   H HB2  . SER A 1 10  ? -10.914 5.745   -14.677 1.00 70.00  ? 146 SER A HB2  1 
ATOM   46   H HB3  . SER A 1 10  ? -10.183 6.753   -15.661 1.00 70.00  ? 146 SER A HB3  1 
ATOM   47   H HG   . SER A 1 10  ? -9.226  4.777   -15.694 1.00 73.30  ? 146 SER A HG   1 
ATOM   48   N N    . VAL A 1 11  ? -9.723  5.557   -11.884 1.00 58.04  ? 147 VAL A N    1 
ATOM   49   C CA   . VAL A 1 11  ? -9.116  4.780   -10.808 1.00 59.80  ? 147 VAL A CA   1 
ATOM   50   C C    . VAL A 1 11  ? -7.913  4.006   -11.328 1.00 56.24  ? 147 VAL A C    1 
ATOM   51   O O    . VAL A 1 11  ? -6.845  3.998   -10.710 1.00 46.67  ? 147 VAL A O    1 
ATOM   52   C CB   . VAL A 1 11  ? -10.162 3.846   -10.173 1.00 61.78  ? 147 VAL A CB   1 
ATOM   53   C CG1  . VAL A 1 11  ? -9.506  2.879   -9.211  1.00 62.84  ? 147 VAL A CG1  1 
ATOM   54   C CG2  . VAL A 1 11  ? -11.224 4.668   -9.448  1.00 68.01  ? 147 VAL A CG2  1 
ATOM   55   H H    . VAL A 1 11  ? -10.564 5.413   -11.989 1.00 69.64  ? 147 VAL A H    1 
ATOM   56   H HA   . VAL A 1 11  ? -8.803  5.388   -10.120 1.00 71.76  ? 147 VAL A HA   1 
ATOM   57   H HB   . VAL A 1 11  ? -10.599 3.333   -10.871 1.00 74.14  ? 147 VAL A HB   1 
ATOM   58   H HG11 . VAL A 1 11  ? -10.187 2.305   -8.827  1.00 75.41  ? 147 VAL A HG11 1 
ATOM   59   H HG12 . VAL A 1 11  ? -8.857  2.344   -9.694  1.00 75.41  ? 147 VAL A HG12 1 
ATOM   60   H HG13 . VAL A 1 11  ? -9.064  3.382   -8.510  1.00 75.41  ? 147 VAL A HG13 1 
ATOM   61   H HG21 . VAL A 1 11  ? -11.875 4.066   -9.054  1.00 81.61  ? 147 VAL A HG21 1 
ATOM   62   H HG22 . VAL A 1 11  ? -10.797 5.193   -8.753  1.00 81.61  ? 147 VAL A HG22 1 
ATOM   63   H HG23 . VAL A 1 11  ? -11.660 5.254   -10.085 1.00 81.61  ? 147 VAL A HG23 1 
ATOM   64   N N    . ASP A 1 12  ? -8.061  3.336   -12.473 1.00 49.18  ? 148 ASP A N    1 
ATOM   65   C CA   . ASP A 1 12  ? -6.951  2.530   -12.955 1.00 47.44  ? 148 ASP A CA   1 
ATOM   66   C C    . ASP A 1 12  ? -5.818  3.407   -13.489 1.00 41.67  ? 148 ASP A C    1 
ATOM   67   O O    . ASP A 1 12  ? -4.644  3.031   -13.379 1.00 45.17  ? 148 ASP A O    1 
ATOM   68   C CB   . ASP A 1 12  ? -7.452  1.532   -14.012 1.00 59.19  ? 148 ASP A CB   1 
ATOM   69   C CG   . ASP A 1 12  ? -8.203  0.338   -13.389 1.00 69.62  ? 148 ASP A CG   1 
ATOM   70   O OD1  . ASP A 1 12  ? -7.736  -0.204  -12.358 1.00 65.10  ? 148 ASP A OD1  1 
ATOM   71   O OD2  . ASP A 1 12  ? -9.263  -0.063  -13.926 1.00 72.61  ? 148 ASP A OD2  1 
ATOM   72   H H    . ASP A 1 12  ? -8.763  3.333   -12.969 1.00 59.02  ? 148 ASP A H    1 
ATOM   73   H HA   . ASP A 1 12  ? -6.597  2.016   -12.212 1.00 56.93  ? 148 ASP A HA   1 
ATOM   74   H HB2  . ASP A 1 12  ? -8.061  1.988   -14.615 1.00 71.03  ? 148 ASP A HB2  1 
ATOM   75   H HB3  . ASP A 1 12  ? -6.693  1.185   -14.505 1.00 71.03  ? 148 ASP A HB3  1 
ATOM   76   N N    . ASP A 1 13  ? -6.131  4.569   -14.066 1.00 47.30  ? 149 ASP A N    1 
ATOM   77   C CA   . ASP A 1 13  ? -5.077  5.504   -14.455 1.00 49.81  ? 149 ASP A CA   1 
ATOM   78   C C    . ASP A 1 13  ? -4.285  5.971   -13.226 1.00 38.54  ? 149 ASP A C    1 
ATOM   79   O O    . ASP A 1 13  ? -3.051  5.960   -13.231 1.00 40.51  ? 149 ASP A O    1 
ATOM   80   C CB   . ASP A 1 13  ? -5.669  6.702   -15.200 1.00 52.43  ? 149 ASP A CB   1 
ATOM   81   C CG   . ASP A 1 13  ? -6.325  6.317   -16.534 1.00 68.90  ? 149 ASP A CG   1 
ATOM   82   O OD1  . ASP A 1 13  ? -5.989  5.256   -17.115 1.00 62.63  ? 149 ASP A OD1  1 
ATOM   83   O OD2  . ASP A 1 13  ? -7.174  7.100   -17.009 1.00 68.32  ? 149 ASP A OD2  1 
ATOM   84   H H    . ASP A 1 13  ? -6.931  4.833   -14.239 1.00 56.76  ? 149 ASP A H    1 
ATOM   85   H HA   . ASP A 1 13  ? -4.462  5.053   -15.054 1.00 59.77  ? 149 ASP A HA   1 
ATOM   86   H HB2  . ASP A 1 13  ? -6.346  7.117   -14.643 1.00 62.92  ? 149 ASP A HB2  1 
ATOM   87   H HB3  . ASP A 1 13  ? -4.961  7.338   -15.388 1.00 62.92  ? 149 ASP A HB3  1 
ATOM   88   N N    . CYS A 1 14  ? -4.981  6.364   -12.164 1.00 43.05  ? 150 CYS A N    1 
ATOM   89   C CA   . CYS A 1 14  ? -4.292  6.787   -10.937 1.00 40.02  ? 150 CYS A CA   1 
ATOM   90   C C    . CYS A 1 14  ? -3.433  5.661   -10.384 1.00 37.76  ? 150 CYS A C    1 
ATOM   91   O O    . CYS A 1 14  ? -2.292  5.877   -9.938  1.00 36.65  ? 150 CYS A O    1 
ATOM   92   C CB   . CYS A 1 14  ? -5.317  7.238   -9.896  1.00 46.58  ? 150 CYS A CB   1 
ATOM   93   S SG   . CYS A 1 14  ? -6.009  8.825   -10.238 1.00 52.87  ? 150 CYS A SG   1 
ATOM   94   H H    . CYS A 1 14  ? -5.839  6.397   -12.122 1.00 51.66  ? 150 CYS A H    1 
ATOM   95   H HA   . CYS A 1 14  ? -3.713  7.538   -11.139 1.00 48.03  ? 150 CYS A HA   1 
ATOM   96   H HB2  . CYS A 1 14  ? -6.042  6.596   -9.870  1.00 55.89  ? 150 CYS A HB2  1 
ATOM   97   H HB3  . CYS A 1 14  ? -4.884  7.282   -9.028  1.00 55.89  ? 150 CYS A HB3  1 
ATOM   98   H HG   . CYS A 1 14  ? -6.798  9.101   -9.377  1.00 63.45  ? 150 CYS A HG   1 
ATOM   99   N N    . PHE A 1 15  ? -3.988  4.450   -10.335 1.00 35.54  ? 151 PHE A N    1 
ATOM   100  C CA   . PHE A 1 15  ? -3.201  3.305   -9.898  1.00 38.74  ? 151 PHE A CA   1 
ATOM   101  C C    . PHE A 1 15  ? -1.933  3.170   -10.725 1.00 36.38  ? 151 PHE A C    1 
ATOM   102  O O    . PHE A 1 15  ? -0.860  2.893   -10.186 1.00 34.36  ? 151 PHE A O    1 
ATOM   103  C CB   . PHE A 1 15  ? -4.015  2.009   -9.979  1.00 37.19  ? 151 PHE A CB   1 
ATOM   104  C CG   . PHE A 1 15  ? -3.267  0.806   -9.495  1.00 37.53  ? 151 PHE A CG   1 
ATOM   105  C CD1  . PHE A 1 15  ? -2.939  0.669   -8.166  1.00 37.75  ? 151 PHE A CD1  1 
ATOM   106  C CD2  . PHE A 1 15  ? -2.928  -0.220  -10.355 1.00 40.83  ? 151 PHE A CD2  1 
ATOM   107  C CE1  . PHE A 1 15  ? -2.241  -0.436  -7.705  1.00 33.60  ? 151 PHE A CE1  1 
ATOM   108  C CE2  . PHE A 1 15  ? -2.245  -1.346  -9.899  1.00 41.85  ? 151 PHE A CE2  1 
ATOM   109  C CZ   . PHE A 1 15  ? -1.909  -1.469  -8.582  1.00 42.29  ? 151 PHE A CZ   1 
ATOM   110  H H    . PHE A 1 15  ? -4.801  4.270   -10.547 1.00 42.65  ? 151 PHE A H    1 
ATOM   111  H HA   . PHE A 1 15  ? -2.941  3.438   -8.973  1.00 46.49  ? 151 PHE A HA   1 
ATOM   112  H HB2  . PHE A 1 15  ? -4.812  2.103   -9.434  1.00 44.63  ? 151 PHE A HB2  1 
ATOM   113  H HB3  . PHE A 1 15  ? -4.265  1.851   -10.904 1.00 44.63  ? 151 PHE A HB3  1 
ATOM   114  H HD1  . PHE A 1 15  ? -3.157  1.349   -7.571  1.00 45.30  ? 151 PHE A HD1  1 
ATOM   115  H HD2  . PHE A 1 15  ? -3.152  -0.154  -11.256 1.00 48.99  ? 151 PHE A HD2  1 
ATOM   116  H HE1  . PHE A 1 15  ? -2.026  -0.506  -6.803  1.00 40.32  ? 151 PHE A HE1  1 
ATOM   117  H HE2  . PHE A 1 15  ? -2.019  -2.022  -10.497 1.00 50.22  ? 151 PHE A HE2  1 
ATOM   118  H HZ   . PHE A 1 15  ? -1.446  -2.217  -8.279  1.00 50.74  ? 151 PHE A HZ   1 
ATOM   119  N N    . GLY A 1 16  ? -2.047  3.295   -12.055 1.00 38.28  ? 152 GLY A N    1 
ATOM   120  C CA   . GLY A 1 16  ? -0.871  3.161   -12.893 1.00 36.82  ? 152 GLY A CA   1 
ATOM   121  C C    . GLY A 1 16  ? 0.133   4.274   -12.672 1.00 33.92  ? 152 GLY A C    1 
ATOM   122  O O    . GLY A 1 16  ? 1.343   4.024   -12.681 1.00 34.83  ? 152 GLY A O    1 
ATOM   123  H H    . GLY A 1 16  ? -2.779  3.454   -12.478 1.00 45.94  ? 152 GLY A H    1 
ATOM   124  H HA2  . GLY A 1 16  ? -0.437  2.315   -12.706 1.00 44.19  ? 152 GLY A HA2  1 
ATOM   125  H HA3  . GLY A 1 16  ? -1.138  3.169   -13.826 1.00 44.19  ? 152 GLY A HA3  1 
ATOM   126  N N    . MET A 1 17  ? -0.364  5.485   -12.380 1.00 36.32  ? 153 MET A N    1 
ATOM   127  C CA   . MET A 1 17  ? 0.504   6.596   -11.956 1.00 35.42  ? 153 MET A CA   1 
ATOM   128  C C    . MET A 1 17  ? 1.229   6.251   -10.662 1.00 33.71  ? 153 MET A C    1 
ATOM   129  O O    . MET A 1 17  ? 2.425   6.499   -10.524 1.00 33.77  ? 153 MET A O    1 
ATOM   130  C CB   . MET A 1 17  ? -0.321  7.875   -11.779 1.00 36.55  ? 153 MET A CB   1 
ATOM   131  C CG   . MET A 1 17  ? -0.968  8.515   -13.024 1.00 43.77  ? 153 MET A CG   1 
ATOM   132  S SD   . MET A 1 17  ? 0.277   9.260   -14.105 1.00 45.00  ? 153 MET A SD   1 
ATOM   133  C CE   . MET A 1 17  ? -0.821  9.885   -15.364 1.00 53.98  ? 153 MET A CE   1 
ATOM   134  H H    . MET A 1 17  ? -1.198  5.689   -12.418 1.00 43.59  ? 153 MET A H    1 
ATOM   135  H HA   . MET A 1 17  ? 1.161   6.761   -12.649 1.00 42.51  ? 153 MET A HA   1 
ATOM   136  H HB2  . MET A 1 17  ? -1.041  7.680   -11.159 1.00 43.86  ? 153 MET A HB2  1 
ATOM   137  H HB3  . MET A 1 17  ? 0.257   8.548   -11.387 1.00 43.86  ? 153 MET A HB3  1 
ATOM   138  H HG2  . MET A 1 17  ? -1.439  7.833   -13.527 1.00 52.53  ? 153 MET A HG2  1 
ATOM   139  H HG3  . MET A 1 17  ? -1.583  9.211   -12.744 1.00 52.53  ? 153 MET A HG3  1 
ATOM   140  H HE1  . MET A 1 17  ? -0.296  10.331  -16.047 1.00 64.77  ? 153 MET A HE1  1 
ATOM   141  H HE2  . MET A 1 17  ? -1.309  9.143   -15.754 1.00 64.77  ? 153 MET A HE2  1 
ATOM   142  H HE3  . MET A 1 17  ? -1.440  10.513  -14.960 1.00 64.77  ? 153 MET A HE3  1 
ATOM   143  N N    . GLY A 1 18  ? 0.512   5.696   -9.681  1.00 30.76  ? 154 GLY A N    1 
ATOM   144  C CA   . GLY A 1 18  ? 1.163   5.314   -8.428  1.00 34.39  ? 154 GLY A CA   1 
ATOM   145  C C    . GLY A 1 18  ? 2.203   4.226   -8.605  1.00 31.89  ? 154 GLY A C    1 
ATOM   146  O O    . GLY A 1 18  ? 3.251   4.245   -7.958  1.00 35.36  ? 154 GLY A O    1 
ATOM   147  H H    . GLY A 1 18  ? -0.331  5.534   -9.715  1.00 36.91  ? 154 GLY A H    1 
ATOM   148  H HA2  . GLY A 1 18  ? 1.597   6.091   -8.041  1.00 41.27  ? 154 GLY A HA2  1 
ATOM   149  H HA3  . GLY A 1 18  ? 0.493   4.997   -7.802  1.00 41.27  ? 154 GLY A HA3  1 
ATOM   150  N N    . ARG A 1 19  ? 1.919   3.233   -9.469  1.00 32.73  ? 155 ARG A N    1 
ATOM   151  C CA   . ARG A 1 19  ? 2.894   2.178   -9.714  1.00 32.11  ? 155 ARG A CA   1 
ATOM   152  C C    . ARG A 1 19  ? 4.105   2.732   -10.474 1.00 31.85  ? 155 ARG A C    1 
ATOM   153  O O    . ARG A 1 19  ? 5.246   2.378   -10.163 1.00 36.71  ? 155 ARG A O    1 
ATOM   154  C CB   . ARG A 1 19  ? 2.216   1.010   -10.467 1.00 35.66  ? 155 ARG A CB   1 
ATOM   155  C CG   . ARG A 1 19  ? 2.939   -0.292  -10.264 1.00 54.64  ? 155 ARG A CG   1 
ATOM   156  C CD   . ARG A 1 19  ? 1.962   -1.441  -10.378 1.00 62.05  ? 155 ARG A CD   1 
ATOM   157  N NE   . ARG A 1 19  ? 1.180   -1.307  -11.582 1.00 60.70  ? 155 ARG A NE   1 
ATOM   158  C CZ   . ARG A 1 19  ? 1.636   -1.635  -12.780 1.00 69.82  ? 155 ARG A CZ   1 
ATOM   159  N NH1  . ARG A 1 19  ? 2.871   -2.115  -12.909 1.00 69.87  ? 155 ARG A NH1  1 
ATOM   160  N NH2  . ARG A 1 19  ? 0.859   -1.482  -13.841 1.00 73.85  ? 155 ARG A NH2  1 
ATOM   161  H H    . ARG A 1 19  ? 1.185   3.157   -9.911  1.00 39.28  ? 155 ARG A H    1 
ATOM   162  H HA   . ARG A 1 19  ? 3.210   1.839   -8.862  1.00 38.53  ? 155 ARG A HA   1 
ATOM   163  H HB2  . ARG A 1 19  ? 1.309   0.906   -10.140 1.00 42.79  ? 155 ARG A HB2  1 
ATOM   164  H HB3  . ARG A 1 19  ? 2.208   1.206   -11.416 1.00 42.79  ? 155 ARG A HB3  1 
ATOM   165  H HG2  . ARG A 1 19  ? 3.620   -0.396  -10.947 1.00 65.57  ? 155 ARG A HG2  1 
ATOM   166  H HG3  . ARG A 1 19  ? 3.337   -0.310  -9.380  1.00 65.57  ? 155 ARG A HG3  1 
ATOM   167  H HD2  . ARG A 1 19  ? 2.448   -2.280  -10.417 1.00 74.46  ? 155 ARG A HD2  1 
ATOM   168  H HD3  . ARG A 1 19  ? 1.360   -1.432  -9.617  1.00 74.46  ? 155 ARG A HD3  1 
ATOM   169  H HE   . ARG A 1 19  ? 0.448   -0.859  -11.538 1.00 72.83  ? 155 ARG A HE   1 
ATOM   170  H HH11 . ARG A 1 19  ? 3.370   -2.211  -12.215 1.00 83.84  ? 155 ARG A HH11 1 
ATOM   171  H HH12 . ARG A 1 19  ? 3.171   -2.330  -13.687 1.00 83.84  ? 155 ARG A HH12 1 
ATOM   172  H HH21 . ARG A 1 19  ? 0.062   -1.171  -13.748 1.00 88.62  ? 155 ARG A HH21 1 
ATOM   173  H HH22 . ARG A 1 19  ? 1.149   -1.694  -14.622 1.00 88.62  ? 155 ARG A HH22 1 
ATOM   174  N N    . SER A 1 20  ? 3.870   3.687   -11.366 1.00 34.25  ? 156 SER A N    1 
ATOM   175  C CA   . SER A 1 20  ? 4.960   4.378   -12.066 1.00 36.29  ? 156 SER A CA   1 
ATOM   176  C C    . SER A 1 20  ? 5.884   5.087   -11.095 1.00 40.75  ? 156 SER A C    1 
ATOM   177  O O    . SER A 1 20  ? 7.112   4.954   -11.158 1.00 40.54  ? 156 SER A O    1 
ATOM   178  C CB   . SER A 1 20  ? 4.367   5.358   -13.079 1.00 40.10  ? 156 SER A CB   1 
ATOM   179  O OG   . SER A 1 20  ? 5.369   6.152   -13.730 1.00 45.46  ? 156 SER A OG   1 
ATOM   180  H H    . SER A 1 20  ? 3.085   3.960   -11.587 1.00 41.10  ? 156 SER A H    1 
ATOM   181  H HA   . SER A 1 20  ? 5.485   3.725   -12.554 1.00 43.55  ? 156 SER A HA   1 
ATOM   182  H HB2  . SER A 1 20  ? 3.886   4.853   -13.753 1.00 48.12  ? 156 SER A HB2  1 
ATOM   183  H HB3  . SER A 1 20  ? 3.755   5.950   -12.615 1.00 48.12  ? 156 SER A HB3  1 
ATOM   184  H HG   . SER A 1 20  ? 5.008   6.677   -14.277 1.00 54.55  ? 156 SER A HG   1 
ATOM   185  N N    . ALA A 1 21  ? 5.306   5.842   -10.164 1.00 34.92  ? 157 ALA A N    1 
ATOM   186  C CA   . ALA A 1 21  ? 6.130   6.512   -9.170  1.00 36.07  ? 157 ALA A CA   1 
ATOM   187  C C    . ALA A 1 21  ? 6.889   5.513   -8.302  1.00 37.26  ? 157 ALA A C    1 
ATOM   188  O O    . ALA A 1 21  ? 8.065   5.722   -7.972  1.00 40.00  ? 157 ALA A O    1 
ATOM   189  C CB   . ALA A 1 21  ? 5.242   7.420   -8.305  1.00 35.30  ? 157 ALA A CB   1 
ATOM   190  H H    . ALA A 1 21  ? 4.460   5.978   -10.089 1.00 41.91  ? 157 ALA A H    1 
ATOM   191  H HA   . ALA A 1 21  ? 6.780   7.071   -9.623  1.00 43.28  ? 157 ALA A HA   1 
ATOM   192  H HB1  . ALA A 1 21  ? 5.795   7.864   -7.643  1.00 42.36  ? 157 ALA A HB1  1 
ATOM   193  H HB2  . ALA A 1 21  ? 4.813   8.077   -8.874  1.00 42.36  ? 157 ALA A HB2  1 
ATOM   194  H HB3  . ALA A 1 21  ? 4.571   6.876   -7.863  1.00 42.36  ? 157 ALA A HB3  1 
ATOM   195  N N    . TYR A 1 22  ? 6.223   4.432   -7.884  1.00 38.14  ? 158 TYR A N    1 
ATOM   196  C CA   . TYR A 1 22  ? 6.872   3.429   -7.051  1.00 36.06  ? 158 TYR A CA   1 
ATOM   197  C C    . TYR A 1 22  ? 8.077   2.821   -7.769  1.00 39.27  ? 158 TYR A C    1 
ATOM   198  O O    . TYR A 1 22  ? 9.114   2.560   -7.153  1.00 43.56  ? 158 TYR A O    1 
ATOM   199  C CB   . TYR A 1 22  ? 5.852   2.332   -6.715  1.00 40.74  ? 158 TYR A CB   1 
ATOM   200  C CG   . TYR A 1 22  ? 6.378   1.191   -5.879  1.00 37.35  ? 158 TYR A CG   1 
ATOM   201  C CD1  . TYR A 1 22  ? 6.424   1.267   -4.512  1.00 37.41  ? 158 TYR A CD1  1 
ATOM   202  C CD2  . TYR A 1 22  ? 6.765   -0.006  -6.481  1.00 40.42  ? 158 TYR A CD2  1 
ATOM   203  C CE1  . TYR A 1 22  ? 6.879   0.232   -3.746  1.00 41.49  ? 158 TYR A CE1  1 
ATOM   204  C CE2  . TYR A 1 22  ? 7.231   -1.045  -5.717  1.00 38.63  ? 158 TYR A CE2  1 
ATOM   205  C CZ   . TYR A 1 22  ? 7.276   -0.931  -4.360  1.00 44.36  ? 158 TYR A CZ   1 
ATOM   206  O OH   . TYR A 1 22  ? 7.723   -1.960  -3.587  1.00 46.34  ? 158 TYR A OH   1 
ATOM   207  H H    . TYR A 1 22  ? 5.401   4.260   -8.070  1.00 45.77  ? 158 TYR A H    1 
ATOM   208  H HA   . TYR A 1 22  ? 7.176   3.836   -6.224  1.00 43.27  ? 158 TYR A HA   1 
ATOM   209  H HB2  . TYR A 1 22  ? 5.117   2.736   -6.227  1.00 48.89  ? 158 TYR A HB2  1 
ATOM   210  H HB3  . TYR A 1 22  ? 5.521   1.955   -7.545  1.00 48.89  ? 158 TYR A HB3  1 
ATOM   211  H HD1  . TYR A 1 22  ? 6.157   2.054   -4.094  1.00 44.89  ? 158 TYR A HD1  1 
ATOM   212  H HD2  . TYR A 1 22  ? 6.738   -0.088  -7.407  1.00 48.51  ? 158 TYR A HD2  1 
ATOM   213  H HE1  . TYR A 1 22  ? 6.913   0.311   -2.820  1.00 49.79  ? 158 TYR A HE1  1 
ATOM   214  H HE2  . TYR A 1 22  ? 7.497   -1.838  -6.125  1.00 46.35  ? 158 TYR A HE2  1 
ATOM   215  H HH   . TYR A 1 22  ? 7.935   -2.612  -4.072  1.00 55.60  ? 158 TYR A HH   1 
ATOM   216  N N    . ASN A 1 23  ? 7.931   2.579   -9.056  1.00 42.68  ? 159 ASN A N    1 
ATOM   217  C CA   . ASN A 1 23  ? 8.982   1.911   -9.811  1.00 50.09  ? 159 ASN A CA   1 
ATOM   218  C C    . ASN A 1 23  ? 10.144  2.864   -10.082 1.00 60.75  ? 159 ASN A C    1 
ATOM   219  O O    . ASN A 1 23  ? 11.283  2.410   -10.227 1.00 57.43  ? 159 ASN A O    1 
ATOM   220  C CB   . ASN A 1 23  ? 8.378   1.320   -11.088 1.00 50.00  ? 159 ASN A CB   1 
ATOM   221  C CG   . ASN A 1 23  ? 7.491   0.076   -10.814 1.00 49.86  ? 159 ASN A CG   1 
ATOM   222  O OD1  . ASN A 1 23  ? 7.646   -0.604  -9.805  1.00 50.34  ? 159 ASN A OD1  1 
ATOM   223  N ND2  . ASN A 1 23  ? 6.581   -0.218  -11.729 1.00 57.21  ? 159 ASN A ND2  1 
ATOM   224  H H    . ASN A 1 23  ? 7.238   2.788   -9.519  1.00 51.22  ? 159 ASN A H    1 
ATOM   225  H HA   . ASN A 1 23  ? 9.325   1.175   -9.281  1.00 60.11  ? 159 ASN A HA   1 
ATOM   226  H HB2  . ASN A 1 23  ? 7.827   1.992   -11.519 1.00 60.00  ? 159 ASN A HB2  1 
ATOM   227  H HB3  . ASN A 1 23  ? 9.097   1.050   -11.682 1.00 60.00  ? 159 ASN A HB3  1 
ATOM   228  H HD21 . ASN A 1 23  ? 6.066   -0.898  -11.621 1.00 68.66  ? 159 ASN A HD21 1 
ATOM   229  H HD22 . ASN A 1 23  ? 6.506   0.272   -12.432 1.00 68.66  ? 159 ASN A HD22 1 
ATOM   230  N N    . GLU A 1 24  ? 9.895   4.180   -10.095 1.00 51.65  ? 160 GLU A N    1 
ATOM   231  C CA   . GLU A 1 24  ? 10.976  5.162   -10.079 1.00 56.10  ? 160 GLU A CA   1 
ATOM   232  C C    . GLU A 1 24  ? 11.582  5.368   -8.697  1.00 52.93  ? 160 GLU A C    1 
ATOM   233  O O    . GLU A 1 24  ? 12.494  6.189   -8.558  1.00 63.18  ? 160 GLU A O    1 
ATOM   234  C CB   . GLU A 1 24  ? 10.475  6.507   -10.602 1.00 53.04  ? 160 GLU A CB   1 
ATOM   235  C CG   . GLU A 1 24  ? 9.892   6.457   -11.993 1.00 47.91  ? 160 GLU A CG   1 
ATOM   236  C CD   . GLU A 1 24  ? 10.919  6.121   -13.068 1.00 65.95  ? 160 GLU A CD   1 
ATOM   237  O OE1  . GLU A 1 24  ? 12.122  6.402   -12.873 1.00 71.49  ? 160 GLU A OE1  1 
ATOM   238  O OE2  . GLU A 1 24  ? 10.521  5.565   -14.107 1.00 71.62  ? 160 GLU A OE2  1 
ATOM   239  H H    . GLU A 1 24  ? 9.107   4.525   -10.114 1.00 61.99  ? 160 GLU A H    1 
ATOM   240  H HA   . GLU A 1 24  ? 11.683  4.859   -10.670 1.00 67.32  ? 160 GLU A HA   1 
ATOM   241  H HB2  . GLU A 1 24  ? 9.783   6.834   -10.004 1.00 63.65  ? 160 GLU A HB2  1 
ATOM   242  H HB3  . GLU A 1 24  ? 11.216  7.132   -10.615 1.00 63.65  ? 160 GLU A HB3  1 
ATOM   243  H HG2  . GLU A 1 24  ? 9.200   5.777   -12.019 1.00 57.50  ? 160 GLU A HG2  1 
ATOM   244  H HG3  . GLU A 1 24  ? 9.511   7.324   -12.205 1.00 57.50  ? 160 GLU A HG3  1 
ATOM   245  N N    . GLY A 1 25  ? 11.097  4.675   -7.669  1.00 51.07  ? 161 GLY A N    1 
ATOM   246  C CA   . GLY A 1 25  ? 11.576  4.897   -6.319  1.00 47.40  ? 161 GLY A CA   1 
ATOM   247  C C    . GLY A 1 25  ? 11.053  6.151   -5.653  1.00 51.53  ? 161 GLY A C    1 
ATOM   248  O O    . GLY A 1 25  ? 11.599  6.579   -4.632  1.00 54.47  ? 161 GLY A O    1 
ATOM   249  H H    . GLY A 1 25  ? 10.491  4.069   -7.732  1.00 61.29  ? 161 GLY A H    1 
ATOM   250  H HA2  . GLY A 1 25  ? 11.324  4.140   -5.767  1.00 56.88  ? 161 GLY A HA2  1 
ATOM   251  H HA3  . GLY A 1 25  ? 12.544  4.949   -6.334  1.00 56.88  ? 161 GLY A HA3  1 
ATOM   252  N N    . ASP A 1 26  ? 9.987   6.740   -6.186  1.00 46.36  ? 162 ASP A N    1 
ATOM   253  C CA   . ASP A 1 26  ? 9.417   7.975   -5.666  1.00 35.69  ? 162 ASP A CA   1 
ATOM   254  C C    . ASP A 1 26  ? 8.252   7.649   -4.724  1.00 43.64  ? 162 ASP A C    1 
ATOM   255  O O    . ASP A 1 26  ? 7.081   7.610   -5.126  1.00 38.26  ? 162 ASP A O    1 
ATOM   256  C CB   . ASP A 1 26  ? 8.985   8.855   -6.823  1.00 37.58  ? 162 ASP A CB   1 
ATOM   257  C CG   . ASP A 1 26  ? 8.471   10.197  -6.392  1.00 44.99  ? 162 ASP A CG   1 
ATOM   258  O OD1  . ASP A 1 26  ? 8.199   10.421  -5.189  1.00 44.20  ? 162 ASP A OD1  1 
ATOM   259  O OD2  . ASP A 1 26  ? 8.312   11.047  -7.290  1.00 47.94  ? 162 ASP A OD2  1 
ATOM   260  H H    . ASP A 1 26  ? 9.565   6.432   -6.869  1.00 55.63  ? 162 ASP A H    1 
ATOM   261  H HA   . ASP A 1 26  ? 10.093  8.450   -5.159  1.00 42.83  ? 162 ASP A HA   1 
ATOM   262  H HB2  . ASP A 1 26  ? 9.747   9.002   -7.406  1.00 45.09  ? 162 ASP A HB2  1 
ATOM   263  H HB3  . ASP A 1 26  ? 8.277   8.408   -7.311  1.00 45.09  ? 162 ASP A HB3  1 
ATOM   264  N N    . TYR A 1 27  ? 8.582   7.418   -3.454  1.00 36.60  ? 163 TYR A N    1 
ATOM   265  C CA   . TYR A 1 27  ? 7.576   6.975   -2.494  1.00 36.74  ? 163 TYR A CA   1 
ATOM   266  C C    . TYR A 1 27  ? 6.571   8.066   -2.147  1.00 38.54  ? 163 TYR A C    1 
ATOM   267  O O    . TYR A 1 27  ? 5.393   7.776   -1.900  1.00 31.64  ? 163 TYR A O    1 
ATOM   268  C CB   . TYR A 1 27  ? 8.281   6.421   -1.259  1.00 35.65  ? 163 TYR A CB   1 
ATOM   269  C CG   . TYR A 1 27  ? 9.134   5.237   -1.628  1.00 39.62  ? 163 TYR A CG   1 
ATOM   270  C CD1  . TYR A 1 27  ? 8.560   4.142   -2.267  1.00 41.83  ? 163 TYR A CD1  1 
ATOM   271  C CD2  . TYR A 1 27  ? 10.505  5.218   -1.395  1.00 41.95  ? 163 TYR A CD2  1 
ATOM   272  C CE1  . TYR A 1 27  ? 9.310   3.065   -2.639  1.00 40.95  ? 163 TYR A CE1  1 
ATOM   273  C CE2  . TYR A 1 27  ? 11.274  4.122   -1.763  1.00 44.61  ? 163 TYR A CE2  1 
ATOM   274  C CZ   . TYR A 1 27  ? 10.656  3.048   -2.387  1.00 54.16  ? 163 TYR A CZ   1 
ATOM   275  O OH   . TYR A 1 27  ? 11.373  1.945   -2.771  1.00 50.41  ? 163 TYR A OH   1 
ATOM   276  H H    . TYR A 1 27  ? 9.371   7.512   -3.126  1.00 43.92  ? 163 TYR A H    1 
ATOM   277  H HA   . TYR A 1 27  ? 7.078   6.244   -2.893  1.00 44.09  ? 163 TYR A HA   1 
ATOM   278  H HB2  . TYR A 1 27  ? 8.854   7.105   -0.879  1.00 42.78  ? 163 TYR A HB2  1 
ATOM   279  H HB3  . TYR A 1 27  ? 7.621   6.132   -0.610  1.00 42.78  ? 163 TYR A HB3  1 
ATOM   280  H HD1  . TYR A 1 27  ? 7.646   4.144   -2.441  1.00 50.20  ? 163 TYR A HD1  1 
ATOM   281  H HD2  . TYR A 1 27  ? 10.909  5.942   -0.974  1.00 50.34  ? 163 TYR A HD2  1 
ATOM   282  H HE1  . TYR A 1 27  ? 8.907   2.337   -3.055  1.00 49.14  ? 163 TYR A HE1  1 
ATOM   283  H HE2  . TYR A 1 27  ? 12.188  4.110   -1.596  1.00 53.53  ? 163 TYR A HE2  1 
ATOM   284  H HH   . TYR A 1 27  ? 10.864  1.384   -3.136  1.00 60.49  ? 163 TYR A HH   1 
ATOM   285  N N    . TYR A 1 28  ? 6.997   9.332   -2.069  1.00 33.92  ? 164 TYR A N    1 
ATOM   286  C CA   . TYR A 1 28  ? 6.027   10.369  -1.769  1.00 32.49  ? 164 TYR A CA   1 
ATOM   287  C C    . TYR A 1 28  ? 4.914   10.397  -2.823  1.00 33.54  ? 164 TYR A C    1 
ATOM   288  O O    . TYR A 1 28  ? 3.722   10.441  -2.486  1.00 33.04  ? 164 TYR A O    1 
ATOM   289  C CB   . TYR A 1 28  ? 6.720   11.738  -1.645  1.00 35.25  ? 164 TYR A CB   1 
ATOM   290  C CG   . TYR A 1 28  ? 5.728   12.820  -1.392  1.00 33.08  ? 164 TYR A CG   1 
ATOM   291  C CD1  . TYR A 1 28  ? 4.943   12.810  -0.244  1.00 41.79  ? 164 TYR A CD1  1 
ATOM   292  C CD2  . TYR A 1 28  ? 5.548   13.842  -2.292  1.00 36.15  ? 164 TYR A CD2  1 
ATOM   293  C CE1  . TYR A 1 28  ? 4.011   13.787  -0.010  1.00 42.74  ? 164 TYR A CE1  1 
ATOM   294  C CE2  . TYR A 1 28  ? 4.622   14.840  -2.061  1.00 40.38  ? 164 TYR A CE2  1 
ATOM   295  C CZ   . TYR A 1 28  ? 3.862   14.814  -0.911  1.00 40.58  ? 164 TYR A CZ   1 
ATOM   296  O OH   . TYR A 1 28  ? 2.928   15.782  -0.680  1.00 44.23  ? 164 TYR A OH   1 
ATOM   297  H H    . TYR A 1 28  ? 7.807   9.601   -2.181  1.00 40.70  ? 164 TYR A H    1 
ATOM   298  H HA   . TYR A 1 28  ? 5.615   10.169  -0.913  1.00 38.98  ? 164 TYR A HA   1 
ATOM   299  H HB2  . TYR A 1 28  ? 7.345   11.716  -0.903  1.00 42.30  ? 164 TYR A HB2  1 
ATOM   300  H HB3  . TYR A 1 28  ? 7.187   11.937  -2.472  1.00 42.30  ? 164 TYR A HB3  1 
ATOM   301  H HD1  . TYR A 1 28  ? 5.044   12.121  0.371   1.00 50.15  ? 164 TYR A HD1  1 
ATOM   302  H HD2  . TYR A 1 28  ? 6.064   13.867  -3.065  1.00 43.38  ? 164 TYR A HD2  1 
ATOM   303  H HE1  . TYR A 1 28  ? 3.498   13.768  0.765   1.00 51.29  ? 164 TYR A HE1  1 
ATOM   304  H HE2  . TYR A 1 28  ? 4.513   15.527  -2.677  1.00 48.45  ? 164 TYR A HE2  1 
ATOM   305  H HH   . TYR A 1 28  ? 2.938   16.346  -1.302  1.00 53.08  ? 164 TYR A HH   1 
ATOM   306  N N    . HIS A 1 29  ? 5.278   10.339  -4.103  1.00 33.36  ? 165 HIS A N    1 
ATOM   307  C CA   . HIS A 1 29  ? 4.241   10.437  -5.125  1.00 34.74  ? 165 HIS A CA   1 
ATOM   308  C C    . HIS A 1 29  ? 3.454   9.127   -5.211  1.00 34.30  ? 165 HIS A C    1 
ATOM   309  O O    . HIS A 1 29  ? 2.249   9.154   -5.496  1.00 35.92  ? 165 HIS A O    1 
ATOM   310  C CB   . HIS A 1 29  ? 4.857   10.865  -6.470  1.00 36.84  ? 165 HIS A CB   1 
ATOM   311  C CG   . HIS A 1 29  ? 5.221   12.332  -6.490  1.00 35.38  ? 165 HIS A CG   1 
ATOM   312  N ND1  . HIS A 1 29  ? 6.510   12.779  -6.668  1.00 42.38  ? 165 HIS A ND1  1 
ATOM   313  C CD2  . HIS A 1 29  ? 4.466   13.433  -6.278  1.00 47.03  ? 165 HIS A CD2  1 
ATOM   314  C CE1  . HIS A 1 29  ? 6.529   14.101  -6.586  1.00 39.45  ? 165 HIS A CE1  1 
ATOM   315  N NE2  . HIS A 1 29  ? 5.304   14.522  -6.338  1.00 41.99  ? 165 HIS A NE2  1 
ATOM   316  H H    . HIS A 1 29  ? 6.081   10.248  -4.396  1.00 40.03  ? 165 HIS A H    1 
ATOM   317  H HA   . HIS A 1 29  ? 3.617   11.131  -4.861  1.00 41.69  ? 165 HIS A HA   1 
ATOM   318  H HB2  . HIS A 1 29  ? 5.665   10.351  -6.627  1.00 44.21  ? 165 HIS A HB2  1 
ATOM   319  H HB3  . HIS A 1 29  ? 4.215   10.703  -7.179  1.00 44.21  ? 165 HIS A HB3  1 
ATOM   320  H HD1  . HIS A 1 29  ? 7.193   12.279  -6.813  1.00 50.86  ? 165 HIS A HD1  1 
ATOM   321  H HD2  . HIS A 1 29  ? 3.551   13.450  -6.113  1.00 56.44  ? 165 HIS A HD2  1 
ATOM   322  H HE1  . HIS A 1 29  ? 7.280   14.641  -6.687  1.00 47.34  ? 165 HIS A HE1  1 
ATOM   323  N N    . THR A 1 30  ? 4.067   8.006   -4.830  1.00 33.60  ? 166 THR A N    1 
ATOM   324  C CA   . THR A 1 30  ? 3.291   6.760   -4.667  1.00 28.48  ? 166 THR A CA   1 
ATOM   325  C C    . THR A 1 30  ? 2.158   6.947   -3.670  1.00 32.32  ? 166 THR A C    1 
ATOM   326  O O    . THR A 1 30  ? 1.009   6.591   -3.933  1.00 31.39  ? 166 THR A O    1 
ATOM   327  C CB   . THR A 1 30  ? 4.179   5.616   -4.189  1.00 33.84  ? 166 THR A CB   1 
ATOM   328  O OG1  . THR A 1 30  ? 5.216   5.352   -5.128  1.00 33.36  ? 166 THR A OG1  1 
ATOM   329  C CG2  . THR A 1 30  ? 3.361   4.318   -4.018  1.00 32.85  ? 166 THR A CG2  1 
ATOM   330  H H    . THR A 1 30  ? 4.908   7.933   -4.662  1.00 40.32  ? 166 THR A H    1 
ATOM   331  H HA   . THR A 1 30  ? 2.906   6.508   -5.522  1.00 34.17  ? 166 THR A HA   1 
ATOM   332  H HB   . THR A 1 30  ? 4.571   5.848   -3.333  1.00 40.61  ? 166 THR A HB   1 
ATOM   333  H HG1  . THR A 1 30  ? 5.694   6.035   -5.230  1.00 40.03  ? 166 THR A HG1  1 
ATOM   334  H HG21 . THR A 1 30  ? 3.939   3.601   -3.714  1.00 39.42  ? 166 THR A HG21 1 
ATOM   335  H HG22 . THR A 1 30  ? 2.657   4.454   -3.366  1.00 39.42  ? 166 THR A HG22 1 
ATOM   336  H HG23 . THR A 1 30  ? 2.963   4.064   -4.865  1.00 39.42  ? 166 THR A HG23 1 
ATOM   337  N N    . VAL A 1 31  ? 2.457   7.550   -2.502  1.00 29.72  ? 167 VAL A N    1 
ATOM   338  C CA   . VAL A 1 31  ? 1.415   7.804   -1.512  1.00 26.68  ? 167 VAL A CA   1 
ATOM   339  C C    . VAL A 1 31  ? 0.333   8.704   -2.086  1.00 28.39  ? 167 VAL A C    1 
ATOM   340  O O    . VAL A 1 31  ? -0.854  8.455   -1.889  1.00 31.46  ? 167 VAL A O    1 
ATOM   341  C CB   . VAL A 1 31  ? 2.010   8.404   -0.218  1.00 33.01  ? 167 VAL A CB   1 
ATOM   342  C CG1  . VAL A 1 31  ? 0.888   8.817   0.714   1.00 35.80  ? 167 VAL A CG1  1 
ATOM   343  C CG2  . VAL A 1 31  ? 2.915   7.383   0.481   1.00 35.93  ? 167 VAL A CG2  1 
ATOM   344  H H    . VAL A 1 31  ? 3.243   7.811   -2.271  1.00 35.66  ? 167 VAL A H    1 
ATOM   345  H HA   . VAL A 1 31  ? 0.999   6.960   -1.278  1.00 32.02  ? 167 VAL A HA   1 
ATOM   346  H HB   . VAL A 1 31  ? 2.538   9.189   -0.435  1.00 39.62  ? 167 VAL A HB   1 
ATOM   347  H HG11 . VAL A 1 31  ? 1.273   9.192   1.523   1.00 42.97  ? 167 VAL A HG11 1 
ATOM   348  H HG12 . VAL A 1 31  ? 0.338   9.482   0.270   1.00 42.97  ? 167 VAL A HG12 1 
ATOM   349  H HG13 . VAL A 1 31  ? 0.355   8.038   0.931   1.00 42.97  ? 167 VAL A HG13 1 
ATOM   350  H HG21 . VAL A 1 31  ? 3.276   7.781   1.288   1.00 43.12  ? 167 VAL A HG21 1 
ATOM   351  H HG22 . VAL A 1 31  ? 2.391   6.598   0.703   1.00 43.12  ? 167 VAL A HG22 1 
ATOM   352  H HG23 . VAL A 1 31  ? 3.637   7.139   -0.120  1.00 43.12  ? 167 VAL A HG23 1 
ATOM   353  N N    . LEU A 1 32  ? 0.711   9.777   -2.790  1.00 31.40  ? 168 LEU A N    1 
ATOM   354  C CA   . LEU A 1 32  ? -0.310  10.690  -3.306  1.00 33.82  ? 168 LEU A CA   1 
ATOM   355  C C    . LEU A 1 32  ? -1.255  9.984   -4.265  1.00 33.60  ? 168 LEU A C    1 
ATOM   356  O O    . LEU A 1 32  ? -2.488  10.120  -4.171  1.00 34.68  ? 168 LEU A O    1 
ATOM   357  C CB   . LEU A 1 32  ? 0.352   11.876  -3.999  1.00 32.46  ? 168 LEU A CB   1 
ATOM   358  C CG   . LEU A 1 32  ? 1.026   12.947  -3.151  1.00 49.39  ? 168 LEU A CG   1 
ATOM   359  C CD1  . LEU A 1 32  ? 1.490   14.063  -4.076  1.00 46.05  ? 168 LEU A CD1  1 
ATOM   360  C CD2  . LEU A 1 32  ? 0.066   13.472  -2.117  1.00 47.08  ? 168 LEU A CD2  1 
ATOM   361  H H    . LEU A 1 32  ? 1.523   9.991   -2.977  1.00 37.68  ? 168 LEU A H    1 
ATOM   362  H HA   . LEU A 1 32  ? -0.834  11.029  -2.563  1.00 40.58  ? 168 LEU A HA   1 
ATOM   363  H HB2  . LEU A 1 32  ? 1.031   11.526  -4.597  1.00 38.96  ? 168 LEU A HB2  1 
ATOM   364  H HB3  . LEU A 1 32  ? -0.328  12.325  -4.527  1.00 38.96  ? 168 LEU A HB3  1 
ATOM   365  H HG   . LEU A 1 32  ? 1.799   12.573  -2.701  1.00 59.27  ? 168 LEU A HG   1 
ATOM   366  H HD11 . LEU A 1 32  ? 1.921   14.753  -3.546  1.00 55.26  ? 168 LEU A HD11 1 
ATOM   367  H HD12 . LEU A 1 32  ? 2.117   13.699  -4.720  1.00 55.26  ? 168 LEU A HD12 1 
ATOM   368  H HD13 . LEU A 1 32  ? 0.720   14.432  -4.536  1.00 55.26  ? 168 LEU A HD13 1 
ATOM   369  H HD21 . LEU A 1 32  ? 0.512   14.152  -1.587  1.00 56.49  ? 168 LEU A HD21 1 
ATOM   370  H HD22 . LEU A 1 32  ? -0.704  13.854  -2.567  1.00 56.49  ? 168 LEU A HD22 1 
ATOM   371  H HD23 . LEU A 1 32  ? -0.215  12.739  -1.546  1.00 56.49  ? 168 LEU A HD23 1 
ATOM   372  N N    . TRP A 1 33  ? -0.705  9.203   -5.178  1.00 32.73  ? 169 TRP A N    1 
ATOM   373  C CA   . TRP A 1 33  ? -1.559  8.530   -6.153  1.00 32.48  ? 169 TRP A CA   1 
ATOM   374  C C    . TRP A 1 33  ? -2.416  7.447   -5.502  1.00 30.06  ? 169 TRP A C    1 
ATOM   375  O O    . TRP A 1 33  ? -3.615  7.349   -5.763  1.00 33.33  ? 169 TRP A O    1 
ATOM   376  C CB   . TRP A 1 33  ? -0.695  7.951   -7.256  1.00 29.64  ? 169 TRP A CB   1 
ATOM   377  C CG   . TRP A 1 33  ? -0.147  8.993   -8.184  1.00 27.42  ? 169 TRP A CG   1 
ATOM   378  C CD1  . TRP A 1 33  ? 1.160   9.325   -8.328  1.00 28.05  ? 169 TRP A CD1  1 
ATOM   379  C CD2  . TRP A 1 33  ? -0.869  9.865   -9.077  1.00 28.62  ? 169 TRP A CD2  1 
ATOM   380  N NE1  . TRP A 1 33  ? 1.308   10.308  -9.246  1.00 30.11  ? 169 TRP A NE1  1 
ATOM   381  C CE2  . TRP A 1 33  ? 0.090   10.673  -9.718  1.00 29.07  ? 169 TRP A CE2  1 
ATOM   382  C CE3  . TRP A 1 33  ? -2.213  10.042  -9.391  1.00 33.95  ? 169 TRP A CE3  1 
ATOM   383  C CZ2  . TRP A 1 33  ? -0.242  11.612  -10.683 1.00 34.29  ? 169 TRP A CZ2  1 
ATOM   384  C CZ3  . TRP A 1 33  ? -2.549  11.005  -10.346 1.00 38.99  ? 169 TRP A CZ3  1 
ATOM   385  C CH2  . TRP A 1 33  ? -1.560  11.779  -10.973 1.00 36.71  ? 169 TRP A CH2  1 
ATOM   386  H H    . TRP A 1 33  ? 0.136   9.046   -5.258  1.00 39.27  ? 169 TRP A H    1 
ATOM   387  H HA   . TRP A 1 33  ? -2.157  9.182   -6.553  1.00 38.98  ? 169 TRP A HA   1 
ATOM   388  H HB2  . TRP A 1 33  ? 0.056   7.484   -6.855  1.00 35.56  ? 169 TRP A HB2  1 
ATOM   389  H HB3  . TRP A 1 33  ? -1.226  7.333   -7.782  1.00 35.56  ? 169 TRP A HB3  1 
ATOM   390  H HD1  . TRP A 1 33  ? 1.861   8.920   -7.870  1.00 33.66  ? 169 TRP A HD1  1 
ATOM   391  H HE1  . TRP A 1 33  ? 2.057   10.653  -9.490  1.00 36.14  ? 169 TRP A HE1  1 
ATOM   392  H HE3  . TRP A 1 33  ? -2.869  9.525   -8.985  1.00 40.74  ? 169 TRP A HE3  1 
ATOM   393  H HZ2  . TRP A 1 33  ? 0.411   12.139  -11.087 1.00 41.15  ? 169 TRP A HZ2  1 
ATOM   394  H HZ3  . TRP A 1 33  ? -3.442  11.132  -10.572 1.00 46.79  ? 169 TRP A HZ3  1 
ATOM   395  H HH2  . TRP A 1 33  ? -1.811  12.416  -11.602 1.00 44.06  ? 169 TRP A HH2  1 
ATOM   396  N N    . MET A 1 34  ? -1.826  6.646   -4.637  1.00 29.67  ? 170 MET A N    1 
ATOM   397  C CA   . MET A 1 34  ? -2.560  5.522   -4.079  1.00 31.12  ? 170 MET A CA   1 
ATOM   398  C C    . MET A 1 34  ? -3.594  5.979   -3.072  1.00 31.51  ? 170 MET A C    1 
ATOM   399  O O    . MET A 1 34  ? -4.643  5.347   -2.970  1.00 34.61  ? 170 MET A O    1 
ATOM   400  C CB   . MET A 1 34  ? -1.628  4.501   -3.442  1.00 32.90  ? 170 MET A CB   1 
ATOM   401  C CG   . MET A 1 34  ? -0.620  3.900   -4.366  1.00 32.57  ? 170 MET A CG   1 
ATOM   402  S SD   . MET A 1 34  ? -1.411  3.161   -5.808  1.00 34.91  ? 170 MET A SD   1 
ATOM   403  C CE   . MET A 1 34  ? -0.064  2.212   -6.536  1.00 33.03  ? 170 MET A CE   1 
ATOM   404  H H    . MET A 1 34  ? -1.017  6.725   -4.359  1.00 35.61  ? 170 MET A H    1 
ATOM   405  H HA   . MET A 1 34  ? -3.021  5.074   -4.804  1.00 37.34  ? 170 MET A HA   1 
ATOM   406  H HB2  . MET A 1 34  ? -1.142  4.936   -2.723  1.00 39.48  ? 170 MET A HB2  1 
ATOM   407  H HB3  . MET A 1 34  ? -2.163  3.777   -3.083  1.00 39.48  ? 170 MET A HB3  1 
ATOM   408  H HG2  . MET A 1 34  ? -0.012  4.591   -4.673  1.00 39.09  ? 170 MET A HG2  1 
ATOM   409  H HG3  . MET A 1 34  ? -0.130  3.205   -3.898  1.00 39.09  ? 170 MET A HG3  1 
ATOM   410  H HE1  . MET A 1 34  ? -0.388  1.765   -7.334  1.00 39.63  ? 170 MET A HE1  1 
ATOM   411  H HE2  . MET A 1 34  ? 0.659   2.815   -6.764  1.00 39.63  ? 170 MET A HE2  1 
ATOM   412  H HE3  . MET A 1 34  ? 0.243   1.555   -5.891  1.00 39.63  ? 170 MET A HE3  1 
ATOM   413  N N    . GLU A 1 35  ? -3.353  7.080   -2.357  1.00 33.71  ? 171 GLU A N    1 
ATOM   414  C CA   . GLU A 1 35  ? -4.413  7.622   -1.518  1.00 37.70  ? 171 GLU A CA   1 
ATOM   415  C C    . GLU A 1 35  ? -5.590  8.085   -2.361  1.00 38.41  ? 171 GLU A C    1 
ATOM   416  O O    . GLU A 1 35  ? -6.751  7.914   -1.967  1.00 43.40  ? 171 GLU A O    1 
ATOM   417  C CB   . GLU A 1 35  ? -3.889  8.772   -0.658  1.00 38.34  ? 171 GLU A CB   1 
ATOM   418  C CG   . GLU A 1 35  ? -2.790  8.381   0.327   1.00 48.02  ? 171 GLU A CG   1 
ATOM   419  C CD   . GLU A 1 35  ? -3.331  7.885   1.646   1.00 77.98  ? 171 GLU A CD   1 
ATOM   420  O OE1  . GLU A 1 35  ? -4.464  7.356   1.671   1.00 75.66  ? 171 GLU A OE1  1 
ATOM   421  O OE2  . GLU A 1 35  ? -2.623  8.036   2.662   1.00 65.22  ? 171 GLU A OE2  1 
ATOM   422  H H    . GLU A 1 35  ? -2.611  7.516   -2.341  1.00 40.45  ? 171 GLU A H    1 
ATOM   423  H HA   . GLU A 1 35  ? -4.729  6.925   -0.922  1.00 45.24  ? 171 GLU A HA   1 
ATOM   424  H HB2  . GLU A 1 35  ? -3.530  9.457   -1.242  1.00 46.01  ? 171 GLU A HB2  1 
ATOM   425  H HB3  . GLU A 1 35  ? -4.628  9.137   -0.144  1.00 46.01  ? 171 GLU A HB3  1 
ATOM   426  H HG2  . GLU A 1 35  ? -2.256  7.671   -0.064  1.00 57.63  ? 171 GLU A HG2  1 
ATOM   427  H HG3  . GLU A 1 35  ? -2.235  9.156   0.503   1.00 57.63  ? 171 GLU A HG3  1 
ATOM   428  N N    . GLN A 1 36  ? -5.315  8.671   -3.529  1.00 37.10  ? 172 GLN A N    1 
ATOM   429  C CA   . GLN A 1 36  ? -6.401  9.041   -4.433  1.00 44.88  ? 172 GLN A CA   1 
ATOM   430  C C    . GLN A 1 36  ? -7.167  7.814   -4.925  1.00 40.73  ? 172 GLN A C    1 
ATOM   431  O O    . GLN A 1 36  ? -8.400  7.831   -4.978  1.00 44.70  ? 172 GLN A O    1 
ATOM   432  C CB   . GLN A 1 36  ? -5.849  9.849   -5.610  1.00 46.05  ? 172 GLN A CB   1 
ATOM   433  C CG   . GLN A 1 36  ? -6.918  10.344  -6.611  1.00 54.78  ? 172 GLN A CG   1 
ATOM   434  C CD   . GLN A 1 36  ? -7.966  11.255  -5.992  1.00 64.78  ? 172 GLN A CD   1 
ATOM   435  O OE1  . GLN A 1 36  ? -9.141  11.206  -6.363  1.00 72.89  ? 172 GLN A OE1  1 
ATOM   436  N NE2  . GLN A 1 36  ? -7.549  12.093  -5.063  1.00 49.51  ? 172 GLN A NE2  1 
ATOM   437  H H    . GLN A 1 36  ? -4.527  8.862   -3.813  1.00 44.53  ? 172 GLN A H    1 
ATOM   438  H HA   . GLN A 1 36  ? -7.026  9.607   -3.954  1.00 53.86  ? 172 GLN A HA   1 
ATOM   439  H HB2  . GLN A 1 36  ? -5.391  10.630  -5.261  1.00 55.26  ? 172 GLN A HB2  1 
ATOM   440  H HB3  . GLN A 1 36  ? -5.223  9.295   -6.100  1.00 55.26  ? 172 GLN A HB3  1 
ATOM   441  H HG2  . GLN A 1 36  ? -6.478  10.839  -7.320  1.00 65.74  ? 172 GLN A HG2  1 
ATOM   442  H HG3  . GLN A 1 36  ? -7.377  9.575   -6.984  1.00 65.74  ? 172 GLN A HG3  1 
ATOM   443  H HE21 . GLN A 1 36  ? -6.719  12.104  -4.834  1.00 59.41  ? 172 GLN A HE21 1 
ATOM   444  H HE22 . GLN A 1 36  ? -8.105  12.628  -4.683  1.00 59.41  ? 172 GLN A HE22 1 
ATOM   445  N N    . VAL A 1 37  ? -6.465  6.740   -5.311  1.00 35.70  ? 173 VAL A N    1 
ATOM   446  C CA   . VAL A 1 37  ? -7.141  5.513   -5.718  1.00 37.48  ? 173 VAL A CA   1 
ATOM   447  C C    . VAL A 1 37  ? -8.105  5.040   -4.631  1.00 47.44  ? 173 VAL A C    1 
ATOM   448  O O    . VAL A 1 37  ? -9.268  4.719   -4.907  1.00 45.94  ? 173 VAL A O    1 
ATOM   449  C CB   . VAL A 1 37  ? -6.118  4.411   -6.060  1.00 34.59  ? 173 VAL A CB   1 
ATOM   450  C CG1  . VAL A 1 37  ? -6.807  3.108   -6.358  1.00 41.73  ? 173 VAL A CG1  1 
ATOM   451  C CG2  . VAL A 1 37  ? -5.245  4.830   -7.230  1.00 37.32  ? 173 VAL A CG2  1 
ATOM   452  H H    . VAL A 1 37  ? -5.607  6.701   -5.343  1.00 42.84  ? 173 VAL A H    1 
ATOM   453  H HA   . VAL A 1 37  ? -7.661  5.693   -6.516  1.00 44.97  ? 173 VAL A HA   1 
ATOM   454  H HB   . VAL A 1 37  ? -5.540  4.271   -5.293  1.00 41.51  ? 173 VAL A HB   1 
ATOM   455  H HG11 . VAL A 1 37  ? -6.138  2.438   -6.567  1.00 50.08  ? 173 VAL A HG11 1 
ATOM   456  H HG12 . VAL A 1 37  ? -7.317  2.835   -5.578  1.00 50.08  ? 173 VAL A HG12 1 
ATOM   457  H HG13 . VAL A 1 37  ? -7.402  3.232   -7.114  1.00 50.08  ? 173 VAL A HG13 1 
ATOM   458  H HG21 . VAL A 1 37  ? -4.613  4.119   -7.422  1.00 44.79  ? 173 VAL A HG21 1 
ATOM   459  H HG22 . VAL A 1 37  ? -5.808  4.989   -8.003  1.00 44.79  ? 173 VAL A HG22 1 
ATOM   460  H HG23 . VAL A 1 37  ? -4.769  5.641   -6.994  1.00 44.79  ? 173 VAL A HG23 1 
ATOM   461  N N    . LEU A 1 38  ? -7.622  4.932   -3.392  1.00 42.31  ? 174 LEU A N    1 
ATOM   462  C CA   . LEU A 1 38  ? -8.490  4.445   -2.323  1.00 48.78  ? 174 LEU A CA   1 
ATOM   463  C C    . LEU A 1 38  ? -9.712  5.337   -2.167  1.00 52.31  ? 174 LEU A C    1 
ATOM   464  O O    . LEU A 1 38  ? -10.823 4.847   -1.947  1.00 50.22  ? 174 LEU A O    1 
ATOM   465  C CB   . LEU A 1 38  ? -7.735  4.378   -1.003  1.00 46.49  ? 174 LEU A CB   1 
ATOM   466  C CG   . LEU A 1 38  ? -6.635  3.346   -0.873  1.00 44.94  ? 174 LEU A CG   1 
ATOM   467  C CD1  . LEU A 1 38  ? -5.992  3.531   0.481   1.00 45.72  ? 174 LEU A CD1  1 
ATOM   468  C CD2  . LEU A 1 38  ? -7.172  1.950   -0.981  1.00 45.91  ? 174 LEU A CD2  1 
ATOM   469  H H    . LEU A 1 38  ? -6.820  5.127   -3.150  1.00 50.77  ? 174 LEU A H    1 
ATOM   470  H HA   . LEU A 1 38  ? -8.794  3.551   -2.544  1.00 58.53  ? 174 LEU A HA   1 
ATOM   471  H HB2  . LEU A 1 38  ? -7.330  5.244   -0.846  1.00 55.78  ? 174 LEU A HB2  1 
ATOM   472  H HB3  . LEU A 1 38  ? -8.378  4.196   -0.300  1.00 55.78  ? 174 LEU A HB3  1 
ATOM   473  H HG   . LEU A 1 38  ? -5.966  3.483   -1.562  1.00 53.93  ? 174 LEU A HG   1 
ATOM   474  H HD11 . LEU A 1 38  ? -5.283  2.878   0.585   1.00 54.87  ? 174 LEU A HD11 1 
ATOM   475  H HD12 . LEU A 1 38  ? -5.627  4.428   0.538   1.00 54.87  ? 174 LEU A HD12 1 
ATOM   476  H HD13 . LEU A 1 38  ? -6.664  3.402   1.169   1.00 54.87  ? 174 LEU A HD13 1 
ATOM   477  H HD21 . LEU A 1 38  ? -6.438  1.322   -0.893  1.00 55.09  ? 174 LEU A HD21 1 
ATOM   478  H HD22 . LEU A 1 38  ? -7.819  1.805   -0.273  1.00 55.09  ? 174 LEU A HD22 1 
ATOM   479  H HD23 . LEU A 1 38  ? -7.598  1.842   -1.845  1.00 55.09  ? 174 LEU A HD23 1 
ATOM   480  N N    . LYS A 1 39  ? -9.516  6.652   -2.266  1.00 44.63  ? 175 LYS A N    1 
ATOM   481  C CA   . LYS A 1 39  ? -10.626 7.599   -2.190  1.00 51.89  ? 175 LYS A CA   1 
ATOM   482  C C    . LYS A 1 39  ? -11.667 7.315   -3.262  1.00 61.92  ? 175 LYS A C    1 
ATOM   483  O O    . LYS A 1 39  ? -12.871 7.303   -2.985  1.00 62.74  ? 175 LYS A O    1 
ATOM   484  C CB   . LYS A 1 39  ? -10.083 9.022   -2.324  1.00 51.44  ? 175 LYS A CB   1 
ATOM   485  C CG   . LYS A 1 39  ? -11.132 10.105  -2.372  1.00 63.48  ? 175 LYS A CG   1 
ATOM   486  C CD   . LYS A 1 39  ? -10.481 11.475  -2.202  1.00 70.32  ? 175 LYS A CD   1 
ATOM   487  C CE   . LYS A 1 39  ? -11.508 12.571  -1.947  1.00 69.11  ? 175 LYS A CE   1 
ATOM   488  N NZ   . LYS A 1 39  ? -10.847 13.832  -1.524  1.00 74.94  ? 175 LYS A NZ   1 
ATOM   489  H H    . LYS A 1 39  ? -8.748  7.021   -2.379  1.00 53.56  ? 175 LYS A H    1 
ATOM   490  H HA   . LYS A 1 39  ? -11.055 7.518   -1.323  1.00 62.27  ? 175 LYS A HA   1 
ATOM   491  H HB2  . LYS A 1 39  ? -9.508  9.206   -1.565  1.00 61.72  ? 175 LYS A HB2  1 
ATOM   492  H HB3  . LYS A 1 39  ? -9.567  9.078   -3.144  1.00 61.72  ? 175 LYS A HB3  1 
ATOM   493  H HG2  . LYS A 1 39  ? -11.584 10.082  -3.230  1.00 76.17  ? 175 LYS A HG2  1 
ATOM   494  H HG3  . LYS A 1 39  ? -11.767 9.974   -1.650  1.00 76.17  ? 175 LYS A HG3  1 
ATOM   495  H HD2  . LYS A 1 39  ? -9.875  11.447  -1.445  1.00 84.38  ? 175 LYS A HD2  1 
ATOM   496  H HD3  . LYS A 1 39  ? -9.996  11.698  -3.012  1.00 84.38  ? 175 LYS A HD3  1 
ATOM   497  H HE2  . LYS A 1 39  ? -12.002 12.745  -2.764  1.00 82.93  ? 175 LYS A HE2  1 
ATOM   498  H HE3  . LYS A 1 39  ? -12.111 12.289  -1.242  1.00 82.93  ? 175 LYS A HE3  1 
ATOM   499  H HZ1  . LYS A 1 39  ? -11.459 14.462  -1.378  1.00 89.93  ? 175 LYS A HZ1  1 
ATOM   500  H HZ2  . LYS A 1 39  ? -10.388 13.697  -0.773  1.00 89.93  ? 175 LYS A HZ2  1 
ATOM   501  H HZ3  . LYS A 1 39  ? -10.289 14.111  -2.158  1.00 89.93  ? 175 LYS A HZ3  1 
ATOM   502  N N    . GLN A 1 40  ? -11.222 7.081   -4.499  1.00 47.59  ? 176 GLN A N    1 
ATOM   503  C CA   . GLN A 1 40  ? -12.166 6.876   -5.589  1.00 56.01  ? 176 GLN A CA   1 
ATOM   504  C C    . GLN A 1 40  ? -12.814 5.503   -5.508  1.00 61.48  ? 176 GLN A C    1 
ATOM   505  O O    . GLN A 1 40  ? -13.959 5.340   -5.939  1.00 66.04  ? 176 GLN A O    1 
ATOM   506  C CB   . GLN A 1 40  ? -11.472 7.071   -6.941  1.00 58.37  ? 176 GLN A CB   1 
ATOM   507  C CG   . GLN A 1 40  ? -10.993 8.507   -7.159  1.00 61.40  ? 176 GLN A CG   1 
ATOM   508  C CD   . GLN A 1 40  ? -10.257 8.725   -8.480  1.00 62.05  ? 176 GLN A CD   1 
ATOM   509  O OE1  . GLN A 1 40  ? -10.368 7.926   -9.406  1.00 72.63  ? 176 GLN A OE1  1 
ATOM   510  N NE2  . GLN A 1 40  ? -9.509  9.827   -8.570  1.00 69.54  ? 176 GLN A NE2  1 
ATOM   511  H H    . GLN A 1 40  ? -10.394 7.037   -4.726  1.00 57.11  ? 176 GLN A H    1 
ATOM   512  H HA   . GLN A 1 40  ? -12.871 7.539   -5.520  1.00 67.21  ? 176 GLN A HA   1 
ATOM   513  H HB2  . GLN A 1 40  ? -10.698 6.487   -6.986  1.00 70.04  ? 176 GLN A HB2  1 
ATOM   514  H HB3  . GLN A 1 40  ? -12.094 6.852   -7.651  1.00 70.04  ? 176 GLN A HB3  1 
ATOM   515  H HG2  . GLN A 1 40  ? -11.763 9.098   -7.148  1.00 73.68  ? 176 GLN A HG2  1 
ATOM   516  H HG3  . GLN A 1 40  ? -10.386 8.746   -6.440  1.00 73.68  ? 176 GLN A HG3  1 
ATOM   517  H HE21 . GLN A 1 40  ? -9.461  10.369  -7.904  1.00 83.44  ? 176 GLN A HE21 1 
ATOM   518  H HE22 . GLN A 1 40  ? -9.076  9.994   -9.293  1.00 83.44  ? 176 GLN A HE22 1 
ATOM   519  N N    . LEU A 1 41  ? -12.111 4.505   -4.962  1.00 58.21  ? 177 LEU A N    1 
ATOM   520  C CA   . LEU A 1 41  ? -12.732 3.200   -4.743  1.00 54.96  ? 177 LEU A CA   1 
ATOM   521  C C    . LEU A 1 41  ? -13.822 3.283   -3.676  1.00 63.14  ? 177 LEU A C    1 
ATOM   522  O O    . LEU A 1 41  ? -14.865 2.631   -3.795  1.00 70.62  ? 177 LEU A O    1 
ATOM   523  C CB   . LEU A 1 41  ? -11.680 2.163   -4.344  1.00 49.88  ? 177 LEU A CB   1 
ATOM   524  C CG   . LEU A 1 41  ? -10.730 1.691   -5.434  1.00 45.26  ? 177 LEU A CG   1 
ATOM   525  C CD1  . LEU A 1 41  ? -9.599  0.841   -4.892  1.00 43.74  ? 177 LEU A CD1  1 
ATOM   526  C CD2  . LEU A 1 41  ? -11.492 0.887   -6.487  1.00 54.47  ? 177 LEU A CD2  1 
ATOM   527  H H    . LEU A 1 41  ? -11.289 4.558   -4.713  1.00 69.86  ? 177 LEU A H    1 
ATOM   528  H HA   . LEU A 1 41  ? -13.145 2.905   -5.569  1.00 65.96  ? 177 LEU A HA   1 
ATOM   529  H HB2  . LEU A 1 41  ? -11.137 2.542   -3.635  1.00 59.85  ? 177 LEU A HB2  1 
ATOM   530  H HB3  . LEU A 1 41  ? -12.142 1.379   -4.007  1.00 59.85  ? 177 LEU A HB3  1 
ATOM   531  H HG   . LEU A 1 41  ? -10.341 2.465   -5.871  1.00 54.32  ? 177 LEU A HG   1 
ATOM   532  H HD11 . LEU A 1 41  ? -9.027  0.570   -5.627  1.00 52.49  ? 177 LEU A HD11 1 
ATOM   533  H HD12 . LEU A 1 41  ? -9.089  1.363   -4.252  1.00 52.49  ? 177 LEU A HD12 1 
ATOM   534  H HD13 . LEU A 1 41  ? -9.972  0.058   -4.457  1.00 52.49  ? 177 LEU A HD13 1 
ATOM   535  H HD21 . LEU A 1 41  ? -10.870 0.595   -7.172  1.00 65.37  ? 177 LEU A HD21 1 
ATOM   536  H HD22 . LEU A 1 41  ? -11.900 0.117   -6.061  1.00 65.37  ? 177 LEU A HD22 1 
ATOM   537  H HD23 . LEU A 1 41  ? -12.177 1.450   -6.879  1.00 65.37  ? 177 LEU A HD23 1 
ATOM   538  N N    . ASP A 1 42  ? -13.603 4.082   -2.629  1.00 67.76  ? 178 ASP A N    1 
ATOM   539  C CA   . ASP A 1 42  ? -14.627 4.280   -1.607  1.00 74.24  ? 178 ASP A CA   1 
ATOM   540  C C    . ASP A 1 42  ? -15.816 5.078   -2.123  1.00 77.99  ? 178 ASP A C    1 
ATOM   541  O O    . ASP A 1 42  ? -16.867 5.095   -1.471  1.00 77.68  ? 178 ASP A O    1 
ATOM   542  C CB   . ASP A 1 42  ? -14.022 4.979   -0.391  1.00 70.99  ? 178 ASP A CB   1 
ATOM   543  C CG   . ASP A 1 42  ? -12.989 4.123   0.303   1.00 80.19  ? 178 ASP A CG   1 
ATOM   544  O OD1  . ASP A 1 42  ? -12.864 2.933   -0.074  1.00 71.12  ? 178 ASP A OD1  1 
ATOM   545  O OD2  . ASP A 1 42  ? -12.302 4.634   1.214   1.00 81.12  ? 178 ASP A OD2  1 
ATOM   546  H H    . ASP A 1 42  ? -12.875 4.518   -2.490  1.00 81.31  ? 178 ASP A H    1 
ATOM   547  H HA   . ASP A 1 42  ? -14.954 3.414   -1.319  1.00 89.09  ? 178 ASP A HA   1 
ATOM   548  H HB2  . ASP A 1 42  ? -13.592 5.800   -0.679  1.00 85.19  ? 178 ASP A HB2  1 
ATOM   549  H HB3  . ASP A 1 42  ? -14.727 5.177   0.245   1.00 85.19  ? 178 ASP A HB3  1 
ATOM   550  N N    . ALA A 1 43  ? -15.665 5.757   -3.256  1.00 75.72  ? 179 ALA A N    1 
ATOM   551  C CA   . ALA A 1 43  ? -16.777 6.398   -3.938  1.00 71.10  ? 179 ALA A CA   1 
ATOM   552  C C    . ALA A 1 43  ? -17.512 5.439   -4.859  1.00 76.87  ? 179 ALA A C    1 
ATOM   553  O O    . ALA A 1 43  ? -18.315 5.882   -5.686  1.00 86.34  ? 179 ALA A O    1 
ATOM   554  C CB   . ALA A 1 43  ? -16.276 7.605   -4.733  1.00 69.35  ? 179 ALA A CB   1 
ATOM   555  H H    . ALA A 1 43  ? -14.910 5.862   -3.655  1.00 90.87  ? 179 ALA A H    1 
ATOM   556  H HA   . ALA A 1 43  ? -17.409 6.717   -3.275  1.00 85.32  ? 179 ALA A HA   1 
ATOM   557  H HB1  . ALA A 1 43  ? -17.028 8.022   -5.182  1.00 83.22  ? 179 ALA A HB1  1 
ATOM   558  H HB2  . ALA A 1 43  ? -15.864 8.236   -4.122  1.00 83.22  ? 179 ALA A HB2  1 
ATOM   559  H HB3  . ALA A 1 43  ? -15.625 7.304   -5.387  1.00 83.22  ? 179 ALA A HB3  1 
ATOM   560  N N    . GLY A 1 44  ? -17.238 4.141   -4.745  1.00 73.11  ? 180 GLY A N    1 
ATOM   561  C CA   . GLY A 1 44  ? -17.892 3.149   -5.569  1.00 67.91  ? 180 GLY A CA   1 
ATOM   562  C C    . GLY A 1 44  ? -17.520 3.182   -7.030  1.00 70.99  ? 180 GLY A C    1 
ATOM   563  O O    . GLY A 1 44  ? -18.157 2.490   -7.830  1.00 74.64  ? 180 GLY A O    1 
ATOM   564  H H    . GLY A 1 44  ? -16.669 3.813   -4.190  1.00 87.73  ? 180 GLY A H    1 
ATOM   565  H HA2  . GLY A 1 44  ? -17.678 2.267   -5.226  1.00 81.49  ? 180 GLY A HA2  1 
ATOM   566  H HA3  . GLY A 1 44  ? -18.852 3.270   -5.503  1.00 81.49  ? 180 GLY A HA3  1 
ATOM   567  N N    . GLU A 1 45  ? -16.504 3.949   -7.412  1.00 71.95  ? 181 GLU A N    1 
ATOM   568  C CA   . GLU A 1 45  ? -16.135 4.022   -8.815  1.00 73.46  ? 181 GLU A CA   1 
ATOM   569  C C    . GLU A 1 45  ? -15.656 2.661   -9.294  1.00 69.59  ? 181 GLU A C    1 
ATOM   570  O O    . GLU A 1 45  ? -14.931 1.955   -8.589  1.00 74.24  ? 181 GLU A O    1 
ATOM   571  C CB   . GLU A 1 45  ? -15.061 5.087   -9.036  1.00 73.52  ? 181 GLU A CB   1 
ATOM   572  C CG   . GLU A 1 45  ? -15.484 6.463   -8.515  1.00 81.59  ? 181 GLU A CG   1 
ATOM   573  C CD   . GLU A 1 45  ? -14.681 7.612   -9.111  1.00 92.44  ? 181 GLU A CD   1 
ATOM   574  O OE1  . GLU A 1 45  ? -13.841 7.371   -10.009 1.00 87.32  ? 181 GLU A OE1  1 
ATOM   575  O OE2  . GLU A 1 45  ? -14.901 8.764   -8.681  1.00 87.42  ? 181 GLU A OE2  1 
ATOM   576  H H    . GLU A 1 45  ? -16.020 4.428   -6.885  1.00 86.35  ? 181 GLU A H    1 
ATOM   577  H HA   . GLU A 1 45  ? -16.915 4.268   -9.336  1.00 88.15  ? 181 GLU A HA   1 
ATOM   578  H HB2  . GLU A 1 45  ? -14.253 4.823   -8.567  1.00 88.22  ? 181 GLU A HB2  1 
ATOM   579  H HB3  . GLU A 1 45  ? -14.883 5.165   -9.986  1.00 88.22  ? 181 GLU A HB3  1 
ATOM   580  H HG2  . GLU A 1 45  ? -16.418 6.608   -8.735  1.00 97.91  ? 181 GLU A HG2  1 
ATOM   581  H HG3  . GLU A 1 45  ? -15.364 6.486   -7.553  1.00 97.91  ? 181 GLU A HG3  1 
ATOM   582  N N    . GLU A 1 46  ? -16.095 2.283   -10.489 1.00 79.82  ? 182 GLU A N    1 
ATOM   583  C CA   . GLU A 1 46  ? -15.706 1.005   -11.059 1.00 84.24  ? 182 GLU A CA   1 
ATOM   584  C C    . GLU A 1 46  ? -14.212 0.998   -11.347 1.00 72.27  ? 182 GLU A C    1 
ATOM   585  O O    . GLU A 1 46  ? -13.610 2.033   -11.651 1.00 75.43  ? 182 GLU A O    1 
ATOM   586  C CB   . GLU A 1 46  ? -16.498 0.729   -12.339 1.00 92.79  ? 182 GLU A CB   1 
ATOM   587  C CG   . GLU A 1 46  ? -17.991 0.467   -12.111 1.00 99.99  ? 182 GLU A CG   1 
ATOM   588  C CD   . GLU A 1 46  ? -18.808 0.548   -13.394 1.00 109.88 ? 182 GLU A CD   1 
ATOM   589  O OE1  . GLU A 1 46  ? -19.432 1.605   -13.642 1.00 109.53 ? 182 GLU A OE1  1 
ATOM   590  O OE2  . GLU A 1 46  ? -18.820 -0.443  -14.155 1.00 109.61 ? 182 GLU A OE2  1 
ATOM   591  H H    . GLU A 1 46  ? -16.619 2.749   -10.987 1.00 95.79  ? 182 GLU A H    1 
ATOM   592  H HA   . GLU A 1 46  ? -15.897 0.298   -10.423 1.00 101.09 ? 182 GLU A HA   1 
ATOM   593  H HB2  . GLU A 1 46  ? -16.420 1.498   -12.925 1.00 111.35 ? 182 GLU A HB2  1 
ATOM   594  H HB3  . GLU A 1 46  ? -16.124 -0.052  -12.774 1.00 111.35 ? 182 GLU A HB3  1 
ATOM   595  H HG2  . GLU A 1 46  ? -18.102 -0.422  -11.740 1.00 119.98 ? 182 GLU A HG2  1 
ATOM   596  H HG3  . GLU A 1 46  ? -18.337 1.129   -11.493 1.00 119.98 ? 182 GLU A HG3  1 
ATOM   597  N N    . ALA A 1 47  ? -13.609 -0.180  -11.233 1.00 64.77  ? 183 ALA A N    1 
ATOM   598  C CA   . ALA A 1 47  ? -12.170 -0.293  -11.395 1.00 63.14  ? 183 ALA A CA   1 
ATOM   599  C C    . ALA A 1 47  ? -11.768 -1.759  -11.414 1.00 59.22  ? 183 ALA A C    1 
ATOM   600  O O    . ALA A 1 47  ? -12.394 -2.599  -10.764 1.00 63.06  ? 183 ALA A O    1 
ATOM   601  C CB   . ALA A 1 47  ? -11.433 0.436   -10.268 1.00 62.17  ? 183 ALA A CB   1 
ATOM   602  H H    . ALA A 1 47  ? -14.009 -0.923  -11.065 1.00 77.73  ? 183 ALA A H    1 
ATOM   603  H HA   . ALA A 1 47  ? -11.909 0.107   -12.239 1.00 75.76  ? 183 ALA A HA   1 
ATOM   604  H HB1  . ALA A 1 47  ? -10.477 0.343   -10.403 1.00 74.61  ? 183 ALA A HB1  1 
ATOM   605  H HB2  . ALA A 1 47  ? -11.681 1.375   -10.285 1.00 74.61  ? 183 ALA A HB2  1 
ATOM   606  H HB3  . ALA A 1 47  ? -11.687 0.043   -9.419  1.00 74.61  ? 183 ALA A HB3  1 
ATOM   607  N N    . THR A 1 48  ? -10.693 -2.039  -12.150 1.00 54.49  ? 184 THR A N    1 
ATOM   608  C CA   . THR A 1 48  ? -10.083 -3.362  -12.169 1.00 57.50  ? 184 THR A CA   1 
ATOM   609  C C    . THR A 1 48  ? -9.195  -3.607  -10.956 1.00 59.20  ? 184 THR A C    1 
ATOM   610  O O    . THR A 1 48  ? -9.054  -4.749  -10.514 1.00 59.47  ? 184 THR A O    1 
ATOM   611  C CB   . THR A 1 48  ? -9.234  -3.522  -13.430 1.00 65.68  ? 184 THR A CB   1 
ATOM   612  O OG1  . THR A 1 48  ? -9.955  -3.030  -14.568 1.00 78.63  ? 184 THR A OG1  1 
ATOM   613  C CG2  . THR A 1 48  ? -8.863  -4.980  -13.652 1.00 71.18  ? 184 THR A CG2  1 
ATOM   614  H H    . THR A 1 48  ? -10.294 -1.468  -12.655 1.00 65.39  ? 184 THR A H    1 
ATOM   615  H HA   . THR A 1 48  ? -10.779 -4.038  -12.180 1.00 68.99  ? 184 THR A HA   1 
ATOM   616  H HB   . THR A 1 48  ? -8.414  -3.013  -13.328 1.00 78.81  ? 184 THR A HB   1 
ATOM   617  H HG1  . THR A 1 48  ? -9.490  -3.117  -15.262 1.00 94.36  ? 184 THR A HG1  1 
ATOM   618  H HG21 . THR A 1 48  ? -8.325  -5.068  -14.455 1.00 85.41  ? 184 THR A HG21 1 
ATOM   619  H HG22 . THR A 1 48  ? -8.355  -5.312  -12.895 1.00 85.41  ? 184 THR A HG22 1 
ATOM   620  H HG23 . THR A 1 48  ? -9.666  -5.516  -13.752 1.00 85.41  ? 184 THR A HG23 1 
ATOM   621  N N    . THR A 1 49  ? -8.557  -2.565  -10.443 1.00 52.20  ? 185 THR A N    1 
ATOM   622  C CA   A THR A 1 49  ? -7.650  -2.713  -9.315  0.54 50.13  ? 185 THR A CA   1 
ATOM   623  C CA   B THR A 1 49  ? -7.648  -2.715  -9.315  0.46 49.75  ? 185 THR A CA   1 
ATOM   624  C C    . THR A 1 49  ? -8.420  -3.018  -8.040  1.00 48.11  ? 185 THR A C    1 
ATOM   625  O O    . THR A 1 49  ? -9.509  -2.484  -7.814  1.00 45.58  ? 185 THR A O    1 
ATOM   626  C CB   A THR A 1 49  ? -6.842  -1.428  -9.114  0.54 53.86  ? 185 THR A CB   1 
ATOM   627  C CB   B THR A 1 49  ? -6.821  -1.438  -9.119  0.46 53.82  ? 185 THR A CB   1 
ATOM   628  O OG1  A THR A 1 49  ? -6.327  -0.973  -10.370 0.54 49.94  ? 185 THR A OG1  1 
ATOM   629  O OG1  B THR A 1 49  ? -5.990  -1.575  -7.961  0.46 52.02  ? 185 THR A OG1  1 
ATOM   630  C CG2  A THR A 1 49  ? -5.693  -1.669  -8.142  0.54 52.62  ? 185 THR A CG2  1 
ATOM   631  C CG2  B THR A 1 49  ? -7.720  -0.234  -8.922  0.46 52.23  ? 185 THR A CG2  1 
ATOM   632  H H    . THR A 1 49  ? -8.632  -1.756  -10.730 1.00 62.64  ? 185 THR A H    1 
ATOM   633  H HA   . THR A 1 49  ? -7.037  -3.447  -9.487  1.00 59.70  ? 185 THR A HA   1 
ATOM   634  H HB   A THR A 1 49  ? -7.418  -0.744  -8.738  0.54 64.63  ? 185 THR A HB   1 
ATOM   635  H HB   B THR A 1 49  ? -6.268  -1.286  -9.901  0.46 64.58  ? 185 THR A HB   1 
ATOM   636  H HG1  A THR A 1 49  ? -6.959  -0.819  -10.900 0.54 59.93  ? 185 THR A HG1  1 
ATOM   637  H HG1  B THR A 1 49  ? -5.471  -2.227  -8.057  0.46 62.42  ? 185 THR A HG1  1 
ATOM   638  H HG21 A THR A 1 49  ? -5.186  -0.851  -8.018  0.54 63.15  ? 185 THR A HG21 1 
ATOM   639  H HG21 B THR A 1 49  ? -7.183  0.564   -8.799  0.46 62.67  ? 185 THR A HG21 1 
ATOM   640  H HG22 A THR A 1 49  ? -6.040  -1.957  -7.283  0.54 63.15  ? 185 THR A HG22 1 
ATOM   641  H HG22 B THR A 1 49  ? -8.290  -0.114  -9.698  0.46 62.67  ? 185 THR A HG22 1 
ATOM   642  H HG23 A THR A 1 49  ? -5.103  -2.356  -8.489  0.54 63.15  ? 185 THR A HG23 1 
ATOM   643  H HG23 B THR A 1 49  ? -8.278  -0.361  -8.138  0.46 62.67  ? 185 THR A HG23 1 
ATOM   644  N N    . THR A 1 50  ? -7.825  -3.844  -7.174  1.00 43.95  ? 186 THR A N    1 
ATOM   645  C CA   . THR A 1 50  ? -8.439  -4.152  -5.896  1.00 40.24  ? 186 THR A CA   1 
ATOM   646  C C    . THR A 1 50  ? -7.800  -3.309  -4.799  1.00 35.49  ? 186 THR A C    1 
ATOM   647  O O    . THR A 1 50  ? -6.638  -2.926  -4.893  1.00 35.42  ? 186 THR A O    1 
ATOM   648  C CB   . THR A 1 50  ? -8.274  -5.619  -5.538  1.00 41.60  ? 186 THR A CB   1 
ATOM   649  O OG1  . THR A 1 50  ? -6.889  -5.919  -5.353  1.00 45.25  ? 186 THR A OG1  1 
ATOM   650  C CG2  . THR A 1 50  ? -8.842  -6.496  -6.657  1.00 49.55  ? 186 THR A CG2  1 
ATOM   651  H H    . THR A 1 50  ? -7.070  -4.233  -7.308  1.00 52.74  ? 186 THR A H    1 
ATOM   652  H HA   . THR A 1 50  ? -9.386  -3.947  -5.933  1.00 48.29  ? 186 THR A HA   1 
ATOM   653  H HB   . THR A 1 50  ? -8.760  -5.809  -4.720  1.00 49.91  ? 186 THR A HB   1 
ATOM   654  H HG1  . THR A 1 50  ? -6.795  -6.729  -5.154  1.00 54.31  ? 186 THR A HG1  1 
ATOM   655  H HG21 . THR A 1 50  ? -8.737  -7.433  -6.429  1.00 59.46  ? 186 THR A HG21 1 
ATOM   656  H HG22 . THR A 1 50  ? -9.785  -6.305  -6.781  1.00 59.46  ? 186 THR A HG22 1 
ATOM   657  H HG23 . THR A 1 50  ? -8.373  -6.319  -7.487  1.00 59.46  ? 186 THR A HG23 1 
ATOM   658  N N    . LYS A 1 51  ? -8.559  -3.112  -3.729  1.00 36.04  ? 187 LYS A N    1 
ATOM   659  C CA   . LYS A 1 51  ? -8.054  -2.403  -2.559  1.00 36.97  ? 187 LYS A CA   1 
ATOM   660  C C    . LYS A 1 51  ? -6.785  -3.039  -2.023  1.00 32.32  ? 187 LYS A C    1 
ATOM   661  O O    . LYS A 1 51  ? -5.858  -2.328  -1.618  1.00 33.53  ? 187 LYS A O    1 
ATOM   662  C CB   . LYS A 1 51  ? -9.111  -2.373  -1.456  1.00 42.91  ? 187 LYS A CB   1 
ATOM   663  C CG   . LYS A 1 51  ? -9.752  -1.039  -1.309  1.00 57.57  ? 187 LYS A CG   1 
ATOM   664  C CD   . LYS A 1 51  ? -10.685 -0.969  -0.118  1.00 67.79  ? 187 LYS A CD   1 
ATOM   665  C CE   . LYS A 1 51  ? -12.045 -1.570  -0.450  1.00 77.56  ? 187 LYS A CE   1 
ATOM   666  N NZ   . LYS A 1 51  ? -13.091 -1.184  0.545   1.00 73.00  ? 187 LYS A NZ   1 
ATOM   667  H H    . LYS A 1 51  ? -9.372  -3.380  -3.654  1.00 43.25  ? 187 LYS A H    1 
ATOM   668  H HA   . LYS A 1 51  ? -7.851  -1.487  -2.806  1.00 44.36  ? 187 LYS A HA   1 
ATOM   669  H HB2  . LYS A 1 51  ? -9.805  -3.017  -1.665  1.00 51.49  ? 187 LYS A HB2  1 
ATOM   670  H HB3  . LYS A 1 51  ? -8.693  -2.598  -0.610  1.00 51.49  ? 187 LYS A HB3  1 
ATOM   671  H HG2  . LYS A 1 51  ? -9.062  -0.368  -1.191  1.00 69.08  ? 187 LYS A HG2  1 
ATOM   672  H HG3  . LYS A 1 51  ? -10.268 -0.846  -2.108  1.00 69.08  ? 187 LYS A HG3  1 
ATOM   673  H HD2  . LYS A 1 51  ? -10.303 -1.468  0.620   1.00 81.35  ? 187 LYS A HD2  1 
ATOM   674  H HD3  . LYS A 1 51  ? -10.815 -0.041  0.134   1.00 81.35  ? 187 LYS A HD3  1 
ATOM   675  H HE2  . LYS A 1 51  ? -12.328 -1.255  -1.323  1.00 93.07  ? 187 LYS A HE2  1 
ATOM   676  H HE3  . LYS A 1 51  ? -11.973 -2.537  -0.452  1.00 93.07  ? 187 LYS A HE3  1 
ATOM   677  H HZ1  . LYS A 1 51  ? -13.181 -0.300  0.563   1.00 87.60  ? 187 LYS A HZ1  1 
ATOM   678  H HZ2  . LYS A 1 51  ? -13.871 -1.552  0.323   1.00 87.60  ? 187 LYS A HZ2  1 
ATOM   679  H HZ3  . LYS A 1 51  ? -12.859 -1.468  1.355   1.00 87.60  ? 187 LYS A HZ3  1 
ATOM   680  N N    . SER A 1 52  ? -6.713  -4.376  -2.008  1.00 33.45  ? 188 SER A N    1 
ATOM   681  C CA   . SER A 1 52  ? -5.558  -5.057  -1.434  1.00 30.69  ? 188 SER A CA   1 
ATOM   682  C C    . SER A 1 52  ? -4.294  -4.740  -2.226  1.00 37.03  ? 188 SER A C    1 
ATOM   683  O O    . SER A 1 52  ? -3.217  -4.506  -1.640  1.00 34.57  ? 188 SER A O    1 
ATOM   684  C CB   . SER A 1 52  ? -5.817  -6.565  -1.338  1.00 38.00  ? 188 SER A CB   1 
ATOM   685  O OG   . SER A 1 52  ? -5.868  -7.170  -2.604  1.00 41.75  ? 188 SER A OG   1 
ATOM   686  H H    . SER A 1 52  ? -7.317  -4.903  -2.323  1.00 40.14  ? 188 SER A H    1 
ATOM   687  H HA   . SER A 1 52  ? -5.425  -4.727  -0.531  1.00 36.82  ? 188 SER A HA   1 
ATOM   688  H HB2  . SER A 1 52  ? -5.101  -6.973  -0.826  1.00 45.60  ? 188 SER A HB2  1 
ATOM   689  H HB3  . SER A 1 52  ? -6.664  -6.708  -0.889  1.00 45.60  ? 188 SER A HB3  1 
ATOM   690  H HG   . SER A 1 52  ? -6.011  -7.994  -2.524  1.00 50.10  ? 188 SER A HG   1 
ATOM   691  N N    . GLN A 1 53  ? -4.427  -4.601  -3.546  1.00 35.79  ? 189 GLN A N    1 
ATOM   692  C CA   . GLN A 1 53  ? -3.265  -4.296  -4.378  1.00 32.26  ? 189 GLN A CA   1 
ATOM   693  C C    . GLN A 1 53  ? -2.765  -2.881  -4.084  1.00 31.49  ? 189 GLN A C    1 
ATOM   694  O O    . GLN A 1 53  ? -1.561  -2.660  -3.954  1.00 36.90  ? 189 GLN A O    1 
ATOM   695  C CB   . GLN A 1 53  ? -3.605  -4.411  -5.850  1.00 40.31  ? 189 GLN A CB   1 
ATOM   696  C CG   . GLN A 1 53  ? -3.894  -5.815  -6.292  1.00 42.95  ? 189 GLN A CG   1 
ATOM   697  C CD   . GLN A 1 53  ? -4.291  -5.859  -7.761  1.00 51.81  ? 189 GLN A CD   1 
ATOM   698  O OE1  . GLN A 1 53  ? -5.458  -5.681  -8.109  1.00 48.50  ? 189 GLN A OE1  1 
ATOM   699  N NE2  . GLN A 1 53  ? -3.304  -6.031  -8.627  1.00 53.04  ? 189 GLN A NE2  1 
ATOM   700  H H    . GLN A 1 53  ? -5.167  -4.677  -3.978  1.00 42.95  ? 189 GLN A H    1 
ATOM   701  H HA   . GLN A 1 53  ? -2.552  -4.921  -4.179  1.00 38.71  ? 189 GLN A HA   1 
ATOM   702  H HB2  . GLN A 1 53  ? -4.392  -3.875  -6.033  1.00 48.37  ? 189 GLN A HB2  1 
ATOM   703  H HB3  . GLN A 1 53  ? -2.855  -4.084  -6.371  1.00 48.37  ? 189 GLN A HB3  1 
ATOM   704  H HG2  . GLN A 1 53  ? -3.098  -6.358  -6.175  1.00 51.54  ? 189 GLN A HG2  1 
ATOM   705  H HG3  . GLN A 1 53  ? -4.626  -6.173  -5.767  1.00 51.54  ? 189 GLN A HG3  1 
ATOM   706  H HE21 . GLN A 1 53  ? -2.495  -6.110  -8.348  1.00 63.64  ? 189 GLN A HE21 1 
ATOM   707  H HE22 . GLN A 1 53  ? -3.472  -6.063  -9.471  1.00 63.64  ? 189 GLN A HE22 1 
ATOM   708  N N    . VAL A 1 54  ? -3.695  -1.940  -3.922  1.00 32.03  ? 190 VAL A N    1 
ATOM   709  C CA   . VAL A 1 54  ? -3.354  -0.556  -3.577  1.00 30.52  ? 190 VAL A CA   1 
ATOM   710  C C    . VAL A 1 54  ? -2.653  -0.510  -2.225  1.00 35.02  ? 190 VAL A C    1 
ATOM   711  O O    . VAL A 1 54  ? -1.624  0.168   -2.058  1.00 32.28  ? 190 VAL A O    1 
ATOM   712  C CB   . VAL A 1 54  ? -4.626  0.315   -3.571  1.00 34.41  ? 190 VAL A CB   1 
ATOM   713  C CG1  . VAL A 1 54  ? -4.290  1.778   -3.268  1.00 35.48  ? 190 VAL A CG1  1 
ATOM   714  C CG2  . VAL A 1 54  ? -5.380  0.196   -4.889  1.00 39.17  ? 190 VAL A CG2  1 
ATOM   715  H H    . VAL A 1 54  ? -4.540  -2.078  -4.005  1.00 38.44  ? 190 VAL A H    1 
ATOM   716  H HA   . VAL A 1 54  ? -2.747  -0.201  -4.246  1.00 36.63  ? 190 VAL A HA   1 
ATOM   717  H HB   . VAL A 1 54  ? -5.213  -0.002  -2.868  1.00 41.30  ? 190 VAL A HB   1 
ATOM   718  H HG11 . VAL A 1 54  ? -5.110  2.296   -3.272  1.00 42.57  ? 190 VAL A HG11 1 
ATOM   719  H HG12 . VAL A 1 54  ? -3.869  1.831   -2.397  1.00 42.57  ? 190 VAL A HG12 1 
ATOM   720  H HG13 . VAL A 1 54  ? -3.686  2.110   -3.950  1.00 42.57  ? 190 VAL A HG13 1 
ATOM   721  H HG21 . VAL A 1 54  ? -6.172  0.755   -4.851  1.00 47.00  ? 190 VAL A HG21 1 
ATOM   722  H HG22 . VAL A 1 54  ? -4.802  0.491   -5.611  1.00 47.00  ? 190 VAL A HG22 1 
ATOM   723  H HG23 . VAL A 1 54  ? -5.634  -0.729  -5.025  1.00 47.00  ? 190 VAL A HG23 1 
ATOM   724  N N    . LEU A 1 55  ? -3.178  -1.256  -1.239  1.00 29.36  ? 191 LEU A N    1 
ATOM   725  C CA   . LEU A 1 55  ? -2.606  -1.209  0.109   1.00 30.61  ? 191 LEU A CA   1 
ATOM   726  C C    . LEU A 1 55  ? -1.202  -1.789  0.141   1.00 30.13  ? 191 LEU A C    1 
ATOM   727  O O    . LEU A 1 55  ? -0.402  -1.426  0.993   1.00 31.99  ? 191 LEU A O    1 
ATOM   728  C CB   . LEU A 1 55  ? -3.524  -1.952  1.078   1.00 28.11  ? 191 LEU A CB   1 
ATOM   729  C CG   . LEU A 1 55  ? -4.870  -1.308  1.331   1.00 30.24  ? 191 LEU A CG   1 
ATOM   730  C CD1  . LEU A 1 55  ? -5.761  -2.288  2.064   1.00 33.83  ? 191 LEU A CD1  1 
ATOM   731  C CD2  . LEU A 1 55  ? -4.678  -0.067  2.197   1.00 34.71  ? 191 LEU A CD2  1 
ATOM   732  H H    . LEU A 1 55  ? -3.851  -1.785  -1.326  1.00 35.23  ? 191 LEU A H    1 
ATOM   733  H HA   . LEU A 1 55  ? -2.553  -0.286  0.396   1.00 36.73  ? 191 LEU A HA   1 
ATOM   734  H HB2  . LEU A 1 55  ? -3.689  -2.839  0.725   1.00 33.74  ? 191 LEU A HB2  1 
ATOM   735  H HB3  . LEU A 1 55  ? -3.072  -2.023  1.933   1.00 33.74  ? 191 LEU A HB3  1 
ATOM   736  H HG   . LEU A 1 55  ? -5.288  -1.055  0.493   1.00 36.29  ? 191 LEU A HG   1 
ATOM   737  H HD11 . LEU A 1 55  ? -6.622  -1.872  2.225   1.00 40.59  ? 191 LEU A HD11 1 
ATOM   738  H HD12 . LEU A 1 55  ? -5.872  -3.082  1.519   1.00 40.59  ? 191 LEU A HD12 1 
ATOM   739  H HD13 . LEU A 1 55  ? -5.344  -2.521  2.909   1.00 40.59  ? 191 LEU A HD13 1 
ATOM   740  H HD21 . LEU A 1 55  ? -5.542  0.344   2.357   1.00 41.65  ? 191 LEU A HD21 1 
ATOM   741  H HD22 . LEU A 1 55  ? -4.275  -0.330  3.039   1.00 41.65  ? 191 LEU A HD22 1 
ATOM   742  H HD23 . LEU A 1 55  ? -4.097  0.556   1.732   1.00 41.65  ? 191 LEU A HD23 1 
ATOM   743  N N    . ASP A 1 56  ? -0.886  -2.740  -0.755  1.00 28.91  ? 192 ASP A N    1 
ATOM   744  C CA   . ASP A 1 56  ? 0.468   -3.276  -0.802  1.00 32.11  ? 192 ASP A CA   1 
ATOM   745  C C    . ASP A 1 56  ? 1.495   -2.178  -1.137  1.00 34.15  ? 192 ASP A C    1 
ATOM   746  O O    . ASP A 1 56  ? 2.493   -1.995  -0.422  1.00 36.15  ? 192 ASP A O    1 
ATOM   747  C CB   . ASP A 1 56  ? 0.475   -4.410  -1.829  1.00 33.67  ? 192 ASP A CB   1 
ATOM   748  C CG   . ASP A 1 56  ? 1.602   -5.381  -1.642  1.00 40.34  ? 192 ASP A CG   1 
ATOM   749  O OD1  . ASP A 1 56  ? 2.509   -5.129  -0.858  1.00 41.10  ? 192 ASP A OD1  1 
ATOM   750  O OD2  . ASP A 1 56  ? 1.552   -6.450  -2.312  1.00 44.76  ? 192 ASP A OD2  1 
ATOM   751  H H    . ASP A 1 56  ? -1.428  -3.079  -1.331  1.00 34.69  ? 192 ASP A H    1 
ATOM   752  H HA   . ASP A 1 56  ? 0.695   -3.649  0.065   1.00 38.53  ? 192 ASP A HA   1 
ATOM   753  H HB2  . ASP A 1 56  ? -0.357  -4.904  -1.756  1.00 40.41  ? 192 ASP A HB2  1 
ATOM   754  H HB3  . ASP A 1 56  ? 0.556   -4.028  -2.716  1.00 40.41  ? 192 ASP A HB3  1 
ATOM   755  N N    . TYR A 1 57  ? 1.224   -1.392  -2.176  1.00 29.53  ? 193 TYR A N    1 
ATOM   756  C CA   . TYR A 1 57  ? 2.132   -0.299  -2.538  1.00 27.85  ? 193 TYR A CA   1 
ATOM   757  C C    . TYR A 1 57  ? 2.121   0.788   -1.472  1.00 29.57  ? 193 TYR A C    1 
ATOM   758  O O    . TYR A 1 57  ? 3.177   1.339   -1.112  1.00 32.05  ? 193 TYR A O    1 
ATOM   759  C CB   . TYR A 1 57  ? 1.738   0.317   -3.868  1.00 28.81  ? 193 TYR A CB   1 
ATOM   760  C CG   . TYR A 1 57  ? 2.012   -0.556  -5.076  1.00 30.15  ? 193 TYR A CG   1 
ATOM   761  C CD1  . TYR A 1 57  ? 3.270   -0.576  -5.652  1.00 35.70  ? 193 TYR A CD1  1 
ATOM   762  C CD2  . TYR A 1 57  ? 1.033   -1.323  -5.582  1.00 32.43  ? 193 TYR A CD2  1 
ATOM   763  C CE1  . TYR A 1 57  ? 3.544   -1.392  -6.717  1.00 33.73  ? 193 TYR A CE1  1 
ATOM   764  C CE2  . TYR A 1 57  ? 1.288   -2.161  -6.694  1.00 35.00  ? 193 TYR A CE2  1 
ATOM   765  C CZ   . TYR A 1 57  ? 2.554   -2.162  -7.224  1.00 38.74  ? 193 TYR A CZ   1 
ATOM   766  O OH   . TYR A 1 57  ? 2.885   -2.929  -8.319  1.00 44.25  ? 193 TYR A OH   1 
ATOM   767  H H    . TYR A 1 57  ? 0.534   -1.468  -2.683  1.00 35.43  ? 193 TYR A H    1 
ATOM   768  H HA   . TYR A 1 57  ? 3.036   -0.642  -2.615  1.00 33.43  ? 193 TYR A HA   1 
ATOM   769  H HB2  . TYR A 1 57  ? 0.786   0.506   -3.853  1.00 34.57  ? 193 TYR A HB2  1 
ATOM   770  H HB3  . TYR A 1 57  ? 2.232   1.144   -3.986  1.00 34.57  ? 193 TYR A HB3  1 
ATOM   771  H HD1  . TYR A 1 57  ? 3.949   -0.054  -5.289  1.00 42.84  ? 193 TYR A HD1  1 
ATOM   772  H HD2  . TYR A 1 57  ? 0.186   -1.312  -5.196  1.00 38.92  ? 193 TYR A HD2  1 
ATOM   773  H HE1  . TYR A 1 57  ? 4.390   -1.397  -7.103  1.00 40.47  ? 193 TYR A HE1  1 
ATOM   774  H HE2  . TYR A 1 57  ? 0.619   -2.695  -7.055  1.00 42.00  ? 193 TYR A HE2  1 
ATOM   775  H HH   . TYR A 1 57  ? 3.690   -2.804  -8.525  1.00 53.10  ? 193 TYR A HH   1 
ATOM   776  N N    . LEU A 1 58  ? 0.943   1.120   -0.970  1.00 29.47  ? 194 LEU A N    1 
ATOM   777  C CA   . LEU A 1 58  ? 0.827   2.254   -0.050  1.00 28.85  ? 194 LEU A CA   1 
ATOM   778  C C    . LEU A 1 58  ? 1.513   1.965   1.266   1.00 31.03  ? 194 LEU A C    1 
ATOM   779  O O    . LEU A 1 58  ? 2.186   2.837   1.817   1.00 31.34  ? 194 LEU A O    1 
ATOM   780  C CB   . LEU A 1 58  ? -0.645  2.582   0.177   1.00 30.43  ? 194 LEU A CB   1 
ATOM   781  C CG   . LEU A 1 58  ? -0.968  3.778   1.071   1.00 31.87  ? 194 LEU A CG   1 
ATOM   782  C CD1  . LEU A 1 58  ? -0.365  5.078   0.536   1.00 31.86  ? 194 LEU A CD1  1 
ATOM   783  C CD2  . LEU A 1 58  ? -2.457  3.902   1.161   1.00 33.92  ? 194 LEU A CD2  1 
ATOM   784  H H    . LEU A 1 58  ? 0.202   0.716   -1.141  1.00 35.36  ? 194 LEU A H    1 
ATOM   785  H HA   . LEU A 1 58  ? 1.251   3.030   -0.447  1.00 34.62  ? 194 LEU A HA   1 
ATOM   786  H HB2  . LEU A 1 58  ? -1.051  2.755   -0.687  1.00 36.52  ? 194 LEU A HB2  1 
ATOM   787  H HB3  . LEU A 1 58  ? -1.068  1.805   0.577   1.00 36.52  ? 194 LEU A HB3  1 
ATOM   788  H HG   . LEU A 1 58  ? -0.619  3.619   1.962   1.00 38.25  ? 194 LEU A HG   1 
ATOM   789  H HD11 . LEU A 1 58  ? -0.598  5.804   1.136   1.00 38.23  ? 194 LEU A HD11 1 
ATOM   790  H HD12 . LEU A 1 58  ? 0.599   4.983   0.489   1.00 38.23  ? 194 LEU A HD12 1 
ATOM   791  H HD13 . LEU A 1 58  ? -0.724  5.252   -0.349  1.00 38.23  ? 194 LEU A HD13 1 
ATOM   792  H HD21 . LEU A 1 58  ? -2.676  4.659   1.726   1.00 40.71  ? 194 LEU A HD21 1 
ATOM   793  H HD22 . LEU A 1 58  ? -2.816  4.040   0.270   1.00 40.71  ? 194 LEU A HD22 1 
ATOM   794  H HD23 . LEU A 1 58  ? -2.820  3.087   1.542   1.00 40.71  ? 194 LEU A HD23 1 
ATOM   795  N N    . SER A 1 59  ? 1.318   0.763   1.821   1.00 30.44  ? 195 SER A N    1 
ATOM   796  C CA   . SER A 1 59  ? 1.904   0.448   3.114   1.00 30.27  ? 195 SER A CA   1 
ATOM   797  C C    . SER A 1 59  ? 3.427   0.509   3.062   1.00 31.06  ? 195 SER A C    1 
ATOM   798  O O    . SER A 1 59  ? 4.066   1.065   3.969   1.00 33.01  ? 195 SER A O    1 
ATOM   799  C CB   . SER A 1 59  ? 1.413   -0.908  3.608   1.00 35.38  ? 195 SER A CB   1 
ATOM   800  O OG   . SER A 1 59  ? 1.812   -1.960  2.740   1.00 35.17  ? 195 SER A OG   1 
ATOM   801  H H    . SER A 1 59  ? 0.856   0.128   1.471   1.00 36.53  ? 195 SER A H    1 
ATOM   802  H HA   . SER A 1 59  ? 1.609   1.114   3.754   1.00 36.32  ? 195 SER A HA   1 
ATOM   803  H HB2  . SER A 1 59  ? 1.785   -1.072  4.489   1.00 42.45  ? 195 SER A HB2  1 
ATOM   804  H HB3  . SER A 1 59  ? 0.445   -0.892  3.657   1.00 42.45  ? 195 SER A HB3  1 
ATOM   805  H HG   . SER A 1 59  ? 1.495   -1.834  1.972   1.00 42.20  ? 195 SER A HG   1 
ATOM   806  N N    . TYR A 1 60  ? 4.024   0.002   1.982   1.00 27.93  ? 196 TYR A N    1 
ATOM   807  C CA   . TYR A 1 60  ? 5.474   0.075   1.878   1.00 30.93  ? 196 TYR A CA   1 
ATOM   808  C C    . TYR A 1 60  ? 5.934   1.517   1.677   1.00 32.48  ? 196 TYR A C    1 
ATOM   809  O O    . TYR A 1 60  ? 6.917   1.958   2.296   1.00 33.69  ? 196 TYR A O    1 
ATOM   810  C CB   . TYR A 1 60  ? 5.969   -0.773  0.730   1.00 32.37  ? 196 TYR A CB   1 
ATOM   811  C CG   . TYR A 1 60  ? 7.474   -0.825  0.687   1.00 34.90  ? 196 TYR A CG   1 
ATOM   812  C CD1  . TYR A 1 60  ? 8.189   -1.589  1.589   1.00 43.72  ? 196 TYR A CD1  1 
ATOM   813  C CD2  . TYR A 1 60  ? 8.173   -0.122  -0.278  1.00 38.19  ? 196 TYR A CD2  1 
ATOM   814  C CE1  . TYR A 1 60  ? 9.564   -1.655  1.531   1.00 48.92  ? 196 TYR A CE1  1 
ATOM   815  C CE2  . TYR A 1 60  ? 9.553   -0.194  -0.356  1.00 46.29  ? 196 TYR A CE2  1 
ATOM   816  C CZ   . TYR A 1 60  ? 10.239  -0.952  0.557   1.00 47.99  ? 196 TYR A CZ   1 
ATOM   817  O OH   . TYR A 1 60  ? 11.614  -0.996  0.496   1.00 55.37  ? 196 TYR A OH   1 
ATOM   818  H H    . TYR A 1 60  ? 3.625   -0.375  1.320   1.00 33.52  ? 196 TYR A H    1 
ATOM   819  H HA   . TYR A 1 60  ? 5.871   -0.260  2.696   1.00 37.12  ? 196 TYR A HA   1 
ATOM   820  H HB2  . TYR A 1 60  ? 5.636   -1.679  0.835   1.00 38.84  ? 196 TYR A HB2  1 
ATOM   821  H HB3  . TYR A 1 60  ? 5.654   -0.395  -0.106  1.00 38.84  ? 196 TYR A HB3  1 
ATOM   822  H HD1  . TYR A 1 60  ? 7.734   -2.070  2.243   1.00 52.46  ? 196 TYR A HD1  1 
ATOM   823  H HD2  . TYR A 1 60  ? 7.705   0.384   -0.902  1.00 45.83  ? 196 TYR A HD2  1 
ATOM   824  H HE1  . TYR A 1 60  ? 10.035  -2.168  2.147   1.00 58.70  ? 196 TYR A HE1  1 
ATOM   825  H HE2  . TYR A 1 60  ? 10.012  0.290   -1.004  1.00 55.55  ? 196 TYR A HE2  1 
ATOM   826  H HH   . TYR A 1 60  ? 11.890  -0.524  -0.141  1.00 66.44  ? 196 TYR A HH   1 
ATOM   827  N N    . ALA A 1 61  ? 5.224   2.267   0.840   1.00 31.23  ? 197 ALA A N    1 
ATOM   828  C CA   . ALA A 1 61  ? 5.624   3.644   0.581   1.00 33.21  ? 197 ALA A CA   1 
ATOM   829  C C    . ALA A 1 61  ? 5.540   4.496   1.849   1.00 33.23  ? 197 ALA A C    1 
ATOM   830  O O    . ALA A 1 61  ? 6.457   5.277   2.143   1.00 33.63  ? 197 ALA A O    1 
ATOM   831  C CB   . ALA A 1 61  ? 4.765   4.219   -0.537  1.00 32.21  ? 197 ALA A CB   1 
ATOM   832  H H    . ALA A 1 61  ? 4.520   2.009   0.417   1.00 37.48  ? 197 ALA A H    1 
ATOM   833  H HA   . ALA A 1 61  ? 6.545   3.651   0.280   1.00 39.85  ? 197 ALA A HA   1 
ATOM   834  H HB1  . ALA A 1 61  ? 5.036   5.135   -0.703  1.00 38.65  ? 197 ALA A HB1  1 
ATOM   835  H HB2  . ALA A 1 61  ? 4.890   3.686   -1.336  1.00 38.65  ? 197 ALA A HB2  1 
ATOM   836  H HB3  . ALA A 1 61  ? 3.834   4.194   -0.264  1.00 38.65  ? 197 ALA A HB3  1 
ATOM   837  N N    . VAL A 1 62  ? 4.501   4.329   2.669   1.00 29.35  ? 198 VAL A N    1 
ATOM   838  C CA   . VAL A 1 62  ? 4.436   5.199   3.858   1.00 31.59  ? 198 VAL A CA   1 
ATOM   839  C C    . VAL A 1 62  ? 5.509   4.800   4.869   1.00 34.22  ? 198 VAL A C    1 
ATOM   840  O O    . VAL A 1 62  ? 6.003   5.640   5.630   1.00 33.70  ? 198 VAL A O    1 
ATOM   841  C CB   . VAL A 1 62  ? 3.041   5.209   4.517   1.00 40.94  ? 198 VAL A CB   1 
ATOM   842  C CG1  . VAL A 1 62  ? 1.961   5.707   3.561   1.00 40.47  ? 198 VAL A CG1  1 
ATOM   843  C CG2  . VAL A 1 62  ? 2.681   3.901   5.074   1.00 40.46  ? 198 VAL A CG2  1 
ATOM   844  H H    . VAL A 1 62  ? 3.861   3.763   2.575   1.00 35.21  ? 198 VAL A H    1 
ATOM   845  H HA   . VAL A 1 62  ? 4.629   6.108   3.578   1.00 37.91  ? 198 VAL A HA   1 
ATOM   846  H HB   . VAL A 1 62  ? 3.068   5.833   5.259   1.00 49.12  ? 198 VAL A HB   1 
ATOM   847  H HG11 . VAL A 1 62  ? 1.106   5.696   4.018   1.00 48.57  ? 198 VAL A HG11 1 
ATOM   848  H HG12 . VAL A 1 62  ? 2.178   6.612   3.285   1.00 48.57  ? 198 VAL A HG12 1 
ATOM   849  H HG13 . VAL A 1 62  ? 1.931   5.123   2.787   1.00 48.57  ? 198 VAL A HG13 1 
ATOM   850  H HG21 . VAL A 1 62  ? 1.800   3.960   5.475   1.00 48.55  ? 198 VAL A HG21 1 
ATOM   851  H HG22 . VAL A 1 62  ? 2.676   3.244   4.360   1.00 48.55  ? 198 VAL A HG22 1 
ATOM   852  H HG23 . VAL A 1 62  ? 3.335   3.654   5.747   1.00 48.55  ? 198 VAL A HG23 1 
ATOM   853  N N    . PHE A 1 63  ? 5.899   3.518   4.893   1.00 32.88  ? 199 PHE A N    1 
ATOM   854  C CA   . PHE A 1 63  ? 7.010   3.103   5.744   1.00 37.56  ? 199 PHE A CA   1 
ATOM   855  C C    . PHE A 1 63  ? 8.320   3.751   5.304   1.00 34.72  ? 199 PHE A C    1 
ATOM   856  O O    . PHE A 1 63  ? 9.097   4.228   6.157   1.00 38.09  ? 199 PHE A O    1 
ATOM   857  C CB   . PHE A 1 63  ? 7.135   1.575   5.752   1.00 35.60  ? 199 PHE A CB   1 
ATOM   858  C CG   . PHE A 1 63  ? 8.350   1.090   6.506   1.00 35.90  ? 199 PHE A CG   1 
ATOM   859  C CD1  . PHE A 1 63  ? 8.391   1.168   7.886   1.00 44.52  ? 199 PHE A CD1  1 
ATOM   860  C CD2  . PHE A 1 63  ? 9.463   0.614   5.829   1.00 49.10  ? 199 PHE A CD2  1 
ATOM   861  C CE1  . PHE A 1 63  ? 9.505   0.741   8.585   1.00 46.00  ? 199 PHE A CE1  1 
ATOM   862  C CE2  . PHE A 1 63  ? 10.590  0.198   6.532   1.00 46.26  ? 199 PHE A CE2  1 
ATOM   863  C CZ   . PHE A 1 63  ? 10.602  0.257   7.898   1.00 45.37  ? 199 PHE A CZ   1 
ATOM   864  H H    . PHE A 1 63  ? 5.542   2.886   4.433   1.00 39.46  ? 199 PHE A H    1 
ATOM   865  H HA   . PHE A 1 63  ? 6.829   3.389   6.653   1.00 45.08  ? 199 PHE A HA   1 
ATOM   866  H HB2  . PHE A 1 63  ? 6.349   1.197   6.174   1.00 42.72  ? 199 PHE A HB2  1 
ATOM   867  H HB3  . PHE A 1 63  ? 7.205   1.260   4.838   1.00 42.72  ? 199 PHE A HB3  1 
ATOM   868  H HD1  . PHE A 1 63  ? 7.653   1.489   8.351   1.00 53.42  ? 199 PHE A HD1  1 
ATOM   869  H HD2  . PHE A 1 63  ? 9.455   0.569   4.900   1.00 58.93  ? 199 PHE A HD2  1 
ATOM   870  H HE1  . PHE A 1 63  ? 9.519   0.787   9.514   1.00 55.20  ? 199 PHE A HE1  1 
ATOM   871  H HE2  . PHE A 1 63  ? 11.328  -0.134  6.074   1.00 55.51  ? 199 PHE A HE2  1 
ATOM   872  H HZ   . PHE A 1 63  ? 11.353  -0.026  8.367   1.00 54.44  ? 199 PHE A HZ   1 
ATOM   873  N N    . GLN A 1 64  ? 8.544   3.851   4.003   1.00 34.54  ? 200 GLN A N    1 
ATOM   874  C CA   . GLN A 1 64  ? 9.769   4.475   3.495   1.00 38.03  ? 200 GLN A CA   1 
ATOM   875  C C    . GLN A 1 64  ? 9.823   5.942   3.899   1.00 40.04  ? 200 GLN A C    1 
ATOM   876  O O    . GLN A 1 64  ? 10.894  6.483   4.202   1.00 44.99  ? 200 GLN A O    1 
ATOM   877  C CB   . GLN A 1 64  ? 9.834   4.355   1.992   1.00 36.59  ? 200 GLN A CB   1 
ATOM   878  C CG   . GLN A 1 64  ? 10.157  2.929   1.521   1.00 38.49  ? 200 GLN A CG   1 
ATOM   879  C CD   . GLN A 1 64  ? 11.537  2.513   2.024   1.00 50.14  ? 200 GLN A CD   1 
ATOM   880  O OE1  . GLN A 1 64  ? 12.524  3.200   1.777   1.00 57.77  ? 200 GLN A OE1  1 
ATOM   881  N NE2  . GLN A 1 64  ? 11.598  1.435   2.771   1.00 58.39  ? 200 GLN A NE2  1 
ATOM   882  H H    . GLN A 1 64  ? 8.010   3.570   3.391   1.00 41.45  ? 200 GLN A H    1 
ATOM   883  H HA   . GLN A 1 64  ? 10.540  4.025   3.873   1.00 45.63  ? 200 GLN A HA   1 
ATOM   884  H HB2  . GLN A 1 64  ? 8.975   4.608   1.617   1.00 43.91  ? 200 GLN A HB2  1 
ATOM   885  H HB3  . GLN A 1 64  ? 10.528  4.945   1.658   1.00 43.91  ? 200 GLN A HB3  1 
ATOM   886  H HG2  . GLN A 1 64  ? 9.499   2.311   1.879   1.00 46.18  ? 200 GLN A HG2  1 
ATOM   887  H HG3  . GLN A 1 64  ? 10.159  2.899   0.552   1.00 46.18  ? 200 GLN A HG3  1 
ATOM   888  H HE21 . GLN A 1 64  ? 10.880  0.999   2.955   1.00 70.07  ? 200 GLN A HE21 1 
ATOM   889  H HE22 . GLN A 1 64  ? 12.355  1.165   3.075   1.00 70.07  ? 200 GLN A HE22 1 
ATOM   890  N N    . LEU A 1 65  ? 8.674   6.592   3.916   1.00 34.03  ? 201 LEU A N    1 
ATOM   891  C CA   . LEU A 1 65  ? 8.569   7.991   4.328   1.00 36.47  ? 201 LEU A CA   1 
ATOM   892  C C    . LEU A 1 65  ? 8.656   8.204   5.841   1.00 43.05  ? 201 LEU A C    1 
ATOM   893  O O    . LEU A 1 65  ? 8.627   9.371   6.280   1.00 40.21  ? 201 LEU A O    1 
ATOM   894  C CB   . LEU A 1 65  ? 7.259   8.569   3.816   1.00 31.71  ? 201 LEU A CB   1 
ATOM   895  C CG   . LEU A 1 65  ? 7.182   8.667   2.302   1.00 36.03  ? 201 LEU A CG   1 
ATOM   896  C CD1  . LEU A 1 65  ? 5.738   8.999   1.902   1.00 40.63  ? 201 LEU A CD1  1 
ATOM   897  C CD2  . LEU A 1 65  ? 8.163   9.664   1.680   1.00 44.00  ? 201 LEU A CD2  1 
ATOM   898  H H    . LEU A 1 65  ? 7.922   6.242   3.689   1.00 40.84  ? 201 LEU A H    1 
ATOM   899  H HA   . LEU A 1 65  ? 9.293   8.491   3.919   1.00 43.77  ? 201 LEU A HA   1 
ATOM   900  H HB2  . LEU A 1 65  ? 6.530   8.003   4.113   1.00 38.05  ? 201 LEU A HB2  1 
ATOM   901  H HB3  . LEU A 1 65  ? 7.149   9.463   4.176   1.00 38.05  ? 201 LEU A HB3  1 
ATOM   902  H HG   . LEU A 1 65  ? 7.389   7.795   1.931   1.00 43.23  ? 201 LEU A HG   1 
ATOM   903  H HD11 . LEU A 1 65  ? 5.684   9.062   0.936   1.00 48.76  ? 201 LEU A HD11 1 
ATOM   904  H HD12 . LEU A 1 65  ? 5.152   8.294   2.221   1.00 48.76  ? 201 LEU A HD12 1 
ATOM   905  H HD13 . LEU A 1 65  ? 5.486   9.845   2.304   1.00 48.76  ? 201 LEU A HD13 1 
ATOM   906  H HD21 . LEU A 1 65  ? 8.046   9.663   0.717   1.00 52.80  ? 201 LEU A HD21 1 
ATOM   907  H HD22 . LEU A 1 65  ? 7.981   10.549  2.035   1.00 52.80  ? 201 LEU A HD22 1 
ATOM   908  H HD23 . LEU A 1 65  ? 9.068   9.398   1.905   1.00 52.80  ? 201 LEU A HD23 1 
ATOM   909  N N    . GLY A 1 66  ? 8.696   7.139   6.658   1.00 37.11  ? 202 GLY A N    1 
ATOM   910  C CA   . GLY A 1 66  ? 8.866   7.257   8.101   1.00 39.40  ? 202 GLY A CA   1 
ATOM   911  C C    . GLY A 1 66  ? 7.605   7.233   8.933   1.00 46.00  ? 202 GLY A C    1 
ATOM   912  O O    . GLY A 1 66  ? 7.634   7.669   10.095  1.00 44.16  ? 202 GLY A O    1 
ATOM   913  H H    . GLY A 1 66  ? 8.623   6.327   6.387   1.00 44.53  ? 202 GLY A H    1 
ATOM   914  H HA2  . GLY A 1 66  ? 9.431   6.530   8.405   1.00 47.28  ? 202 GLY A HA2  1 
ATOM   915  H HA3  . GLY A 1 66  ? 9.326   8.089   8.291   1.00 47.28  ? 202 GLY A HA3  1 
ATOM   916  N N    . ASP A 1 67  ? 6.480   6.770   8.380   1.00 35.38  ? 203 ASP A N    1 
ATOM   917  C CA   . ASP A 1 67  ? 5.192   6.853   9.062   1.00 35.57  ? 203 ASP A CA   1 
ATOM   918  C C    . ASP A 1 67  ? 4.861   5.492   9.667   1.00 48.87  ? 203 ASP A C    1 
ATOM   919  O O    . ASP A 1 67  ? 4.119   4.701   9.089   1.00 41.72  ? 203 ASP A O    1 
ATOM   920  C CB   . ASP A 1 67  ? 4.095   7.324   8.108   1.00 40.01  ? 203 ASP A CB   1 
ATOM   921  C CG   . ASP A 1 67  ? 2.943   8.037   8.840   1.00 42.64  ? 203 ASP A CG   1 
ATOM   922  O OD1  . ASP A 1 67  ? 3.050   8.285   10.054  1.00 53.30  ? 203 ASP A OD1  1 
ATOM   923  O OD2  . ASP A 1 67  ? 1.924   8.386   8.199   1.00 49.72  ? 203 ASP A OD2  1 
ATOM   924  H H    . ASP A 1 67  ? 6.440   6.400   7.605   1.00 42.46  ? 203 ASP A H    1 
ATOM   925  H HA   . ASP A 1 67  ? 5.257   7.496   9.786   1.00 42.68  ? 203 ASP A HA   1 
ATOM   926  H HB2  . ASP A 1 67  ? 4.477   7.945   7.469   1.00 48.01  ? 203 ASP A HB2  1 
ATOM   927  H HB3  . ASP A 1 67  ? 3.726   6.554   7.645   1.00 48.01  ? 203 ASP A HB3  1 
ATOM   928  N N    . LEU A 1 68  ? 5.358   5.256   10.885  1.00 35.48  ? 204 LEU A N    1 
ATOM   929  C CA   . LEU A 1 68  ? 5.469   3.891   11.396  1.00 36.14  ? 204 LEU A CA   1 
ATOM   930  C C    . LEU A 1 68  ? 4.117   3.280   11.717  1.00 37.00  ? 204 LEU A C    1 
ATOM   931  O O    . LEU A 1 68  ? 3.797   2.183   11.222  1.00 35.85  ? 204 LEU A O    1 
ATOM   932  C CB   . LEU A 1 68  ? 6.385   3.851   12.626  1.00 38.49  ? 204 LEU A CB   1 
ATOM   933  C CG   . LEU A 1 68  ? 7.863   4.061   12.327  1.00 47.00  ? 204 LEU A CG   1 
ATOM   934  C CD1  . LEU A 1 68  ? 8.644   4.021   13.648  1.00 49.79  ? 204 LEU A CD1  1 
ATOM   935  C CD2  . LEU A 1 68  ? 8.411   3.017   11.380  1.00 53.79  ? 204 LEU A CD2  1 
ATOM   936  H H    . LEU A 1 68  ? 5.633   5.865   11.429  1.00 42.57  ? 204 LEU A H    1 
ATOM   937  H HA   . LEU A 1 68  ? 5.880   3.341   10.711  1.00 43.37  ? 204 LEU A HA   1 
ATOM   938  H HB2  . LEU A 1 68  ? 6.107   4.548   13.240  1.00 46.19  ? 204 LEU A HB2  1 
ATOM   939  H HB3  . LEU A 1 68  ? 6.291   2.985   13.052  1.00 46.19  ? 204 LEU A HB3  1 
ATOM   940  H HG   . LEU A 1 68  ? 7.989   4.935   11.924  1.00 56.40  ? 204 LEU A HG   1 
ATOM   941  H HD11 . LEU A 1 68  ? 9.586   4.154   13.462  1.00 59.75  ? 204 LEU A HD11 1 
ATOM   942  H HD12 . LEU A 1 68  ? 8.317   4.726   14.228  1.00 59.75  ? 204 LEU A HD12 1 
ATOM   943  H HD13 . LEU A 1 68  ? 8.507   3.157   14.067  1.00 59.75  ? 204 LEU A HD13 1 
ATOM   944  H HD21 . LEU A 1 68  ? 9.352   3.195   11.223  1.00 64.55  ? 204 LEU A HD21 1 
ATOM   945  H HD22 . LEU A 1 68  ? 8.303   2.140   11.781  1.00 64.55  ? 204 LEU A HD22 1 
ATOM   946  H HD23 . LEU A 1 68  ? 7.921   3.060   10.544  1.00 64.55  ? 204 LEU A HD23 1 
ATOM   947  N N    . HIS A 1 69  ? 3.301   3.937   12.530  1.00 33.85  ? 205 HIS A N    1 
ATOM   948  C CA   . HIS A 1 69  ? 2.055   3.292   12.920  1.00 36.26  ? 205 HIS A CA   1 
ATOM   949  C C    . HIS A 1 69  ? 1.061   3.265   11.762  1.00 34.30  ? 205 HIS A C    1 
ATOM   950  O O    . HIS A 1 69  ? 0.186   2.398   11.718  1.00 33.93  ? 205 HIS A O    1 
ATOM   951  C CB   . HIS A 1 69  ? 1.454   3.951   14.155  1.00 38.26  ? 205 HIS A CB   1 
ATOM   952  C CG   . HIS A 1 69  ? 2.066   3.455   15.426  1.00 40.14  ? 205 HIS A CG   1 
ATOM   953  N ND1  . HIS A 1 69  ? 3.301   3.881   15.875  1.00 38.77  ? 205 HIS A ND1  1 
ATOM   954  C CD2  . HIS A 1 69  ? 1.646   2.517   16.308  1.00 41.52  ? 205 HIS A CD2  1 
ATOM   955  C CE1  . HIS A 1 69  ? 3.600   3.243   16.994  1.00 41.92  ? 205 HIS A CE1  1 
ATOM   956  N NE2  . HIS A 1 69  ? 2.617   2.404   17.272  1.00 43.56  ? 205 HIS A NE2  1 
ATOM   957  H H    . HIS A 1 69  ? 3.436   4.721   12.856  1.00 40.62  ? 205 HIS A H    1 
ATOM   958  H HA   . HIS A 1 69  ? 2.250   2.370   13.153  1.00 43.51  ? 205 HIS A HA   1 
ATOM   959  H HB2  . HIS A 1 69  ? 1.601   4.909   14.105  1.00 45.91  ? 205 HIS A HB2  1 
ATOM   960  H HB3  . HIS A 1 69  ? 0.504   3.761   14.185  1.00 45.91  ? 205 HIS A HB3  1 
ATOM   961  H HD2  . HIS A 1 69  ? 0.849   2.039   16.268  1.00 49.82  ? 205 HIS A HD2  1 
ATOM   962  H HE1  . HIS A 1 69  ? 4.373   3.362   17.498  1.00 50.31  ? 205 HIS A HE1  1 
ATOM   963  H HE2  . HIS A 1 69  ? 2.580   1.887   17.958  1.00 52.27  ? 205 HIS A HE2  1 
ATOM   964  N N    . ARG A 1 70  ? 1.154   4.211   10.834  1.00 30.35  ? 206 ARG A N    1 
ATOM   965  C CA   A ARG A 1 70  ? 0.306   4.145   9.644   0.59 31.14  ? 206 ARG A CA   1 
ATOM   966  C CA   B ARG A 1 70  ? 0.298   4.136   9.648   0.41 31.37  ? 206 ARG A CA   1 
ATOM   967  C C    . ARG A 1 70  ? 0.666   2.944   8.785   1.00 30.96  ? 206 ARG A C    1 
ATOM   968  O O    . ARG A 1 70  ? -0.218  2.280   8.235   1.00 32.05  ? 206 ARG A O    1 
ATOM   969  C CB   A ARG A 1 70  ? 0.455   5.428   8.838   0.59 32.71  ? 206 ARG A CB   1 
ATOM   970  C CB   B ARG A 1 70  ? 0.384   5.408   8.814   0.41 32.85  ? 206 ARG A CB   1 
ATOM   971  C CG   A ARG A 1 70  ? -0.390  5.503   7.567   0.59 37.69  ? 206 ARG A CG   1 
ATOM   972  C CG   B ARG A 1 70  ? -0.508  5.349   7.547   0.41 37.19  ? 206 ARG A CG   1 
ATOM   973  C CD   A ARG A 1 70  ? -1.860  5.521   7.853   0.59 30.68  ? 206 ARG A CD   1 
ATOM   974  C CD   B ARG A 1 70  ? -1.489  6.490   7.456   0.41 38.06  ? 206 ARG A CD   1 
ATOM   975  N NE   A ARG A 1 70  ? -2.627  5.805   6.627   0.59 37.18  ? 206 ARG A NE   1 
ATOM   976  N NE   B ARG A 1 70  ? -2.642  6.215   6.597   0.41 38.34  ? 206 ARG A NE   1 
ATOM   977  C CZ   A ARG A 1 70  ? -3.932  5.591   6.502   0.59 39.35  ? 206 ARG A CZ   1 
ATOM   978  C CZ   B ARG A 1 70  ? -2.741  6.538   5.311   0.41 39.54  ? 206 ARG A CZ   1 
ATOM   979  N NH1  A ARG A 1 70  ? -4.630  5.064   7.508   0.59 40.59  ? 206 ARG A NH1  1 
ATOM   980  N NH1  B ARG A 1 70  ? -1.738  7.126   4.668   0.41 32.14  ? 206 ARG A NH1  1 
ATOM   981  N NH2  A ARG A 1 70  ? -4.538  5.894   5.366   0.59 43.12  ? 206 ARG A NH2  1 
ATOM   982  N NH2  B ARG A 1 70  ? -3.864  6.258   4.669   0.41 40.28  ? 206 ARG A NH2  1 
ATOM   983  H H    . ARG A 1 70  ? 1.683   4.889   10.857  1.00 36.42  ? 206 ARG A H    1 
ATOM   984  H HA   . ARG A 1 70  ? -0.622  4.043   9.924   1.00 37.65  ? 206 ARG A HA   1 
ATOM   985  H HB2  A ARG A 1 70  ? 0.201   6.175   9.401   0.59 39.25  ? 206 ARG A HB2  1 
ATOM   986  H HB2  B ARG A 1 70  ? 0.092   6.161   9.352   0.41 39.41  ? 206 ARG A HB2  1 
ATOM   987  H HB3  A ARG A 1 70  ? 1.384   5.520   8.576   0.59 39.25  ? 206 ARG A HB3  1 
ATOM   988  H HB3  B ARG A 1 70  ? 1.303   5.538   8.529   0.41 39.41  ? 206 ARG A HB3  1 
ATOM   989  H HG2  A ARG A 1 70  ? -0.168  6.316   7.087   0.59 45.23  ? 206 ARG A HG2  1 
ATOM   990  H HG2  B ARG A 1 70  ? 0.060   5.380   6.761   0.41 44.63  ? 206 ARG A HG2  1 
ATOM   991  H HG3  A ARG A 1 70  ? -0.201  4.728   7.016   0.59 45.23  ? 206 ARG A HG3  1 
ATOM   992  H HG3  B ARG A 1 70  ? -1.013  4.521   7.557   0.41 44.63  ? 206 ARG A HG3  1 
ATOM   993  H HD2  A ARG A 1 70  ? -2.134  4.655   8.191   0.59 36.81  ? 206 ARG A HD2  1 
ATOM   994  H HD2  B ARG A 1 70  ? -1.822  6.684   8.346   0.41 45.67  ? 206 ARG A HD2  1 
ATOM   995  H HD3  A ARG A 1 70  ? -2.054  6.215   8.503   0.59 36.81  ? 206 ARG A HD3  1 
ATOM   996  H HD3  B ARG A 1 70  ? -1.031  7.266   7.099   0.41 45.67  ? 206 ARG A HD3  1 
ATOM   997  H HE   A ARG A 1 70  ? -2.220  6.198   5.980   0.59 44.62  ? 206 ARG A HE   1 
ATOM   998  H HE   B ARG A 1 70  ? -3.313  5.812   6.953   0.41 46.01  ? 206 ARG A HE   1 
ATOM   999  H HH11 A ARG A 1 70  ? -4.238  4.871   8.249   0.59 48.71  ? 206 ARG A HH11 1 
ATOM   1000 H HH11 B ARG A 1 70  ? -1.011  7.316   5.086   0.41 38.57  ? 206 ARG A HH11 1 
ATOM   1001 H HH12 A ARG A 1 70  ? -5.474  4.925   7.420   0.59 48.71  ? 206 ARG A HH12 1 
ATOM   1002 H HH12 B ARG A 1 70  ? -1.818  7.321   3.834   0.41 38.57  ? 206 ARG A HH12 1 
ATOM   1003 H HH21 A ARG A 1 70  ? -4.089  6.229   4.714   0.59 51.74  ? 206 ARG A HH21 1 
ATOM   1004 H HH21 B ARG A 1 70  ? -4.511  5.869   5.081   0.41 48.34  ? 206 ARG A HH21 1 
ATOM   1005 H HH22 A ARG A 1 70  ? -5.381  5.747   5.277   0.59 51.74  ? 206 ARG A HH22 1 
ATOM   1006 H HH22 B ARG A 1 70  ? -3.939  6.444   3.832   0.41 48.34  ? 206 ARG A HH22 1 
ATOM   1007 N N    . ALA A 1 71  ? 1.969   2.672   8.621   1.00 29.17  ? 207 ALA A N    1 
ATOM   1008 C CA   . ALA A 1 71  ? 2.367   1.492   7.850   1.00 30.91  ? 207 ALA A CA   1 
ATOM   1009 C C    . ALA A 1 71  ? 1.846   0.224   8.512   1.00 35.17  ? 207 ALA A C    1 
ATOM   1010 O O    . ALA A 1 71  ? 1.390   -0.697  7.814   1.00 34.43  ? 207 ALA A O    1 
ATOM   1011 C CB   . ALA A 1 71  ? 3.887   1.434   7.697   1.00 35.12  ? 207 ALA A CB   1 
ATOM   1012 H H    . ALA A 1 71  ? 2.619   3.137   8.938   1.00 35.01  ? 207 ALA A H    1 
ATOM   1013 H HA   . ALA A 1 71  ? 1.979   1.550   6.962   1.00 37.09  ? 207 ALA A HA   1 
ATOM   1014 H HB1  . ALA A 1 71  ? 4.123   0.645   7.183   1.00 42.15  ? 207 ALA A HB1  1 
ATOM   1015 H HB2  . ALA A 1 71  ? 4.189   2.233   7.236   1.00 42.15  ? 207 ALA A HB2  1 
ATOM   1016 H HB3  . ALA A 1 71  ? 4.291   1.388   8.578   1.00 42.15  ? 207 ALA A HB3  1 
ATOM   1017 N N    . LEU A 1 72  ? 1.871   0.169   9.850   1.00 32.09  ? 208 LEU A N    1 
ATOM   1018 C CA   . LEU A 1 72  ? 1.324   -0.980  10.577  1.00 35.53  ? 208 LEU A CA   1 
ATOM   1019 C C    . LEU A 1 72  ? -0.179  -1.119  10.346  1.00 38.50  ? 208 LEU A C    1 
ATOM   1020 O O    . LEU A 1 72  ? -0.677  -2.210  9.997   1.00 35.08  ? 208 LEU A O    1 
ATOM   1021 C CB   . LEU A 1 72  ? 1.626   -0.854  12.069  1.00 40.25  ? 208 LEU A CB   1 
ATOM   1022 C CG   . LEU A 1 72  ? 0.927   -1.861  12.976  1.00 38.79  ? 208 LEU A CG   1 
ATOM   1023 C CD1  . LEU A 1 72  ? 1.243   -3.340  12.609  1.00 40.25  ? 208 LEU A CD1  1 
ATOM   1024 C CD2  . LEU A 1 72  ? 1.290   -1.565  14.432  1.00 57.91  ? 208 LEU A CD2  1 
ATOM   1025 H H    . LEU A 1 72  ? 2.199   0.783   10.356  1.00 38.51  ? 208 LEU A H    1 
ATOM   1026 H HA   . LEU A 1 72  ? 1.751   -1.789  10.253  1.00 42.63  ? 208 LEU A HA   1 
ATOM   1027 H HB2  . LEU A 1 72  ? 2.582   -0.963  12.197  1.00 48.30  ? 208 LEU A HB2  1 
ATOM   1028 H HB3  . LEU A 1 72  ? 1.361   0.032   12.360  1.00 48.30  ? 208 LEU A HB3  1 
ATOM   1029 H HG   . LEU A 1 72  ? -0.031  -1.739  12.886  1.00 46.55  ? 208 LEU A HG   1 
ATOM   1030 H HD11 . LEU A 1 72  ? 0.769   -3.925  13.221  1.00 48.30  ? 208 LEU A HD11 1 
ATOM   1031 H HD12 . LEU A 1 72  ? 0.952   -3.508  11.699  1.00 48.30  ? 208 LEU A HD12 1 
ATOM   1032 H HD13 . LEU A 1 72  ? 2.198   -3.487  12.683  1.00 48.30  ? 208 LEU A HD13 1 
ATOM   1033 H HD21 . LEU A 1 72  ? 0.844   -2.208  15.006  1.00 69.49  ? 208 LEU A HD21 1 
ATOM   1034 H HD22 . LEU A 1 72  ? 2.252   -1.640  14.539  1.00 69.49  ? 208 LEU A HD22 1 
ATOM   1035 H HD23 . LEU A 1 72  ? 1.001   -0.667  14.653  1.00 69.49  ? 208 LEU A HD23 1 
ATOM   1036 N N    . GLU A 1 73  ? -0.900  -0.006  10.448  1.00 33.71  ? 209 GLU A N    1 
ATOM   1037 C CA   . GLU A 1 73  ? -2.341  -0.004  10.236  1.00 28.19  ? 209 GLU A CA   1 
ATOM   1038 C C    . GLU A 1 73  ? -2.675  -0.506  8.830   1.00 30.74  ? 209 GLU A C    1 
ATOM   1039 O O    . GLU A 1 73  ? -3.570  -1.340  8.657   1.00 33.67  ? 209 GLU A O    1 
ATOM   1040 C CB   . GLU A 1 73  ? -2.907  1.398   10.432  1.00 37.68  ? 209 GLU A CB   1 
ATOM   1041 C CG   . GLU A 1 73  ? -4.414  1.531   10.201  1.00 58.60  ? 209 GLU A CG   1 
ATOM   1042 C CD   . GLU A 1 73  ? -4.920  2.979   10.318  1.00 78.01  ? 209 GLU A CD   1 
ATOM   1043 O OE1  . GLU A 1 73  ? -4.098  3.912   10.496  1.00 59.22  ? 209 GLU A OE1  1 
ATOM   1044 O OE2  . GLU A 1 73  ? -6.153  3.181   10.226  1.00 82.87  ? 209 GLU A OE2  1 
ATOM   1045 H H    . GLU A 1 73  ? -0.575  0.766   10.640  1.00 40.46  ? 209 GLU A H    1 
ATOM   1046 H HA   . GLU A 1 73  ? -2.760  -0.596  10.879  1.00 33.83  ? 209 GLU A HA   1 
ATOM   1047 H HB2  . GLU A 1 73  ? -2.726  1.678   11.343  1.00 45.22  ? 209 GLU A HB2  1 
ATOM   1048 H HB3  . GLU A 1 73  ? -2.463  1.999   9.814   1.00 45.22  ? 209 GLU A HB3  1 
ATOM   1049 H HG2  . GLU A 1 73  ? -4.625  1.212   9.309   1.00 70.32  ? 209 GLU A HG2  1 
ATOM   1050 H HG3  . GLU A 1 73  ? -4.882  0.997   10.862  1.00 70.32  ? 209 GLU A HG3  1 
ATOM   1051 N N    . LEU A 1 74  ? -1.977  0.024   7.814   1.00 28.17  ? 210 LEU A N    1 
ATOM   1052 C CA   . LEU A 1 74  ? -2.249  -0.376  6.434   1.00 28.20  ? 210 LEU A CA   1 
ATOM   1053 C C    . LEU A 1 74  ? -1.834  -1.807  6.168   1.00 30.51  ? 210 LEU A C    1 
ATOM   1054 O O    . LEU A 1 74  ? -2.473  -2.487  5.345   1.00 30.53  ? 210 LEU A O    1 
ATOM   1055 C CB   . LEU A 1 74  ? -1.529  0.537   5.444   1.00 28.08  ? 210 LEU A CB   1 
ATOM   1056 C CG   . LEU A 1 74  ? -1.978  1.974   5.502   1.00 28.97  ? 210 LEU A CG   1 
ATOM   1057 C CD1  . LEU A 1 74  ? -1.109  2.829   4.630   1.00 35.42  ? 210 LEU A CD1  1 
ATOM   1058 C CD2  . LEU A 1 74  ? -3.443  2.145   5.121   1.00 33.90  ? 210 LEU A CD2  1 
ATOM   1059 H H    . LEU A 1 74  ? -1.352  0.607   7.899   1.00 33.81  ? 210 LEU A H    1 
ATOM   1060 H HA   . LEU A 1 74  ? -3.202  -0.306  6.268   1.00 33.85  ? 210 LEU A HA   1 
ATOM   1061 H HB2  . LEU A 1 74  ? -0.578  0.516   5.635   1.00 33.70  ? 210 LEU A HB2  1 
ATOM   1062 H HB3  . LEU A 1 74  ? -1.691  0.211   4.545   1.00 33.70  ? 210 LEU A HB3  1 
ATOM   1063 H HG   . LEU A 1 74  ? -1.877  2.291   6.413   1.00 34.77  ? 210 LEU A HG   1 
ATOM   1064 H HD11 . LEU A 1 74  ? -1.415  3.748   4.682   1.00 42.50  ? 210 LEU A HD11 1 
ATOM   1065 H HD12 . LEU A 1 74  ? -0.192  2.768   4.941   1.00 42.50  ? 210 LEU A HD12 1 
ATOM   1066 H HD13 . LEU A 1 74  ? -1.170  2.511   3.716   1.00 42.50  ? 210 LEU A HD13 1 
ATOM   1067 H HD21 . LEU A 1 74  ? -3.675  3.085   5.175   1.00 40.69  ? 210 LEU A HD21 1 
ATOM   1068 H HD22 . LEU A 1 74  ? -3.572  1.824   4.215   1.00 40.69  ? 210 LEU A HD22 1 
ATOM   1069 H HD23 . LEU A 1 74  ? -3.990  1.632   5.735   1.00 40.69  ? 210 LEU A HD23 1 
ATOM   1070 N N    . THR A 1 75  ? -0.772  -2.291  6.818   1.00 30.14  ? 211 THR A N    1 
ATOM   1071 C CA   . THR A 1 75  ? -0.372  -3.695  6.608   1.00 32.05  ? 211 THR A CA   1 
ATOM   1072 C C    . THR A 1 75  ? -1.402  -4.638  7.206   1.00 35.93  ? 211 THR A C    1 
ATOM   1073 O O    . THR A 1 75  ? -1.742  -5.675  6.601   1.00 31.59  ? 211 THR A O    1 
ATOM   1074 C CB   . THR A 1 75  ? 1.002   -3.917  7.228   1.00 35.44  ? 211 THR A CB   1 
ATOM   1075 O OG1  . THR A 1 75  ? 1.944   -3.078  6.556   1.00 35.82  ? 211 THR A OG1  1 
ATOM   1076 C CG2  . THR A 1 75  ? 1.446   -5.383  7.075   1.00 39.28  ? 211 THR A CG2  1 
ATOM   1077 H H    . THR A 1 75  ? -0.280  -1.849  7.367   1.00 36.17  ? 211 THR A H    1 
ATOM   1078 H HA   . THR A 1 75  ? -0.310  -3.872  5.656   1.00 38.46  ? 211 THR A HA   1 
ATOM   1079 H HB   . THR A 1 75  ? 0.978   -3.694  8.172   1.00 42.52  ? 211 THR A HB   1 
ATOM   1080 H HG1  . THR A 1 75  ? 1.722   -2.273  6.640   1.00 42.98  ? 211 THR A HG1  1 
ATOM   1081 H HG21 . THR A 1 75  ? 2.321   -5.507  7.475   1.00 47.14  ? 211 THR A HG21 1 
ATOM   1082 H HG22 . THR A 1 75  ? 0.812   -5.969  7.517   1.00 47.14  ? 211 THR A HG22 1 
ATOM   1083 H HG23 . THR A 1 75  ? 1.492   -5.618  6.136   1.00 47.14  ? 211 THR A HG23 1 
ATOM   1084 N N    . ARG A 1 76  ? -1.922  -4.286  8.384   1.00 30.39  ? 212 ARG A N    1 
ATOM   1085 C CA   . ARG A 1 76  ? -3.035  -5.034  8.966   1.00 31.99  ? 212 ARG A CA   1 
ATOM   1086 C C    . ARG A 1 76  ? -4.227  -5.059  8.027   1.00 36.17  ? 212 ARG A C    1 
ATOM   1087 O O    . ARG A 1 76  ? -4.819  -6.124  7.780   1.00 36.52  ? 212 ARG A O    1 
ATOM   1088 C CB   . ARG A 1 76  ? -3.446  -4.436  10.321  1.00 31.63  ? 212 ARG A CB   1 
ATOM   1089 C CG   . ARG A 1 76  ? -2.606  -4.947  11.459  1.00 41.43  ? 212 ARG A CG   1 
ATOM   1090 C CD   . ARG A 1 76  ? -2.961  -4.207  12.754  1.00 45.62  ? 212 ARG A CD   1 
ATOM   1091 N NE   . ARG A 1 76  ? -2.144  -4.707  13.855  1.00 52.82  ? 212 ARG A NE   1 
ATOM   1092 C CZ   . ARG A 1 76  ? -1.871  -4.015  14.957  1.00 64.15  ? 212 ARG A CZ   1 
ATOM   1093 N NH1  . ARG A 1 76  ? -2.345  -2.789  15.102  1.00 53.32  ? 212 ARG A NH1  1 
ATOM   1094 N NH2  . ARG A 1 76  ? -1.117  -4.550  15.908  1.00 67.74  ? 212 ARG A NH2  1 
ATOM   1095 H H    . ARG A 1 76  ? -1.650  -3.625  8.862   1.00 36.46  ? 212 ARG A H    1 
ATOM   1096 H HA   . ARG A 1 76  ? -2.755  -5.950  9.117   1.00 38.39  ? 212 ARG A HA   1 
ATOM   1097 H HB2  . ARG A 1 76  ? -3.347  -3.473  10.283  1.00 37.96  ? 212 ARG A HB2  1 
ATOM   1098 H HB3  . ARG A 1 76  ? -4.370  -4.669  10.501  1.00 37.96  ? 212 ARG A HB3  1 
ATOM   1099 H HG2  . ARG A 1 76  ? -2.777  -5.894  11.590  1.00 49.72  ? 212 ARG A HG2  1 
ATOM   1100 H HG3  . ARG A 1 76  ? -1.668  -4.795  11.265  1.00 49.72  ? 212 ARG A HG3  1 
ATOM   1101 H HD2  . ARG A 1 76  ? -2.785  -3.259  12.645  1.00 54.74  ? 212 ARG A HD2  1 
ATOM   1102 H HD3  . ARG A 1 76  ? -3.895  -4.357  12.969  1.00 54.74  ? 212 ARG A HD3  1 
ATOM   1103 H HE   . ARG A 1 76  ? -1.835  -5.507  13.796  1.00 63.39  ? 212 ARG A HE   1 
ATOM   1104 H HH11 . ARG A 1 76  ? -2.834  -2.440  14.486  1.00 63.98  ? 212 ARG A HH11 1 
ATOM   1105 H HH12 . ARG A 1 76  ? -2.168  -2.341  15.814  1.00 63.98  ? 212 ARG A HH12 1 
ATOM   1106 H HH21 . ARG A 1 76  ? -0.807  -5.347  15.815  1.00 81.28  ? 212 ARG A HH21 1 
ATOM   1107 H HH22 . ARG A 1 76  ? -0.939  -4.101  16.620  1.00 81.28  ? 212 ARG A HH22 1 
ATOM   1108 N N    . ARG A 1 77  ? -4.572  -3.909  7.453   1.00 29.74  ? 213 ARG A N    1 
ATOM   1109 C CA   . ARG A 1 77  ? -5.694  -3.856  6.535   1.00 29.05  ? 213 ARG A CA   1 
ATOM   1110 C C    . ARG A 1 77  ? -5.440  -4.722  5.306   1.00 30.91  ? 213 ARG A C    1 
ATOM   1111 O O    . ARG A 1 77  ? -6.363  -5.379  4.808   1.00 32.59  ? 213 ARG A O    1 
ATOM   1112 C CB   . ARG A 1 77  ? -5.967  -2.444  6.092   1.00 35.46  ? 213 ARG A CB   1 
ATOM   1113 C CG   . ARG A 1 77  ? -7.295  -2.315  5.445   1.00 38.07  ? 213 ARG A CG   1 
ATOM   1114 C CD   . ARG A 1 77  ? -7.563  -0.869  5.105   1.00 48.80  ? 213 ARG A CD   1 
ATOM   1115 N NE   . ARG A 1 77  ? -7.527  -0.059  6.313   1.00 40.64  ? 213 ARG A NE   1 
ATOM   1116 C CZ   . ARG A 1 77  ? -7.399  1.266   6.317   1.00 63.95  ? 213 ARG A CZ   1 
ATOM   1117 N NH1  . ARG A 1 77  ? -7.291  1.939   5.175   1.00 61.78  ? 213 ARG A NH1  1 
ATOM   1118 N NH2  . ARG A 1 77  ? -7.390  1.919   7.466   1.00 58.78  ? 213 ARG A NH2  1 
ATOM   1119 H H    . ARG A 1 77  ? -4.177  -3.156  7.580   1.00 35.69  ? 213 ARG A H    1 
ATOM   1120 H HA   . ARG A 1 77  ? -6.487  -4.192  6.982   1.00 34.86  ? 213 ARG A HA   1 
ATOM   1121 H HB2  . ARG A 1 77  ? -5.948  -1.858  6.865   1.00 42.55  ? 213 ARG A HB2  1 
ATOM   1122 H HB3  . ARG A 1 77  ? -5.291  -2.175  5.451   1.00 42.55  ? 213 ARG A HB3  1 
ATOM   1123 H HG2  . ARG A 1 77  ? -7.310  -2.834  4.626   1.00 45.68  ? 213 ARG A HG2  1 
ATOM   1124 H HG3  . ARG A 1 77  ? -7.985  -2.622  6.055   1.00 45.68  ? 213 ARG A HG3  1 
ATOM   1125 H HD2  . ARG A 1 77  ? -6.880  -0.546  4.497   1.00 58.56  ? 213 ARG A HD2  1 
ATOM   1126 H HD3  . ARG A 1 77  ? -8.443  -0.787  4.704   1.00 58.56  ? 213 ARG A HD3  1 
ATOM   1127 H HE   . ARG A 1 77  ? -7.664  -0.453  7.065   1.00 48.77  ? 213 ARG A HE   1 
ATOM   1128 H HH11 . ARG A 1 77  ? -7.301  1.517   4.426   1.00 74.13  ? 213 ARG A HH11 1 
ATOM   1129 H HH12 . ARG A 1 77  ? -7.207  2.795   5.186   1.00 74.13  ? 213 ARG A HH12 1 
ATOM   1130 H HH21 . ARG A 1 77  ? -7.458  1.488   8.206   1.00 70.54  ? 213 ARG A HH21 1 
ATOM   1131 H HH22 . ARG A 1 77  ? -7.304  2.775   7.472   1.00 70.54  ? 213 ARG A HH22 1 
ATOM   1132 N N    . LEU A 1 78  ? -4.216  -4.678  4.775   1.00 30.53  ? 214 LEU A N    1 
ATOM   1133 C CA   . LEU A 1 78  ? -3.855  -5.498  3.616   1.00 32.35  ? 214 LEU A CA   1 
ATOM   1134 C C    . LEU A 1 78  ? -4.076  -6.968  3.928   1.00 30.65  ? 214 LEU A C    1 
ATOM   1135 O O    . LEU A 1 78  ? -4.664  -7.703  3.120   1.00 31.72  ? 214 LEU A O    1 
ATOM   1136 C CB   . LEU A 1 78  ? -2.391  -5.262  3.260   1.00 32.51  ? 214 LEU A CB   1 
ATOM   1137 C CG   . LEU A 1 78  ? -1.762  -6.195  2.208   1.00 33.02  ? 214 LEU A CG   1 
ATOM   1138 C CD1  . LEU A 1 78  ? -2.536  -6.148  0.934   1.00 35.67  ? 214 LEU A CD1  1 
ATOM   1139 C CD2  . LEU A 1 78  ? -0.317  -5.713  2.041   1.00 35.22  ? 214 LEU A CD2  1 
ATOM   1140 H H    . LEU A 1 78  ? -3.577  -4.181  5.066   1.00 36.64  ? 214 LEU A H    1 
ATOM   1141 H HA   . LEU A 1 78  ? -4.406  -5.254  2.856   1.00 38.82  ? 214 LEU A HA   1 
ATOM   1142 H HB2  . LEU A 1 78  ? -2.306  -4.356  2.924   1.00 39.02  ? 214 LEU A HB2  1 
ATOM   1143 H HB3  . LEU A 1 78  ? -1.866  -5.352  4.070   1.00 39.02  ? 214 LEU A HB3  1 
ATOM   1144 H HG   . LEU A 1 78  ? -1.753  -7.107  2.538   1.00 39.63  ? 214 LEU A HG   1 
ATOM   1145 H HD11 . LEU A 1 78  ? -2.120  -6.742  0.290   1.00 42.80  ? 214 LEU A HD11 1 
ATOM   1146 H HD12 . LEU A 1 78  ? -3.446  -6.433  1.107   1.00 42.80  ? 214 LEU A HD12 1 
ATOM   1147 H HD13 . LEU A 1 78  ? -2.533  -5.238  0.596   1.00 42.80  ? 214 LEU A HD13 1 
ATOM   1148 H HD21 . LEU A 1 78  ? 0.128   -6.272  1.384   1.00 42.26  ? 214 LEU A HD21 1 
ATOM   1149 H HD22 . LEU A 1 78  ? -0.324  -4.791  1.741   1.00 42.26  ? 214 LEU A HD22 1 
ATOM   1150 H HD23 . LEU A 1 78  ? 0.138   -5.780  2.895   1.00 42.26  ? 214 LEU A HD23 1 
ATOM   1151 N N    . LEU A 1 79  ? -3.528  -7.439  5.063   1.00 32.99  ? 215 LEU A N    1 
ATOM   1152 C CA   . LEU A 1 79  ? -3.681  -8.849  5.416   1.00 32.26  ? 215 LEU A CA   1 
ATOM   1153 C C    . LEU A 1 79  ? -5.148  -9.212  5.650   1.00 35.51  ? 215 LEU A C    1 
ATOM   1154 O O    . LEU A 1 79  ? -5.574  -10.333 5.324   1.00 34.56  ? 215 LEU A O    1 
ATOM   1155 C CB   . LEU A 1 79  ? -2.800  -9.200  6.607   1.00 32.72  ? 215 LEU A CB   1 
ATOM   1156 C CG   . LEU A 1 79  ? -2.562  -10.690 6.897   1.00 43.49  ? 215 LEU A CG   1 
ATOM   1157 C CD1  . LEU A 1 79  ? -1.685  -11.314 5.808   1.00 37.90  ? 215 LEU A CD1  1 
ATOM   1158 C CD2  . LEU A 1 79  ? -1.941  -10.894 8.256   1.00 42.25  ? 215 LEU A CD2  1 
ATOM   1159 H H    . LEU A 1 79  ? -3.077  -6.971  5.626   1.00 39.58  ? 215 LEU A H    1 
ATOM   1160 H HA   . LEU A 1 79  ? -3.372  -9.383  4.667   1.00 38.71  ? 215 LEU A HA   1 
ATOM   1161 H HB2  . LEU A 1 79  ? -1.930  -8.795  6.466   1.00 39.26  ? 215 LEU A HB2  1 
ATOM   1162 H HB3  . LEU A 1 79  ? -3.204  -8.816  7.401   1.00 39.26  ? 215 LEU A HB3  1 
ATOM   1163 H HG   . LEU A 1 79  ? -3.416  -11.149 6.889   1.00 52.19  ? 215 LEU A HG   1 
ATOM   1164 H HD11 . LEU A 1 79  ? -1.549  -12.252 6.012   1.00 45.49  ? 215 LEU A HD11 1 
ATOM   1165 H HD12 . LEU A 1 79  ? -2.132  -11.223 4.952   1.00 45.49  ? 215 LEU A HD12 1 
ATOM   1166 H HD13 . LEU A 1 79  ? -0.832  -10.853 5.785   1.00 45.49  ? 215 LEU A HD13 1 
ATOM   1167 H HD21 . LEU A 1 79  ? -1.807  -11.845 8.401   1.00 50.70  ? 215 LEU A HD21 1 
ATOM   1168 H HD22 . LEU A 1 79  ? -1.090  -10.431 8.287   1.00 50.70  ? 215 LEU A HD22 1 
ATOM   1169 H HD23 . LEU A 1 79  ? -2.538  -10.537 8.932   1.00 50.70  ? 215 LEU A HD23 1 
ATOM   1170 N N    . SER A 1 80  ? -5.950  -8.274  6.148   1.00 31.78  ? 216 SER A N    1 
ATOM   1171 C CA   . SER A 1 80  ? -7.366  -8.552  6.358   1.00 32.37  ? 216 SER A CA   1 
ATOM   1172 C C    . SER A 1 80  ? -8.053  -8.905  5.040   1.00 35.41  ? 216 SER A C    1 
ATOM   1173 O O    . SER A 1 80  ? -8.981  -9.719  5.024   1.00 35.49  ? 216 SER A O    1 
ATOM   1174 C CB   . SER A 1 80  ? -8.070  -7.376  7.069   1.00 38.12  ? 216 SER A CB   1 
ATOM   1175 O OG   . SER A 1 80  ? -8.446  -6.308  6.205   1.00 38.75  ? 216 SER A OG   1 
ATOM   1176 H H    . SER A 1 80  ? -5.703  -7.480  6.367   1.00 38.14  ? 216 SER A H    1 
ATOM   1177 H HA   . SER A 1 80  ? -7.442  -9.326  6.939   1.00 38.84  ? 216 SER A HA   1 
ATOM   1178 H HB2  . SER A 1 80  ? -8.870  -7.716  7.500   1.00 45.74  ? 216 SER A HB2  1 
ATOM   1179 H HB3  . SER A 1 80  ? -7.468  -7.024  7.744   1.00 45.74  ? 216 SER A HB3  1 
ATOM   1180 H HG   . SER A 1 80  ? -7.766  -5.990  5.827   1.00 46.50  ? 216 SER A HG   1 
ATOM   1181 N N    . LEU A 1 81  ? -7.585  -8.335  3.924   1.00 33.27  ? 217 LEU A N    1 
ATOM   1182 C CA   . LEU A 1 81  ? -8.228  -8.472  2.640   1.00 30.81  ? 217 LEU A CA   1 
ATOM   1183 C C    . LEU A 1 81  ? -7.527  -9.506  1.781   1.00 34.20  ? 217 LEU A C    1 
ATOM   1184 O O    . LEU A 1 81  ? -8.020  -9.813  0.690   1.00 36.97  ? 217 LEU A O    1 
ATOM   1185 C CB   . LEU A 1 81  ? -8.248  -7.123  1.916   1.00 33.31  ? 217 LEU A CB   1 
ATOM   1186 C CG   . LEU A 1 81  ? -8.997  -5.970  2.600   1.00 33.33  ? 217 LEU A CG   1 
ATOM   1187 C CD1  . LEU A 1 81  ? -8.871  -4.710  1.739   1.00 38.97  ? 217 LEU A CD1  1 
ATOM   1188 C CD2  . LEU A 1 81  ? -10.456 -6.300  2.866   1.00 38.63  ? 217 LEU A CD2  1 
ATOM   1189 H H    . LEU A 1 81  ? -6.873  -7.851  3.898   1.00 39.92  ? 217 LEU A H    1 
ATOM   1190 H HA   . LEU A 1 81  ? -9.146  -8.757  2.772   1.00 36.98  ? 217 LEU A HA   1 
ATOM   1191 H HB2  . LEU A 1 81  ? -7.329  -6.833  1.794   1.00 39.98  ? 217 LEU A HB2  1 
ATOM   1192 H HB3  . LEU A 1 81  ? -8.658  -7.253  1.047   1.00 39.98  ? 217 LEU A HB3  1 
ATOM   1193 H HG   . LEU A 1 81  ? -8.574  -5.788  3.454   1.00 39.99  ? 217 LEU A HG   1 
ATOM   1194 H HD11 . LEU A 1 81  ? -9.345  -3.983  2.174   1.00 46.76  ? 217 LEU A HD11 1 
ATOM   1195 H HD12 . LEU A 1 81  ? -7.933  -4.483  1.647   1.00 46.76  ? 217 LEU A HD12 1 
ATOM   1196 H HD13 . LEU A 1 81  ? -9.259  -4.883  0.867   1.00 46.76  ? 217 LEU A HD13 1 
ATOM   1197 H HD21 . LEU A 1 81  ? -10.877 -5.539  3.297   1.00 46.36  ? 217 LEU A HD21 1 
ATOM   1198 H HD22 . LEU A 1 81  ? -10.896 -6.489  2.022   1.00 46.36  ? 217 LEU A HD22 1 
ATOM   1199 H HD23 . LEU A 1 81  ? -10.504 -7.077  3.444   1.00 46.36  ? 217 LEU A HD23 1 
ATOM   1200 N N    . ASP A 1 82  ? -6.391  -10.033 2.241   1.00 33.03  ? 218 ASP A N    1 
ATOM   1201 C CA   . ASP A 1 82  ? -5.589  -10.986 1.442   1.00 32.70  ? 218 ASP A CA   1 
ATOM   1202 C C    . ASP A 1 82  ? -4.796  -11.850 2.404   1.00 29.24  ? 218 ASP A C    1 
ATOM   1203 O O    . ASP A 1 82  ? -3.559  -11.751 2.495   1.00 32.98  ? 218 ASP A O    1 
ATOM   1204 C CB   . ASP A 1 82  ? -4.686  -10.206 0.481   1.00 34.29  ? 218 ASP A CB   1 
ATOM   1205 C CG   . ASP A 1 82  ? -4.175  -11.033 -0.685  1.00 44.01  ? 218 ASP A CG   1 
ATOM   1206 O OD1  . ASP A 1 82  ? -4.560  -12.217 -0.831  1.00 37.64  ? 218 ASP A OD1  1 
ATOM   1207 O OD2  . ASP A 1 82  ? -3.381  -10.450 -1.450  1.00 38.71  ? 218 ASP A OD2  1 
ATOM   1208 H H    . ASP A 1 82  ? -6.056  -9.859  3.014   1.00 39.64  ? 218 ASP A H    1 
ATOM   1209 H HA   . ASP A 1 82  ? -6.178  -11.556 0.923   1.00 39.24  ? 218 ASP A HA   1 
ATOM   1210 H HB2  . ASP A 1 82  ? -5.187  -9.459  0.119   1.00 41.14  ? 218 ASP A HB2  1 
ATOM   1211 H HB3  . ASP A 1 82  ? -3.916  -9.879  0.973   1.00 41.14  ? 218 ASP A HB3  1 
ATOM   1212 N N    . PRO A 1 83  ? -5.474  -12.729 3.146   1.00 30.54  ? 219 PRO A N    1 
ATOM   1213 C CA   . PRO A 1 83  ? -4.819  -13.427 4.251   1.00 30.67  ? 219 PRO A CA   1 
ATOM   1214 C C    . PRO A 1 83  ? -3.693  -14.362 3.874   1.00 35.45  ? 219 PRO A C    1 
ATOM   1215 O O    . PRO A 1 83  ? -2.859  -14.665 4.738   1.00 34.63  ? 219 PRO A O    1 
ATOM   1216 C CB   . PRO A 1 83  ? -5.970  -14.197 4.899   1.00 34.87  ? 219 PRO A CB   1 
ATOM   1217 C CG   . PRO A 1 83  ? -7.189  -13.525 4.452   1.00 36.26  ? 219 PRO A CG   1 
ATOM   1218 C CD   . PRO A 1 83  ? -6.922  -12.992 3.104   1.00 34.14  ? 219 PRO A CD   1 
ATOM   1219 H HA   . PRO A 1 83  ? -4.482  -12.780 4.890   1.00 36.81  ? 219 PRO A HA   1 
ATOM   1220 H HB2  . PRO A 1 83  ? -5.957  -15.118 4.595   1.00 41.84  ? 219 PRO A HB2  1 
ATOM   1221 H HB3  . PRO A 1 83  ? -5.889  -14.154 5.865   1.00 41.84  ? 219 PRO A HB3  1 
ATOM   1222 H HG2  . PRO A 1 83  ? -7.917  -14.165 4.423   1.00 43.52  ? 219 PRO A HG2  1 
ATOM   1223 H HG3  . PRO A 1 83  ? -7.400  -12.803 5.064   1.00 43.52  ? 219 PRO A HG3  1 
ATOM   1224 H HD2  . PRO A 1 83  ? -7.127  -13.657 2.428   1.00 40.97  ? 219 PRO A HD2  1 
ATOM   1225 H HD3  . PRO A 1 83  ? -7.413  -12.169 2.958   1.00 40.97  ? 219 PRO A HD3  1 
ATOM   1226 N N    . SER A 1 84  ? -3.672  -14.909 2.650   1.00 33.96  ? 220 SER A N    1 
ATOM   1227 C CA   . SER A 1 84  ? -2.587  -15.781 2.208   1.00 31.97  ? 220 SER A CA   1 
ATOM   1228 C C    . SER A 1 84  ? -1.429  -15.009 1.573   1.00 38.50  ? 220 SER A C    1 
ATOM   1229 O O    . SER A 1 84  ? -0.528  -15.611 0.969   1.00 38.28  ? 220 SER A O    1 
ATOM   1230 C CB   . SER A 1 84  ? -3.136  -16.830 1.225   1.00 31.91  ? 220 SER A CB   1 
ATOM   1231 O OG   . SER A 1 84  ? -4.252  -17.448 1.823   1.00 37.21  ? 220 SER A OG   1 
ATOM   1232 H H    . SER A 1 84  ? -4.282  -14.787 2.056   1.00 40.75  ? 220 SER A H    1 
ATOM   1233 H HA   . SER A 1 84  ? -2.237  -16.255 2.978   1.00 38.37  ? 220 SER A HA   1 
ATOM   1234 H HB2  . SER A 1 84  ? -3.409  -16.392 0.403   1.00 38.29  ? 220 SER A HB2  1 
ATOM   1235 H HB3  . SER A 1 84  ? -2.454  -17.494 1.045   1.00 38.29  ? 220 SER A HB3  1 
ATOM   1236 H HG   . SER A 1 84  ? -4.572  -18.027 1.305   1.00 44.65  ? 220 SER A HG   1 
ATOM   1237 N N    . HIS A 1 85  ? -1.402  -13.684 1.753   1.00 33.90  ? 221 HIS A N    1 
ATOM   1238 C CA   . HIS A 1 85  ? -0.334  -12.851 1.204   1.00 39.73  ? 221 HIS A CA   1 
ATOM   1239 C C    . HIS A 1 85  ? 0.867   -13.001 2.138   1.00 43.14  ? 221 HIS A C    1 
ATOM   1240 O O    . HIS A 1 85  ? 0.941   -12.344 3.184   1.00 35.48  ? 221 HIS A O    1 
ATOM   1241 C CB   . HIS A 1 85  ? -0.844  -11.410 1.120   1.00 34.36  ? 221 HIS A CB   1 
ATOM   1242 C CG   . HIS A 1 85  ? 0.052   -10.463 0.389   1.00 34.48  ? 221 HIS A CG   1 
ATOM   1243 N ND1  . HIS A 1 85  ? 1.420   -10.616 0.324   1.00 45.02  ? 221 HIS A ND1  1 
ATOM   1244 C CD2  . HIS A 1 85  ? -0.233  -9.320  -0.275  1.00 34.46  ? 221 HIS A CD2  1 
ATOM   1245 C CE1  . HIS A 1 85  ? 1.935   -9.612  -0.369  1.00 44.69  ? 221 HIS A CE1  1 
ATOM   1246 N NE2  . HIS A 1 85  ? 0.952   -8.822  -0.752  1.00 33.19  ? 221 HIS A NE2  1 
ATOM   1247 H H    . HIS A 1 85  ? -1.996  -13.243 2.192   1.00 40.68  ? 221 HIS A H    1 
ATOM   1248 H HA   . HIS A 1 85  ? -0.091  -13.158 0.317   1.00 47.67  ? 221 HIS A HA   1 
ATOM   1249 H HB2  . HIS A 1 85  ? -1.700  -11.412 0.666   1.00 41.24  ? 221 HIS A HB2  1 
ATOM   1250 H HB3  . HIS A 1 85  ? -0.955  -11.070 2.022   1.00 41.24  ? 221 HIS A HB3  1 
ATOM   1251 H HD2  . HIS A 1 85  ? -1.078  -8.953  -0.405  1.00 41.35  ? 221 HIS A HD2  1 
ATOM   1252 H HE1  . HIS A 1 85  ? 2.837   -9.493  -0.564  1.00 53.63  ? 221 HIS A HE1  1 
ATOM   1253 H HE2  . HIS A 1 85  ? 1.042   -8.101  -1.212  1.00 39.83  ? 221 HIS A HE2  1 
ATOM   1254 N N    . GLU A 1 86  ? 1.826   -13.864 1.783   1.00 38.88  ? 222 GLU A N    1 
ATOM   1255 C CA   . GLU A 1 86  ? 2.886   -14.236 2.730   1.00 36.92  ? 222 GLU A CA   1 
ATOM   1256 C C    . GLU A 1 86  ? 3.814   -13.063 3.032   1.00 38.14  ? 222 GLU A C    1 
ATOM   1257 O O    . GLU A 1 86  ? 4.210   -12.851 4.188   1.00 41.37  ? 222 GLU A O    1 
ATOM   1258 C CB   . GLU A 1 86  ? 3.722   -15.406 2.189   1.00 54.13  ? 222 GLU A CB   1 
ATOM   1259 C CG   . GLU A 1 86  ? 3.225   -16.791 2.601   1.00 76.93  ? 222 GLU A CG   1 
ATOM   1260 C CD   . GLU A 1 86  ? 4.203   -17.910 2.229   1.00 93.44  ? 222 GLU A CD   1 
ATOM   1261 O OE1  . GLU A 1 86  ? 5.313   -17.611 1.736   1.00 93.14  ? 222 GLU A OE1  1 
ATOM   1262 O OE2  . GLU A 1 86  ? 3.860   -19.093 2.433   1.00 87.25  ? 222 GLU A OE2  1 
ATOM   1263 H H    . GLU A 1 86  ? 1.885   -14.244 1.013   1.00 46.66  ? 222 GLU A H    1 
ATOM   1264 H HA   . GLU A 1 86  ? 2.478   -14.519 3.563   1.00 44.30  ? 222 GLU A HA   1 
ATOM   1265 H HB2  . GLU A 1 86  ? 3.717   -15.369 1.220   1.00 64.96  ? 222 GLU A HB2  1 
ATOM   1266 H HB3  . GLU A 1 86  ? 4.631   -15.313 2.514   1.00 64.96  ? 222 GLU A HB3  1 
ATOM   1267 H HG2  . GLU A 1 86  ? 3.102   -16.808 3.563   1.00 92.31  ? 222 GLU A HG2  1 
ATOM   1268 H HG3  . GLU A 1 86  ? 2.382   -16.968 2.155   1.00 92.31  ? 222 GLU A HG3  1 
ATOM   1269 N N    . ARG A 1 87  ? 4.142   -12.280 2.007   1.00 38.88  ? 223 ARG A N    1 
ATOM   1270 C CA   . ARG A 1 87  ? 4.979   -11.102 2.201   1.00 43.72  ? 223 ARG A CA   1 
ATOM   1271 C C    . ARG A 1 87  ? 4.318   -10.106 3.141   1.00 38.89  ? 223 ARG A C    1 
ATOM   1272 O O    . ARG A 1 87  ? 4.987   -9.519  4.007   1.00 40.24  ? 223 ARG A O    1 
ATOM   1273 C CB   . ARG A 1 87  ? 5.259   -10.477 0.839   1.00 44.45  ? 223 ARG A CB   1 
ATOM   1274 C CG   . ARG A 1 87  ? 6.102   -9.246  0.819   1.00 48.67  ? 223 ARG A CG   1 
ATOM   1275 C CD   . ARG A 1 87  ? 6.651   -9.013  -0.597  1.00 48.05  ? 223 ARG A CD   1 
ATOM   1276 N NE   . ARG A 1 87  ? 5.613   -8.929  -1.616  1.00 40.76  ? 223 ARG A NE   1 
ATOM   1277 C CZ   . ARG A 1 87  ? 4.734   -7.934  -1.699  1.00 44.44  ? 223 ARG A CZ   1 
ATOM   1278 N NH1  . ARG A 1 87  ? 3.831   -7.933  -2.664  1.00 45.51  ? 223 ARG A NH1  1 
ATOM   1279 N NH2  . ARG A 1 87  ? 4.757   -6.938  -0.807  1.00 43.53  ? 223 ARG A NH2  1 
ATOM   1280 H H    . ARG A 1 87  ? 3.895   -12.410 1.193   1.00 46.66  ? 223 ARG A H    1 
ATOM   1281 H HA   . ARG A 1 87  ? 5.825   -11.371 2.591   1.00 52.46  ? 223 ARG A HA   1 
ATOM   1282 H HB2  . ARG A 1 87  ? 5.707   -11.139 0.290   1.00 53.34  ? 223 ARG A HB2  1 
ATOM   1283 H HB3  . ARG A 1 87  ? 4.408   -10.247 0.431   1.00 53.34  ? 223 ARG A HB3  1 
ATOM   1284 H HG2  . ARG A 1 87  ? 5.565   -8.479  1.074   1.00 58.40  ? 223 ARG A HG2  1 
ATOM   1285 H HG3  . ARG A 1 87  ? 6.850   -9.354  1.427   1.00 58.40  ? 223 ARG A HG3  1 
ATOM   1286 H HD2  . ARG A 1 87  ? 7.147   -8.179  -0.607  1.00 57.66  ? 223 ARG A HD2  1 
ATOM   1287 H HD3  . ARG A 1 87  ? 7.239   -9.749  -0.830  1.00 57.66  ? 223 ARG A HD3  1 
ATOM   1288 H HE   . ARG A 1 87  ? 5.620   -9.513  -2.246  1.00 48.91  ? 223 ARG A HE   1 
ATOM   1289 H HH11 . ARG A 1 87  ? 3.813   -8.575  -3.235  1.00 54.61  ? 223 ARG A HH11 1 
ATOM   1290 H HH12 . ARG A 1 87  ? 3.258   -7.294  -2.716  1.00 54.61  ? 223 ARG A HH12 1 
ATOM   1291 H HH21 . ARG A 1 87  ? 5.346   -6.935  -0.181  1.00 52.23  ? 223 ARG A HH21 1 
ATOM   1292 H HH22 . ARG A 1 87  ? 4.185   -6.297  -0.864  1.00 52.23  ? 223 ARG A HH22 1 
ATOM   1293 N N    . ALA A 1 88  ? 3.007   -9.902  2.999   1.00 36.72  ? 224 ALA A N    1 
ATOM   1294 C CA   . ALA A 1 88  ? 2.306   -9.014  3.925   1.00 35.53  ? 224 ALA A CA   1 
ATOM   1295 C C    . ALA A 1 88  ? 2.311   -9.575  5.338   1.00 43.76  ? 224 ALA A C    1 
ATOM   1296 O O    . ALA A 1 88  ? 2.407   -8.825  6.320   1.00 37.69  ? 224 ALA A O    1 
ATOM   1297 C CB   . ALA A 1 88  ? 0.877   -8.788  3.466   1.00 34.92  ? 224 ALA A CB   1 
ATOM   1298 H H    . ALA A 1 88  ? 2.513   -10.256 2.392   1.00 44.07  ? 224 ALA A H    1 
ATOM   1299 H HA   . ALA A 1 88  ? 2.755   -8.155  3.941   1.00 42.63  ? 224 ALA A HA   1 
ATOM   1300 H HB1  . ALA A 1 88  ? 0.434   -8.198  4.094   1.00 41.90  ? 224 ALA A HB1  1 
ATOM   1301 H HB2  . ALA A 1 88  ? 0.890   -8.385  2.584   1.00 41.90  ? 224 ALA A HB2  1 
ATOM   1302 H HB3  . ALA A 1 88  ? 0.418   -9.642  3.432   1.00 41.90  ? 224 ALA A HB3  1 
ATOM   1303 N N    . GLY A 1 89  ? 2.195   -10.898 5.471   1.00 36.31  ? 225 GLY A N    1 
ATOM   1304 C CA   . GLY A 1 89  ? 2.274   -11.485 6.796   1.00 38.04  ? 225 GLY A CA   1 
ATOM   1305 C C    . GLY A 1 89  ? 3.645   -11.265 7.402   1.00 37.80  ? 225 GLY A C    1 
ATOM   1306 O O    . GLY A 1 89  ? 3.770   -10.984 8.598   1.00 40.28  ? 225 GLY A O    1 
ATOM   1307 H H    . GLY A 1 89  ? 2.074   -11.456 4.828   1.00 43.57  ? 225 GLY A H    1 
ATOM   1308 H HA2  . GLY A 1 89  ? 1.608   -11.081 7.374   1.00 45.64  ? 225 GLY A HA2  1 
ATOM   1309 H HA3  . GLY A 1 89  ? 2.105   -12.438 6.743   1.00 45.64  ? 225 GLY A HA3  1 
ATOM   1310 N N    . GLY A 1 90  ? 4.682   -11.323 6.567   1.00 37.73  ? 226 GLY A N    1 
ATOM   1311 C CA   . GLY A 1 90  ? 6.026   -11.077 7.049   1.00 38.86  ? 226 GLY A CA   1 
ATOM   1312 C C    . GLY A 1 90  ? 6.194   -9.629  7.471   1.00 36.94  ? 226 GLY A C    1 
ATOM   1313 O O    . GLY A 1 90  ? 6.773   -9.348  8.514   1.00 38.12  ? 226 GLY A O    1 
ATOM   1314 H H    . GLY A 1 90  ? 4.630   -11.502 5.727   1.00 45.27  ? 226 GLY A H    1 
ATOM   1315 H HA2  . GLY A 1 90  ? 6.210   -11.648 7.812   1.00 46.63  ? 226 GLY A HA2  1 
ATOM   1316 H HA3  . GLY A 1 90  ? 6.667   -11.275 6.349   1.00 46.63  ? 226 GLY A HA3  1 
ATOM   1317 N N    . ASN A 1 91  ? 5.679   -8.705  6.660   1.00 38.15  ? 227 ASN A N    1 
ATOM   1318 C CA   . ASN A 1 91  ? 5.690   -7.285  7.038   1.00 36.44  ? 227 ASN A CA   1 
ATOM   1319 C C    . ASN A 1 91  ? 4.974   -7.028  8.355   1.00 38.91  ? 227 ASN A C    1 
ATOM   1320 O O    . ASN A 1 91  ? 5.441   -6.207  9.171   1.00 38.79  ? 227 ASN A O    1 
ATOM   1321 C CB   . ASN A 1 91  ? 5.065   -6.453  5.903   1.00 35.84  ? 227 ASN A CB   1 
ATOM   1322 C CG   . ASN A 1 91  ? 5.886   -6.455  4.651   1.00 35.56  ? 227 ASN A CG   1 
ATOM   1323 O OD1  . ASN A 1 91  ? 7.026   -6.972  4.613   1.00 40.70  ? 227 ASN A OD1  1 
ATOM   1324 N ND2  . ASN A 1 91  ? 5.311   -5.894  3.578   1.00 37.82  ? 227 ASN A ND2  1 
ATOM   1325 H H    . ASN A 1 91  ? 5.321   -8.867  5.896   1.00 45.78  ? 227 ASN A H    1 
ATOM   1326 H HA   . ASN A 1 91  ? 6.611   -6.997  7.142   1.00 43.72  ? 227 ASN A HA   1 
ATOM   1327 H HB2  . ASN A 1 91  ? 4.192   -6.820  5.688   1.00 43.01  ? 227 ASN A HB2  1 
ATOM   1328 H HB3  . ASN A 1 91  ? 4.973   -5.534  6.199   1.00 43.01  ? 227 ASN A HB3  1 
ATOM   1329 H HD21 . ASN A 1 91  ? 5.734   -5.865  2.829   1.00 45.39  ? 227 ASN A HD21 1 
ATOM   1330 H HD22 . ASN A 1 91  ? 4.519   -5.565  3.637   1.00 45.39  ? 227 ASN A HD22 1 
ATOM   1331 N N    . LEU A 1 92  ? 3.811   -7.662  8.572   1.00 34.42  ? 228 LEU A N    1 
ATOM   1332 C CA   . LEU A 1 92  ? 3.066   -7.469  9.797   1.00 39.51  ? 228 LEU A CA   1 
ATOM   1333 C C    . LEU A 1 92  ? 3.870   -7.929  11.007  1.00 46.63  ? 228 LEU A C    1 
ATOM   1334 O O    . LEU A 1 92  ? 3.924   -7.229  12.025  1.00 39.96  ? 228 LEU A O    1 
ATOM   1335 C CB   . LEU A 1 92  ? 1.725   -8.183  9.725   1.00 37.43  ? 228 LEU A CB   1 
ATOM   1336 C CG   . LEU A 1 92  ? 0.847   -8.072  10.968  1.00 41.38  ? 228 LEU A CG   1 
ATOM   1337 C CD1  . LEU A 1 92  ? 0.563   -6.590  11.306  1.00 44.69  ? 228 LEU A CD1  1 
ATOM   1338 C CD2  . LEU A 1 92  ? -0.448  -8.783  10.784  1.00 46.18  ? 228 LEU A CD2  1 
ATOM   1339 H H    . LEU A 1 92  ? 3.444   -8.207  8.018   1.00 41.31  ? 228 LEU A H    1 
ATOM   1340 H HA   . LEU A 1 92  ? 2.889   -6.521  9.906   1.00 47.41  ? 228 LEU A HA   1 
ATOM   1341 H HB2  . LEU A 1 92  ? 1.223   -7.816  8.982   1.00 44.91  ? 228 LEU A HB2  1 
ATOM   1342 H HB3  . LEU A 1 92  ? 1.889   -9.126  9.570   1.00 44.91  ? 228 LEU A HB3  1 
ATOM   1343 H HG   . LEU A 1 92  ? 1.309   -8.472  11.723  1.00 49.65  ? 228 LEU A HG   1 
ATOM   1344 H HD11 . LEU A 1 92  ? 0.005   -6.549  12.098  1.00 53.62  ? 228 LEU A HD11 1 
ATOM   1345 H HD12 . LEU A 1 92  ? 1.404   -6.137  11.471  1.00 53.62  ? 228 LEU A HD12 1 
ATOM   1346 H HD13 . LEU A 1 92  ? 0.105   -6.178  10.557  1.00 53.62  ? 228 LEU A HD13 1 
ATOM   1347 H HD21 . LEU A 1 92  ? -0.977  -8.691  11.591  1.00 55.42  ? 228 LEU A HD21 1 
ATOM   1348 H HD22 . LEU A 1 92  ? -0.919  -8.389  10.032  1.00 55.42  ? 228 LEU A HD22 1 
ATOM   1349 H HD23 . LEU A 1 92  ? -0.272  -9.720  10.609  1.00 55.42  ? 228 LEU A HD23 1 
ATOM   1350 N N    . ARG A 1 93  ? 4.547   -9.072  10.897  1.00 41.79  ? 229 ARG A N    1 
ATOM   1351 C CA   . ARG A 1 93  ? 5.366   -9.541  12.008  1.00 44.53  ? 229 ARG A CA   1 
ATOM   1352 C C    . ARG A 1 93  ? 6.495   -8.567  12.302  1.00 41.46  ? 229 ARG A C    1 
ATOM   1353 O O    . ARG A 1 93  ? 6.813   -8.308  13.465  1.00 46.89  ? 229 ARG A O    1 
ATOM   1354 C CB   . ARG A 1 93  ? 5.922   -10.934 11.712  1.00 52.36  ? 229 ARG A CB   1 
ATOM   1355 C CG   . ARG A 1 93  ? 4.848   -12.025 11.770  1.00 52.27  ? 229 ARG A CG   1 
ATOM   1356 C CD   . ARG A 1 93  ? 5.416   -13.451 11.671  1.00 61.41  ? 229 ARG A CD   1 
ATOM   1357 N NE   . ARG A 1 93  ? 5.866   -13.782 10.319  1.00 64.43  ? 229 ARG A NE   1 
ATOM   1358 C CZ   . ARG A 1 93  ? 5.070   -14.180 9.326   1.00 59.94  ? 229 ARG A CZ   1 
ATOM   1359 N NH1  . ARG A 1 93  ? 3.755   -14.305 9.504   1.00 59.48  ? 229 ARG A NH1  1 
ATOM   1360 N NH2  . ARG A 1 93  ? 5.598   -14.447 8.141   1.00 57.84  ? 229 ARG A NH2  1 
ATOM   1361 H H    . ARG A 1 93  ? 4.548   -9.583  10.206  1.00 50.14  ? 229 ARG A H    1 
ATOM   1362 H HA   . ARG A 1 93  ? 4.812   -9.603  12.802  1.00 53.44  ? 229 ARG A HA   1 
ATOM   1363 H HB2  . ARG A 1 93  ? 6.306   -10.939 10.821  1.00 62.83  ? 229 ARG A HB2  1 
ATOM   1364 H HB3  . ARG A 1 93  ? 6.603   -11.149 12.369  1.00 62.83  ? 229 ARG A HB3  1 
ATOM   1365 H HG2  . ARG A 1 93  ? 4.372   -11.952 12.612  1.00 62.73  ? 229 ARG A HG2  1 
ATOM   1366 H HG3  . ARG A 1 93  ? 4.232   -11.898 11.030  1.00 62.73  ? 229 ARG A HG3  1 
ATOM   1367 H HD2  . ARG A 1 93  ? 6.175   -13.531 12.269  1.00 73.70  ? 229 ARG A HD2  1 
ATOM   1368 H HD3  . ARG A 1 93  ? 4.727   -14.085 11.922  1.00 73.70  ? 229 ARG A HD3  1 
ATOM   1369 H HE   . ARG A 1 93  ? 6.707   -13.714 10.152  1.00 77.31  ? 229 ARG A HE   1 
ATOM   1370 H HH11 . ARG A 1 93  ? 3.407   -14.132 10.271  1.00 71.37  ? 229 ARG A HH11 1 
ATOM   1371 H HH12 . ARG A 1 93  ? 3.256   -14.563 8.853   1.00 71.37  ? 229 ARG A HH12 1 
ATOM   1372 H HH21 . ARG A 1 93  ? 6.446   -14.367 8.020   1.00 69.40  ? 229 ARG A HH21 1 
ATOM   1373 H HH22 . ARG A 1 93  ? 5.094   -14.704 7.494   1.00 69.40  ? 229 ARG A HH22 1 
ATOM   1374 N N    . TYR A 1 94  ? 7.118   -8.023  11.263  1.00 40.41  ? 230 TYR A N    1 
ATOM   1375 C CA   . TYR A 1 94  ? 8.152   -7.024  11.477  1.00 46.82  ? 230 TYR A CA   1 
ATOM   1376 C C    . TYR A 1 94  ? 7.609   -5.834  12.265  1.00 47.48  ? 230 TYR A C    1 
ATOM   1377 O O    . TYR A 1 94  ? 8.216   -5.403  13.254  1.00 44.96  ? 230 TYR A O    1 
ATOM   1378 C CB   . TYR A 1 94  ? 8.736   -6.571  10.142  1.00 44.09  ? 230 TYR A CB   1 
ATOM   1379 C CG   . TYR A 1 94  ? 9.646   -5.389  10.325  1.00 57.68  ? 230 TYR A CG   1 
ATOM   1380 C CD1  . TYR A 1 94  ? 10.988  -5.565  10.640  1.00 59.78  ? 230 TYR A CD1  1 
ATOM   1381 C CD2  . TYR A 1 94  ? 9.152   -4.094  10.241  1.00 54.33  ? 230 TYR A CD2  1 
ATOM   1382 C CE1  . TYR A 1 94  ? 11.822  -4.472  10.843  1.00 65.17  ? 230 TYR A CE1  1 
ATOM   1383 C CE2  . TYR A 1 94  ? 9.970   -3.003  10.444  1.00 56.37  ? 230 TYR A CE2  1 
ATOM   1384 C CZ   . TYR A 1 94  ? 11.302  -3.194  10.740  1.00 61.23  ? 230 TYR A CZ   1 
ATOM   1385 O OH   . TYR A 1 94  ? 12.096  -2.086  10.940  1.00 64.44  ? 230 TYR A OH   1 
ATOM   1386 H H    . TYR A 1 94  ? 6.963   -8.212  10.439  1.00 48.49  ? 230 TYR A H    1 
ATOM   1387 H HA   . TYR A 1 94  ? 8.869   -7.422  11.996  1.00 56.18  ? 230 TYR A HA   1 
ATOM   1388 H HB2  . TYR A 1 94  ? 9.250   -7.296  9.753   1.00 52.91  ? 230 TYR A HB2  1 
ATOM   1389 H HB3  . TYR A 1 94  ? 8.015   -6.312  9.547   1.00 52.91  ? 230 TYR A HB3  1 
ATOM   1390 H HD1  . TYR A 1 94  ? 11.334  -6.425  10.711  1.00 71.74  ? 230 TYR A HD1  1 
ATOM   1391 H HD2  . TYR A 1 94  ? 8.252   -3.960  10.043  1.00 65.19  ? 230 TYR A HD2  1 
ATOM   1392 H HE1  . TYR A 1 94  ? 12.721  -4.598  11.047  1.00 78.21  ? 230 TYR A HE1  1 
ATOM   1393 H HE2  . TYR A 1 94  ? 9.626   -2.142  10.375  1.00 67.64  ? 230 TYR A HE2  1 
ATOM   1394 H HH   . TYR A 1 94  ? 11.642  -1.386  10.845  1.00 77.32  ? 230 TYR A HH   1 
ATOM   1395 N N    . PHE A 1 95  ? 6.456   -5.288  11.849  1.00 40.05  ? 231 PHE A N    1 
ATOM   1396 C CA   . PHE A 1 95  ? 5.949   -4.061  12.471  1.00 45.91  ? 231 PHE A CA   1 
ATOM   1397 C C    . PHE A 1 95  ? 5.436   -4.307  13.874  1.00 51.28  ? 231 PHE A C    1 
ATOM   1398 O O    . PHE A 1 95  ? 5.520   -3.418  14.725  1.00 50.17  ? 231 PHE A O    1 
ATOM   1399 C CB   . PHE A 1 95  ? 4.822   -3.443  11.642  1.00 47.07  ? 231 PHE A CB   1 
ATOM   1400 C CG   . PHE A 1 95  ? 5.276   -2.866  10.347  1.00 43.88  ? 231 PHE A CG   1 
ATOM   1401 C CD1  . PHE A 1 95  ? 6.338   -1.983  10.315  1.00 56.10  ? 231 PHE A CD1  1 
ATOM   1402 C CD2  . PHE A 1 95  ? 4.635   -3.174  9.156   1.00 40.60  ? 231 PHE A CD2  1 
ATOM   1403 C CE1  . PHE A 1 95  ? 6.768   -1.451  9.116   1.00 48.70  ? 231 PHE A CE1  1 
ATOM   1404 C CE2  . PHE A 1 95  ? 5.051   -2.633  7.974   1.00 41.65  ? 231 PHE A CE2  1 
ATOM   1405 C CZ   . PHE A 1 95  ? 6.128   -1.763  7.954   1.00 44.94  ? 231 PHE A CZ   1 
ATOM   1406 H H    . PHE A 1 95  ? 5.959   -5.604  11.222  1.00 48.05  ? 231 PHE A H    1 
ATOM   1407 H HA   . PHE A 1 95  ? 6.671   -3.415  12.525  1.00 55.09  ? 231 PHE A HA   1 
ATOM   1408 H HB2  . PHE A 1 95  ? 4.164   -4.130  11.446  1.00 56.49  ? 231 PHE A HB2  1 
ATOM   1409 H HB3  . PHE A 1 95  ? 4.410   -2.731  12.156  1.00 56.49  ? 231 PHE A HB3  1 
ATOM   1410 H HD1  . PHE A 1 95  ? 6.784   -1.766  11.102  1.00 67.32  ? 231 PHE A HD1  1 
ATOM   1411 H HD2  . PHE A 1 95  ? 3.913   -3.759  9.163   1.00 48.71  ? 231 PHE A HD2  1 
ATOM   1412 H HE1  . PHE A 1 95  ? 7.486   -0.861  9.104   1.00 58.44  ? 231 PHE A HE1  1 
ATOM   1413 H HE2  . PHE A 1 95  ? 4.616   -2.854  7.182   1.00 49.98  ? 231 PHE A HE2  1 
ATOM   1414 H HZ   . PHE A 1 95  ? 6.417   -1.396  7.150   1.00 53.93  ? 231 PHE A HZ   1 
ATOM   1415 N N    . GLU A 1 96  ? 4.879   -5.489  14.140  1.00 47.52  ? 232 GLU A N    1 
ATOM   1416 C CA   . GLU A 1 96  ? 4.386   -5.738  15.486  1.00 55.91  ? 232 GLU A CA   1 
ATOM   1417 C C    . GLU A 1 96  ? 5.548   -5.939  16.450  1.00 59.04  ? 232 GLU A C    1 
ATOM   1418 O O    . GLU A 1 96  ? 5.505   -5.448  17.584  1.00 62.63  ? 232 GLU A O    1 
ATOM   1419 C CB   . GLU A 1 96  ? 3.418   -6.922  15.471  1.00 55.85  ? 232 GLU A CB   1 
ATOM   1420 C CG   . GLU A 1 96  ? 2.112   -6.547  14.753  1.00 62.40  ? 232 GLU A CG   1 
ATOM   1421 C CD   . GLU A 1 96  ? 0.995   -7.561  14.914  1.00 82.09  ? 232 GLU A CD   1 
ATOM   1422 O OE1  . GLU A 1 96  ? 1.232   -8.773  14.702  1.00 78.08  ? 232 GLU A OE1  1 
ATOM   1423 O OE2  . GLU A 1 96  ? -0.134  -7.130  15.240  1.00 80.49  ? 232 GLU A OE2  1 
ATOM   1424 H H    . GLU A 1 96  ? 4.779   -6.136  13.582  1.00 57.03  ? 232 GLU A H    1 
ATOM   1425 H HA   . GLU A 1 96  ? 3.892   -4.958  15.783  1.00 67.10  ? 232 GLU A HA   1 
ATOM   1426 H HB2  . GLU A 1 96  ? 3.825   -7.665  14.999  1.00 67.01  ? 232 GLU A HB2  1 
ATOM   1427 H HB3  . GLU A 1 96  ? 3.205   -7.176  16.383  1.00 67.01  ? 232 GLU A HB3  1 
ATOM   1428 H HG2  . GLU A 1 96  ? 1.795   -5.701  15.106  1.00 74.88  ? 232 GLU A HG2  1 
ATOM   1429 H HG3  . GLU A 1 96  ? 2.294   -6.459  13.805  1.00 74.88  ? 232 GLU A HG3  1 
ATOM   1430 N N    . GLN A 1 97  ? 6.630   -6.577  15.990  1.00 51.74  ? 233 GLN A N    1 
ATOM   1431 C CA   . GLN A 1 97  ? 7.830   -6.682  16.820  1.00 58.35  ? 233 GLN A CA   1 
ATOM   1432 C C    . GLN A 1 97  ? 8.492   -5.320  17.018  1.00 59.95  ? 233 GLN A C    1 
ATOM   1433 O O    . GLN A 1 97  ? 8.968   -5.009  18.113  1.00 57.34  ? 233 GLN A O    1 
ATOM   1434 C CB   . GLN A 1 97  ? 8.819   -7.660  16.195  1.00 55.75  ? 233 GLN A CB   1 
ATOM   1435 C CG   . GLN A 1 97  ? 8.490   -9.137  16.494  1.00 65.49  ? 233 GLN A CG   1 
ATOM   1436 C CD   . GLN A 1 97  ? 9.205   -10.131 15.570  1.00 76.52  ? 233 GLN A CD   1 
ATOM   1437 O OE1  . GLN A 1 97  ? 10.230  -9.818  14.958  1.00 74.49  ? 233 GLN A OE1  1 
ATOM   1438 N NE2  . GLN A 1 97  ? 8.658   -11.342 15.473  1.00 75.49  ? 233 GLN A NE2  1 
ATOM   1439 H H    . GLN A 1 97  ? 6.693   -6.950  15.217  1.00 62.09  ? 233 GLN A H    1 
ATOM   1440 H HA   . GLN A 1 97  ? 7.581   -7.024  17.693  1.00 70.02  ? 233 GLN A HA   1 
ATOM   1441 H HB2  . GLN A 1 97  ? 8.813   -7.542  15.232  1.00 66.90  ? 233 GLN A HB2  1 
ATOM   1442 H HB3  . GLN A 1 97  ? 9.706   -7.476  16.545  1.00 66.90  ? 233 GLN A HB3  1 
ATOM   1443 H HG2  . GLN A 1 97  ? 8.752   -9.339  17.406  1.00 78.59  ? 233 GLN A HG2  1 
ATOM   1444 H HG3  . GLN A 1 97  ? 7.534   -9.272  16.390  1.00 78.59  ? 233 GLN A HG3  1 
ATOM   1445 H HE21 . GLN A 1 97  ? 7.943   -11.528 15.914  1.00 90.59  ? 233 GLN A HE21 1 
ATOM   1446 H HE22 . GLN A 1 97  ? 9.018   -11.939 14.969  1.00 90.59  ? 233 GLN A HE22 1 
ATOM   1447 N N    . LEU A 1 98  ? 8.544   -4.499  15.969  1.00 55.35  ? 234 LEU A N    1 
ATOM   1448 C CA   . LEU A 1 98  ? 9.214   -3.202  16.073  1.00 51.97  ? 234 LEU A CA   1 
ATOM   1449 C C    . LEU A 1 98  ? 8.449   -2.252  16.982  1.00 57.32  ? 234 LEU A C    1 
ATOM   1450 O O    . LEU A 1 98  ? 9.046   -1.539  17.803  1.00 53.69  ? 234 LEU A O    1 
ATOM   1451 C CB   . LEU A 1 98  ? 9.373   -2.609  14.673  1.00 58.16  ? 234 LEU A CB   1 
ATOM   1452 C CG   . LEU A 1 98  ? 9.880   -1.171  14.565  1.00 54.60  ? 234 LEU A CG   1 
ATOM   1453 C CD1  . LEU A 1 98  ? 11.289  -1.106  15.103  1.00 62.09  ? 234 LEU A CD1  1 
ATOM   1454 C CD2  . LEU A 1 98  ? 9.838   -0.706  13.123  1.00 57.74  ? 234 LEU A CD2  1 
ATOM   1455 H H    . LEU A 1 98  ? 8.205   -4.666  15.195  1.00 66.43  ? 234 LEU A H    1 
ATOM   1456 H HA   . LEU A 1 98  ? 10.100  -3.331  16.449  1.00 62.36  ? 234 LEU A HA   1 
ATOM   1457 H HB2  . LEU A 1 98  ? 9.994   -3.167  14.180  1.00 69.79  ? 234 LEU A HB2  1 
ATOM   1458 H HB3  . LEU A 1 98  ? 8.507   -2.637  14.236  1.00 69.79  ? 234 LEU A HB3  1 
ATOM   1459 H HG   . LEU A 1 98  ? 9.318   -0.585  15.096  1.00 65.52  ? 234 LEU A HG   1 
ATOM   1460 H HD11 . LEU A 1 98  ? 11.611  -0.193  15.035  1.00 74.51  ? 234 LEU A HD11 1 
ATOM   1461 H HD12 . LEU A 1 98  ? 11.285  -1.387  16.031  1.00 74.51  ? 234 LEU A HD12 1 
ATOM   1462 H HD13 . LEU A 1 98  ? 11.853  -1.696  14.580  1.00 74.51  ? 234 LEU A HD13 1 
ATOM   1463 H HD21 . LEU A 1 98  ? 10.163  0.206   13.076  1.00 69.28  ? 234 LEU A HD21 1 
ATOM   1464 H HD22 . LEU A 1 98  ? 10.402  -1.287  12.588  1.00 69.28  ? 234 LEU A HD22 1 
ATOM   1465 H HD23 . LEU A 1 98  ? 8.923   -0.749  12.804  1.00 69.28  ? 234 LEU A HD23 1 
ATOM   1466 N N    . LEU A 1 99  ? 7.129   -2.233  16.855  1.00 50.16  ? 235 LEU A N    1 
ATOM   1467 C CA   . LEU A 1 99  ? 6.269   -1.306  17.566  1.00 60.41  ? 235 LEU A CA   1 
ATOM   1468 C C    . LEU A 1 99  ? 5.631   -1.956  18.773  1.00 63.99  ? 235 LEU A C    1 
ATOM   1469 O O    . LEU A 1 99  ? 4.844   -1.309  19.472  1.00 59.94  ? 235 LEU A O    1 
ATOM   1470 C CB   . LEU A 1 99  ? 5.185   -0.762  16.622  1.00 52.86  ? 235 LEU A CB   1 
ATOM   1471 C CG   . LEU A 1 99  ? 5.731   -0.104  15.355  1.00 47.37  ? 235 LEU A CG   1 
ATOM   1472 C CD1  . LEU A 1 99  ? 4.596   0.409   14.462  1.00 44.48  ? 235 LEU A CD1  1 
ATOM   1473 C CD2  . LEU A 1 99  ? 6.706   1.036   15.684  1.00 53.16  ? 235 LEU A CD2  1 
ATOM   1474 H H    . LEU A 1 99  ? 6.696   -2.771  16.342  1.00 60.19  ? 235 LEU A H    1 
ATOM   1475 H HA   . LEU A 1 99  ? 6.800   -0.557  17.876  1.00 72.49  ? 235 LEU A HA   1 
ATOM   1476 H HB2  . LEU A 1 99  ? 4.613   -1.496  16.350  1.00 63.43  ? 235 LEU A HB2  1 
ATOM   1477 H HB3  . LEU A 1 99  ? 4.663   -0.098  17.098  1.00 63.43  ? 235 LEU A HB3  1 
ATOM   1478 H HG   . LEU A 1 99  ? 6.222   -0.770  14.849  1.00 56.84  ? 235 LEU A HG   1 
ATOM   1479 H HD11 . LEU A 1 99  ? 4.977   0.819   13.670  1.00 53.37  ? 235 LEU A HD11 1 
ATOM   1480 H HD12 . LEU A 1 99  ? 4.032   -0.339  14.209  1.00 53.37  ? 235 LEU A HD12 1 
ATOM   1481 H HD13 . LEU A 1 99  ? 4.076   1.062   14.956  1.00 53.37  ? 235 LEU A HD13 1 
ATOM   1482 H HD21 . LEU A 1 99  ? 7.028   1.425   14.856  1.00 63.79  ? 235 LEU A HD21 1 
ATOM   1483 H HD22 . LEU A 1 99  ? 6.241   1.708   16.207  1.00 63.79  ? 235 LEU A HD22 1 
ATOM   1484 H HD23 . LEU A 1 99  ? 7.450   0.678   16.192  1.00 63.79  ? 235 LEU A HD23 1 
ATOM   1485 N N    . GLU A 1 100 ? 5.961   -3.218  19.033  1.00 60.46  ? 236 GLU A N    1 
ATOM   1486 C CA   . GLU A 1 100 ? 5.478   -3.976  20.179  1.00 69.75  ? 236 GLU A CA   1 
ATOM   1487 C C    . GLU A 1 100 ? 3.958   -4.070  20.217  1.00 73.77  ? 236 GLU A C    1 
ATOM   1488 O O    . GLU A 1 100 ? 3.399   -4.611  21.177  1.00 86.54  ? 236 GLU A O    1 
ATOM   1489 C CB   . GLU A 1 100 ? 6.011   -3.376  21.490  1.00 75.46  ? 236 GLU A CB   1 
ATOM   1490 C CG   . GLU A 1 100 ? 7.539   -3.369  21.582  1.00 74.96  ? 236 GLU A CG   1 
ATOM   1491 C CD   . GLU A 1 100 ? 8.103   -4.719  22.014  1.00 84.31  ? 236 GLU A CD   1 
ATOM   1492 O OE1  . GLU A 1 100 ? 7.554   -5.308  22.969  1.00 85.50  ? 236 GLU A OE1  1 
ATOM   1493 O OE2  . GLU A 1 100 ? 9.086   -5.194  21.400  1.00 88.03  ? 236 GLU A OE2  1 
ATOM   1494 N N    . GLU A 1 101 ? 3.274   -3.577  19.185  1.00 70.43  ? 237 GLU A N    1 
ATOM   1495 C CA   . GLU A 1 101 ? 1.818   -3.489  19.197  1.00 76.02  ? 237 GLU A CA   1 
ATOM   1496 C C    . GLU A 1 101 ? 1.200   -4.761  18.623  1.00 80.06  ? 237 GLU A C    1 
ATOM   1497 O O    . GLU A 1 101 ? 1.715   -5.866  18.826  1.00 77.00  ? 237 GLU A O    1 
ATOM   1498 C CB   . GLU A 1 101 ? 1.334   -2.253  18.409  1.00 77.49  ? 237 GLU A CB   1 
ATOM   1499 C CG   . GLU A 1 101 ? 2.271   -1.022  18.450  1.00 75.41  ? 237 GLU A CG   1 
ATOM   1500 C CD   . GLU A 1 101 ? 1.843   0.081   19.431  1.00 69.38  ? 237 GLU A CD   1 
ATOM   1501 O OE1  . GLU A 1 101 ? 0.692   0.060   19.917  1.00 75.68  ? 237 GLU A OE1  1 
ATOM   1502 O OE2  . GLU A 1 101 ? 2.674   0.984   19.706  1.00 57.91  ? 237 GLU A OE2  1 
ATOM   1503 N N    . PRO B 2 2   ? 15.602  -6.853  10.224  1.00 100.38 ? 2   PRO C N    1 
ATOM   1504 C CA   . PRO B 2 2   ? 14.862  -6.447  9.024   1.00 93.76  ? 2   PRO C CA   1 
ATOM   1505 C C    . PRO B 2 2   ? 13.871  -7.515  8.561   1.00 98.33  ? 2   PRO C C    1 
ATOM   1506 O O    . PRO B 2 2   ? 14.081  -8.696  8.851   1.00 97.49  ? 2   PRO C O    1 
ATOM   1507 C CB   . PRO B 2 2   ? 15.970  -6.236  7.993   1.00 84.53  ? 2   PRO C CB   1 
ATOM   1508 C CG   . PRO B 2 2   ? 17.139  -5.779  8.814   1.00 88.23  ? 2   PRO C CG   1 
ATOM   1509 C CD   . PRO B 2 2   ? 17.031  -6.507  10.137  1.00 90.67  ? 2   PRO C CD   1 
ATOM   1510 H HA   . PRO B 2 2   ? 14.394  -5.610  9.175   1.00 112.51 ? 2   PRO C HA   1 
ATOM   1511 H HB2  . PRO B 2 2   ? 16.166  -7.073  7.543   1.00 101.44 ? 2   PRO C HB2  1 
ATOM   1512 H HB3  . PRO B 2 2   ? 15.705  -5.553  7.358   1.00 101.44 ? 2   PRO C HB3  1 
ATOM   1513 H HG2  . PRO B 2 2   ? 17.965  -6.015  8.363   1.00 105.88 ? 2   PRO C HG2  1 
ATOM   1514 H HG3  . PRO B 2 2   ? 17.086  -4.820  8.949   1.00 105.88 ? 2   PRO C HG3  1 
ATOM   1515 H HD2  . PRO B 2 2   ? 17.574  -7.311  10.125  1.00 108.80 ? 2   PRO C HD2  1 
ATOM   1516 H HD3  . PRO B 2 2   ? 17.282  -5.919  10.867  1.00 108.80 ? 2   PRO C HD3  1 
ATOM   1517 N N    . GLY B 2 3   ? 12.812  -7.126  7.853   1.00 86.80  ? 3   GLY C N    1 
ATOM   1518 C CA   . GLY B 2 3   ? 12.555  -5.759  7.419   1.00 75.42  ? 3   GLY C CA   1 
ATOM   1519 C C    . GLY B 2 3   ? 11.450  -5.901  6.392   1.00 59.39  ? 3   GLY C C    1 
ATOM   1520 O O    . GLY B 2 3   ? 11.422  -6.915  5.720   1.00 59.16  ? 3   GLY C O    1 
ATOM   1521 H HA2  . GLY B 2 3   ? 12.255  -5.207  8.159   1.00 90.50  ? 3   GLY C HA2  1 
ATOM   1522 H HA3  . GLY B 2 3   ? 13.343  -5.369  7.009   1.00 90.50  ? 3   GLY C HA3  1 
ATOM   1523 N N    . PRO B 2 4   ? 10.540  -4.929  6.280   1.00 52.32  ? 4   PRO C N    1 
ATOM   1524 C CA   . PRO B 2 4   ? 9.386   -5.108  5.384   1.00 48.73  ? 4   PRO C CA   1 
ATOM   1525 C C    . PRO B 2 4   ? 9.804   -5.157  3.926   1.00 51.48  ? 4   PRO C C    1 
ATOM   1526 O O    . PRO B 2 4   ? 10.813  -4.572  3.524   1.00 51.56  ? 4   PRO C O    1 
ATOM   1527 C CB   . PRO B 2 4   ? 8.523   -3.877  5.665   1.00 54.37  ? 4   PRO C CB   1 
ATOM   1528 C CG   . PRO B 2 4   ? 9.507   -2.860  6.094   1.00 52.42  ? 4   PRO C CG   1 
ATOM   1529 C CD   . PRO B 2 4   ? 10.544  -3.589  6.895   1.00 56.81  ? 4   PRO C CD   1 
ATOM   1530 N N    . GLU B 2 5   ? 9.007   -5.868  3.120   1.00 45.26  ? 5   GLU C N    1 
ATOM   1531 C CA   A GLU B 2 5   ? 9.271   -6.015  1.695   0.50 48.30  ? 5   GLU C CA   1 
ATOM   1532 C CA   B GLU B 2 5   ? 9.271   -6.018  1.699   0.50 48.39  ? 5   GLU C CA   1 
ATOM   1533 C C    . GLU B 2 5   ? 8.046   -5.572  0.910   1.00 45.61  ? 5   GLU C C    1 
ATOM   1534 O O    . GLU B 2 5   ? 6.936   -6.059  1.151   1.00 46.16  ? 5   GLU C O    1 
ATOM   1535 C CB   A GLU B 2 5   ? 9.633   -7.464  1.331   0.50 50.45  ? 5   GLU C CB   1 
ATOM   1536 C CB   B GLU B 2 5   ? 9.633   -7.477  1.387   0.50 50.53  ? 5   GLU C CB   1 
ATOM   1537 C CG   A GLU B 2 5   ? 10.144  -7.622  -0.104  0.50 52.36  ? 5   GLU C CG   1 
ATOM   1538 C CG   B GLU B 2 5   ? 10.731  -8.020  2.302   0.50 47.82  ? 5   GLU C CG   1 
ATOM   1539 C CD   A GLU B 2 5   ? 10.335  -9.082  -0.524  0.50 54.40  ? 5   GLU C CD   1 
ATOM   1540 C CD   B GLU B 2 5   ? 10.887  -9.536  2.245   0.50 58.40  ? 5   GLU C CD   1 
ATOM   1541 O OE1  A GLU B 2 5   ? 10.444  -9.958  0.361   0.50 55.74  ? 5   GLU C OE1  1 
ATOM   1542 O OE1  B GLU B 2 5   ? 9.943   -10.228 1.797   0.50 60.98  ? 5   GLU C OE1  1 
ATOM   1543 O OE2  A GLU B 2 5   ? 10.362  -9.357  -1.744  0.50 51.74  ? 5   GLU C OE2  1 
ATOM   1544 O OE2  B GLU B 2 5   ? 11.959  -10.035 2.653   0.50 56.28  ? 5   GLU C OE2  1 
ATOM   1545 H H    . GLU B 2 5   ? 8.299   -6.277  3.386   1.00 54.31  ? 5   GLU C H    1 
ATOM   1546 H HA   . GLU B 2 5   ? 10.017  -5.450  1.448   1.00 58.07  ? 5   GLU C HA   1 
ATOM   1547 N N    . GLY B 2 6   ? 8.250   -4.655  -0.028  1.00 41.16  ? 6   GLY C N    1 
ATOM   1548 C CA   . GLY B 2 6   ? 7.175   -4.170  -0.866  1.00 42.82  ? 6   GLY C CA   1 
ATOM   1549 C C    . GLY B 2 6   ? 7.010   -4.965  -2.142  1.00 48.25  ? 6   GLY C C    1 
ATOM   1550 O O    . GLY B 2 6   ? 7.731   -5.936  -2.392  1.00 49.53  ? 6   GLY C O    1 
ATOM   1551 H H    . GLY B 2 6   ? 9.013   -4.295  -0.197  1.00 49.39  ? 6   GLY C H    1 
ATOM   1552 H HA2  . GLY B 2 6   ? 6.341   -4.209  -0.373  1.00 51.38  ? 6   GLY C HA2  1 
ATOM   1553 H HA3  . GLY B 2 6   ? 7.346   -3.245  -1.103  1.00 51.38  ? 6   GLY C HA3  1 
ATOM   1554 N N    . PRO B 2 7   ? 6.046   -4.569  -2.973  1.00 42.18  ? 7   PRO C N    1 
ATOM   1555 C CA   . PRO B 2 7   ? 5.797   -5.277  -4.230  1.00 43.63  ? 7   PRO C CA   1 
ATOM   1556 C C    . PRO B 2 7   ? 7.037   -5.278  -5.099  1.00 52.54  ? 7   PRO C C    1 
ATOM   1557 O O    . PRO B 2 7   ? 7.779   -4.281  -5.139  1.00 43.55  ? 7   PRO C O    1 
ATOM   1558 C CB   . PRO B 2 7   ? 4.659   -4.473  -4.884  1.00 52.82  ? 7   PRO C CB   1 
ATOM   1559 C CG   . PRO B 2 7   ? 4.021   -3.699  -3.765  1.00 42.13  ? 7   PRO C CG   1 
ATOM   1560 C CD   . PRO B 2 7   ? 5.066   -3.499  -2.716  1.00 44.41  ? 7   PRO C CD   1 
ATOM   1561 H HA   . PRO B 2 7   ? 5.506   -6.187  -4.064  1.00 52.36  ? 7   PRO C HA   1 
ATOM   1562 H HB2  . PRO B 2 7   ? 5.027   -3.872  -5.550  1.00 63.38  ? 7   PRO C HB2  1 
ATOM   1563 H HB3  . PRO B 2 7   ? 4.020   -5.082  -5.287  1.00 63.38  ? 7   PRO C HB3  1 
ATOM   1564 H HG2  . PRO B 2 7   ? 3.714   -2.843  -4.102  1.00 50.56  ? 7   PRO C HG2  1 
ATOM   1565 H HG3  . PRO B 2 7   ? 3.277   -4.208  -3.407  1.00 50.56  ? 7   PRO C HG3  1 
ATOM   1566 H HD2  . PRO B 2 7   ? 5.484   -2.630  -2.819  1.00 53.29  ? 7   PRO C HD2  1 
ATOM   1567 H HD3  . PRO B 2 7   ? 4.679   -3.603  -1.833  1.00 53.29  ? 7   PRO C HD3  1 
ATOM   1568 N N    . PRO B 2 8   ? 7.308   -6.386  -5.792  1.00 59.83  ? 8   PRO C N    1 
ATOM   1569 C CA   . PRO B 2 8   ? 8.484   -6.408  -6.675  1.00 60.52  ? 8   PRO C CA   1 
ATOM   1570 C C    . PRO B 2 8   ? 8.451   -5.309  -7.718  1.00 66.19  ? 8   PRO C C    1 
ATOM   1571 O O    . PRO B 2 8   ? 9.445   -4.597  -7.904  1.00 74.32  ? 8   PRO C O    1 
ATOM   1572 C CB   . PRO B 2 8   ? 8.413   -7.810  -7.298  1.00 66.77  ? 8   PRO C CB   1 
ATOM   1573 C CG   . PRO B 2 8   ? 7.672   -8.633  -6.293  1.00 66.59  ? 8   PRO C CG   1 
ATOM   1574 C CD   . PRO B 2 8   ? 6.645   -7.703  -5.719  1.00 59.38  ? 8   PRO C CD   1 
ATOM   1575 H HA   . PRO B 2 8   ? 9.299   -6.331  -6.152  1.00 72.62  ? 8   PRO C HA   1 
ATOM   1576 H HB2  . PRO B 2 8   ? 7.929   -7.771  -8.137  1.00 80.12  ? 8   PRO C HB2  1 
ATOM   1577 H HB3  . PRO B 2 8   ? 9.309   -8.156  -7.432  1.00 80.12  ? 8   PRO C HB3  1 
ATOM   1578 H HG2  . PRO B 2 8   ? 7.246   -9.384  -6.735  1.00 79.91  ? 8   PRO C HG2  1 
ATOM   1579 H HG3  . PRO B 2 8   ? 8.283   -8.939  -5.606  1.00 79.91  ? 8   PRO C HG3  1 
ATOM   1580 H HD2  . PRO B 2 8   ? 5.841   -7.709  -6.260  1.00 71.26  ? 8   PRO C HD2  1 
ATOM   1581 H HD3  . PRO B 2 8   ? 6.456   -7.937  -4.796  1.00 71.26  ? 8   PRO C HD3  1 
ATOM   1582 N N    . GLY B 2 9   ? 7.322   -5.134  -8.389  1.00 67.09  ? 9   GLY C N    1 
ATOM   1583 C CA   . GLY B 2 9   ? 7.181   -4.080  -9.375  1.00 73.95  ? 9   GLY C CA   1 
ATOM   1584 C C    . GLY B 2 9   ? 5.758   -3.559  -9.391  1.00 69.53  ? 9   GLY C C    1 
ATOM   1585 O O    . GLY B 2 9   ? 5.310   -2.866  -10.315 1.00 61.18  ? 9   GLY C O    1 
ATOM   1586 O OXT  . GLY B 2 9   ? 5.007   -3.850  -8.461  1.00 64.34  ? 9   GLY C OXT  1 
ATOM   1587 H H    . GLY B 2 9   ? 6.618   -5.618  -8.290  1.00 80.51  ? 9   GLY C H    1 
ATOM   1588 H HA2  . GLY B 2 9   ? 7.780   -3.348  -9.164  1.00 88.75  ? 9   GLY C HA2  1 
ATOM   1589 H HA3  . GLY B 2 9   ? 7.399   -4.422  -10.256 1.00 88.75  ? 9   GLY C HA3  1 
HETATM 1590 S S    . SO4 C 3 .   ? -7.991  5.814   6.398   1.00 85.60  ? 301 SO4 A S    1 
HETATM 1591 O O1   . SO4 C 3 .   ? -7.513  4.959   7.478   1.00 78.58  ? 301 SO4 A O1   1 
HETATM 1592 O O2   . SO4 C 3 .   ? -7.659  7.212   6.677   1.00 83.72  ? 301 SO4 A O2   1 
HETATM 1593 O O3   . SO4 C 3 .   ? -7.343  5.434   5.151   1.00 68.28  ? 301 SO4 A O3   1 
HETATM 1594 O O4   . SO4 C 3 .   ? -9.437  5.667   6.273   1.00 89.78  ? 301 SO4 A O4   1 
HETATM 1595 S S    . DMS D 4 .   ? 11.380  0.400   -6.125  1.00 86.44  ? 302 DMS A S    1 
HETATM 1596 O O    . DMS D 4 .   ? 10.349  0.609   -5.063  1.00 64.60  ? 302 DMS A O    1 
HETATM 1597 C C1   . DMS D 4 .   ? 13.030  0.495   -5.371  1.00 71.17  ? 302 DMS A C1   1 
HETATM 1598 C C2   . DMS D 4 .   ? 11.322  -1.347  -6.623  1.00 63.76  ? 302 DMS A C2   1 
HETATM 1599 S S    . DMS E 4 .   ? -3.186  13.466  -7.281  1.00 90.19  ? 303 DMS A S    1 
HETATM 1600 O O    . DMS E 4 .   ? -3.498  14.104  -5.965  1.00 112.98 ? 303 DMS A O    1 
HETATM 1601 C C1   . DMS E 4 .   ? -1.516  12.766  -7.214  1.00 56.90  ? 303 DMS A C1   1 
HETATM 1602 C C2   . DMS E 4 .   ? -4.129  11.938  -7.391  1.00 60.76  ? 303 DMS A C2   1 
HETATM 1603 S S    . DMS F 4 .   ? 0.079   -6.166  -6.910  1.00 69.85  ? 304 DMS A S    1 
HETATM 1604 O O    . DMS F 4 .   ? -0.436  -5.438  -8.116  1.00 68.11  ? 304 DMS A O    1 
HETATM 1605 C C1   . DMS F 4 .   ? 1.870   -6.412  -7.118  1.00 57.34  ? 304 DMS A C1   1 
HETATM 1606 C C2   . DMS F 4 .   ? 0.079   -5.090  -5.436  1.00 48.72  ? 304 DMS A C2   1 
HETATM 1607 O O    . HOH G 5 .   ? -10.591 1.973   -13.673 1.00 64.41  ? 401 HOH A O    1 
HETATM 1608 O O    . HOH G 5 .   ? 1.713   7.221   11.905  1.00 36.91  ? 402 HOH A O    1 
HETATM 1609 O O    . HOH G 5 .   ? -4.570  6.384   10.670  1.00 56.65  ? 403 HOH A O    1 
HETATM 1610 O O    . HOH G 5 .   ? -6.661  -16.888 2.333   1.00 42.28  ? 404 HOH A O    1 
HETATM 1611 O O    . HOH G 5 .   ? -7.172  0.155   9.333   1.00 69.92  ? 405 HOH A O    1 
HETATM 1612 O O    . HOH G 5 .   ? 9.121   11.058  8.197   1.00 48.55  ? 406 HOH A O    1 
HETATM 1613 O O    . HOH G 5 .   ? -8.535  1.234   2.993   1.00 59.02  ? 407 HOH A O    1 
HETATM 1614 O O    . HOH G 5 .   ? 4.013   -14.791 5.941   1.00 52.42  ? 408 HOH A O    1 
HETATM 1615 O O    . HOH G 5 .   ? 2.138   17.451  -2.571  1.00 44.89  ? 409 HOH A O    1 
HETATM 1616 O O    . HOH G 5 .   ? -7.574  7.753   0.548   1.00 50.73  ? 410 HOH A O    1 
HETATM 1617 O O    . HOH G 5 .   ? -3.331  -7.943  -2.754  1.00 47.15  ? 411 HOH A O    1 
HETATM 1618 O O    . HOH G 5 .   ? 9.082   -10.441 9.291   1.00 55.05  ? 412 HOH A O    1 
HETATM 1619 O O    . HOH G 5 .   ? 3.744   -3.908  1.202   1.00 42.80  ? 413 HOH A O    1 
HETATM 1620 O O    . HOH G 5 .   ? -0.504  -0.396  22.289  1.00 66.18  ? 414 HOH A O    1 
HETATM 1621 O O    . HOH G 5 .   ? 11.361  8.490   -2.728  1.00 57.32  ? 415 HOH A O    1 
HETATM 1622 O O    . HOH G 5 .   ? -5.748  -1.680  10.246  1.00 48.69  ? 416 HOH A O    1 
HETATM 1623 O O    . HOH G 5 .   ? -3.503  12.152  -2.659  1.00 40.47  ? 417 HOH A O    1 
HETATM 1624 O O    . HOH G 5 .   ? 2.372   1.951   -14.178 1.00 51.90  ? 418 HOH A O    1 
HETATM 1625 O O    . HOH G 5 .   ? 2.647   -4.250  4.073   1.00 45.62  ? 419 HOH A O    1 
HETATM 1626 O O    . HOH G 5 .   ? -12.269 -2.822  -7.624  1.00 65.30  ? 420 HOH A O    1 
HETATM 1627 O O    . HOH G 5 .   ? 0.183   -18.257 0.397   1.00 56.57  ? 421 HOH A O    1 
HETATM 1628 O O    . HOH G 5 .   ? -7.170  -10.463 -1.904  1.00 48.14  ? 422 HOH A O    1 
HETATM 1629 O O    . HOH G 5 .   ? -3.695  0.466   -14.071 1.00 58.66  ? 423 HOH A O    1 
HETATM 1630 O O    . HOH G 5 .   ? -11.247 -4.024  -3.738  1.00 54.47  ? 424 HOH A O    1 
HETATM 1631 O O    . HOH G 5 .   ? -2.944  -14.567 7.594   1.00 53.44  ? 425 HOH A O    1 
HETATM 1632 O O    . HOH G 5 .   ? 7.872   4.486   -14.166 1.00 56.71  ? 426 HOH A O    1 
HETATM 1633 O O    . HOH G 5 .   ? 0.063   -14.482 4.908   1.00 60.47  ? 427 HOH A O    1 
HETATM 1634 O O    . HOH G 5 .   ? -2.649  -7.710  13.892  1.00 63.17  ? 428 HOH A O    1 
HETATM 1635 O O    . HOH G 5 .   ? -0.830  -7.446  -3.720  1.00 48.49  ? 429 HOH A O    1 
HETATM 1636 O O    . HOH G 5 .   ? 11.726  3.800   7.408   1.00 57.85  ? 430 HOH A O    1 
HETATM 1637 O O    . HOH G 5 .   ? -6.359  11.856  -2.380  1.00 52.43  ? 431 HOH A O    1 
HETATM 1638 O O    . HOH G 5 .   ? 11.966  8.414   6.213   1.00 55.79  ? 432 HOH A O    1 
HETATM 1639 O O    . HOH G 5 .   ? -0.771  2.602   19.095  1.00 44.86  ? 433 HOH A O    1 
HETATM 1640 O O    . HOH G 5 .   ? -9.118  -6.240  -2.165  1.00 42.76  ? 434 HOH A O    1 
HETATM 1641 O O    . HOH G 5 .   ? 8.023   -9.873  4.257   1.00 50.68  ? 435 HOH A O    1 
HETATM 1642 O O    . HOH G 5 .   ? -1.376  1.393   14.208  1.00 50.52  ? 436 HOH A O    1 
HETATM 1643 O O    . HOH G 5 .   ? 10.380  11.303  4.553   1.00 49.41  ? 437 HOH A O    1 
HETATM 1644 O O    . HOH G 5 .   ? 10.604  -2.944  -2.826  1.00 58.98  ? 438 HOH A O    1 
HETATM 1645 O O    . HOH G 5 .   ? 1.952   -15.388 -0.958  1.00 54.62  ? 439 HOH A O    1 
HETATM 1646 O O    . HOH G 5 .   ? 10.102  10.145  -1.924  1.00 47.68  ? 440 HOH A O    1 
HETATM 1647 O O    . HOH G 5 .   ? -4.419  -1.055  13.303  1.00 55.36  ? 441 HOH A O    1 
HETATM 1648 O O    . HOH G 5 .   ? 1.564   -14.968 6.888   1.00 62.74  ? 442 HOH A O    1 
HETATM 1649 O O    . HOH G 5 .   ? 7.755   -12.992 4.523   1.00 62.40  ? 443 HOH A O    1 
HETATM 1650 O O    . HOH G 5 .   ? 0.838   13.150  1.668   0.5  59.47  ? 444 HOH A O    1 
HETATM 1651 O O    . HOH G 5 .   ? -5.366  11.930  1.247   1.00 70.58  ? 445 HOH A O    1 
HETATM 1652 O O    . HOH G 5 .   ? -3.232  12.275  -0.036  1.00 58.59  ? 446 HOH A O    1 
HETATM 1653 O O    . HOH H 5 .   ? 8.946   -8.003  -3.432  1.00 58.88  ? 101 HOH C O    1 
HETATM 1654 O O    . HOH H 5 .   ? 9.710   -8.953  5.411   1.00 60.41  ? 102 HOH C O    1 
HETATM 1655 O O    . HOH H 5 .   ? 11.069  -4.004  -1.215  1.00 51.42  ? 103 HOH C O    1 
# 
